data_3HDD
# 
_entry.id   3HDD 
# 
_audit_conform.dict_name       mmcif_pdbx.dic 
_audit_conform.dict_version    5.375 
_audit_conform.dict_location   http://mmcif.pdb.org/dictionaries/ascii/mmcif_pdbx.dic 
# 
loop_
_database_2.database_id 
_database_2.database_code 
_database_2.pdbx_database_accession 
_database_2.pdbx_DOI 
PDB   3HDD         pdb_00003hdd 10.2210/pdb3hdd/pdb 
RCSB  PD0016       ?            ?                   
WWPDB D_1000178998 ?            ?                   
# 
_pdbx_database_status.status_code                     REL 
_pdbx_database_status.entry_id                        3HDD 
_pdbx_database_status.recvd_initial_deposition_date   1998-07-13 
_pdbx_database_status.deposit_site                    BNL 
_pdbx_database_status.process_site                    NDB 
_pdbx_database_status.SG_entry                        . 
_pdbx_database_status.pdb_format_compatible           Y 
_pdbx_database_status.status_code_mr                  ? 
_pdbx_database_status.status_code_sf                  ? 
_pdbx_database_status.status_code_cs                  ? 
_pdbx_database_status.status_code_nmr_data            ? 
_pdbx_database_status.methods_development_category    ? 
# 
loop_
_audit_author.name 
_audit_author.pdbx_ordinal 
'Fraenkel, E.'   1 
'Rould, M.A.'    2 
'Chambers, K.A.' 3 
'Pabo, C.O.'     4 
# 
_citation.id                        primary 
_citation.title                     
;Engrailed homeodomain-DNA complex at 2.2 A resolution: a detailed view of the interface and comparison with other engrailed structures.
;
_citation.journal_abbrev            J.Mol.Biol. 
_citation.journal_volume            284 
_citation.page_first                351 
_citation.page_last                 361 
_citation.year                      1998 
_citation.journal_id_ASTM           JMOBAK 
_citation.country                   UK 
_citation.journal_id_ISSN           0022-2836 
_citation.journal_id_CSD            0070 
_citation.book_publisher            ? 
_citation.pdbx_database_id_PubMed   9813123 
_citation.pdbx_database_id_DOI      10.1006/jmbi.1998.2147 
# 
loop_
_citation_author.citation_id 
_citation_author.name 
_citation_author.ordinal 
_citation_author.identifier_ORCID 
primary 'Fraenkel, E.'   1 ? 
primary 'Rould, M.A.'    2 ? 
primary 'Chambers, K.A.' 3 ? 
primary 'Pabo, C.O.'     4 ? 
# 
_cell.entry_id           3HDD 
_cell.length_a           130.620 
_cell.length_b           45.520 
_cell.length_c           72.930 
_cell.angle_alpha        90.00 
_cell.angle_beta         118.32 
_cell.angle_gamma        90.00 
_cell.Z_PDB              8 
_cell.pdbx_unique_axis   ? 
# 
_symmetry.entry_id                         3HDD 
_symmetry.space_group_name_H-M             'C 1 2 1' 
_symmetry.pdbx_full_space_group_name_H-M   ? 
_symmetry.cell_setting                     ? 
_symmetry.Int_Tables_number                5 
# 
loop_
_entity.id 
_entity.type 
_entity.src_method 
_entity.pdbx_description 
_entity.formula_weight 
_entity.pdbx_number_of_molecules 
_entity.pdbx_ec 
_entity.pdbx_mutation 
_entity.pdbx_fragment 
_entity.details 
1 polymer syn "5'-D(*TP*TP*TP*TP*GP*CP*CP*AP*TP*GP*TP*AP*AP*TP*TP*AP*CP*CP*TP*AP*A)-3'" 6387.157 1  ? ? HOMEODOMAIN ? 
2 polymer syn "5'-D(*AP*TP*TP*AP*GP*GP*TP*AP*AP*TP*TP*AP*CP*AP*TP*GP*GP*CP*AP*AP*A)-3'" 6494.248 1  ? ? HOMEODOMAIN ? 
3 polymer man 'ENGRAILED HOMEODOMAIN'                                                   7324.371 2  ? ? ?           ? 
4 water   nat water                                                                     18.015   53 ? ? ?           ? 
# 
loop_
_entity_poly.entity_id 
_entity_poly.type 
_entity_poly.nstd_linkage 
_entity_poly.nstd_monomer 
_entity_poly.pdbx_seq_one_letter_code 
_entity_poly.pdbx_seq_one_letter_code_can 
_entity_poly.pdbx_strand_id 
_entity_poly.pdbx_target_identifier 
1 polydeoxyribonucleotide no no 
;(DT)(DT)(DT)(DT)(DG)(DC)(DC)(DA)(DT)(DG)(DT)(DA)(DA)(DT)(DT)(DA)(DC)(DC)(DT)(DA)
(DA)
;
TTTTGCCATGTAATTACCTAA                                        C   ? 
2 polydeoxyribonucleotide no no 
;(DA)(DT)(DT)(DA)(DG)(DG)(DT)(DA)(DA)(DT)(DT)(DA)(DC)(DA)(DT)(DG)(DG)(DC)(DA)(DA)
(DA)
;
ATTAGGTAATTACATGGCAAA                                        D   ? 
3 'polypeptide(L)'        no no EKRPRTAFSSEQLARLKREFNENRYLTERRRQQLSSELGLNEAQIKIWFQNKRAKIKKST                            
EKRPRTAFSSEQLARLKREFNENRYLTERRRQQLSSELGLNEAQIKIWFQNKRAKIKKST A,B ? 
# 
loop_
_entity_poly_seq.entity_id 
_entity_poly_seq.num 
_entity_poly_seq.mon_id 
_entity_poly_seq.hetero 
1 1  DT  n 
1 2  DT  n 
1 3  DT  n 
1 4  DT  n 
1 5  DG  n 
1 6  DC  n 
1 7  DC  n 
1 8  DA  n 
1 9  DT  n 
1 10 DG  n 
1 11 DT  n 
1 12 DA  n 
1 13 DA  n 
1 14 DT  n 
1 15 DT  n 
1 16 DA  n 
1 17 DC  n 
1 18 DC  n 
1 19 DT  n 
1 20 DA  n 
1 21 DA  n 
2 1  DA  n 
2 2  DT  n 
2 3  DT  n 
2 4  DA  n 
2 5  DG  n 
2 6  DG  n 
2 7  DT  n 
2 8  DA  n 
2 9  DA  n 
2 10 DT  n 
2 11 DT  n 
2 12 DA  n 
2 13 DC  n 
2 14 DA  n 
2 15 DT  n 
2 16 DG  n 
2 17 DG  n 
2 18 DC  n 
2 19 DA  n 
2 20 DA  n 
2 21 DA  n 
3 1  GLU n 
3 2  LYS n 
3 3  ARG n 
3 4  PRO n 
3 5  ARG n 
3 6  THR n 
3 7  ALA n 
3 8  PHE n 
3 9  SER n 
3 10 SER n 
3 11 GLU n 
3 12 GLN n 
3 13 LEU n 
3 14 ALA n 
3 15 ARG n 
3 16 LEU n 
3 17 LYS n 
3 18 ARG n 
3 19 GLU n 
3 20 PHE n 
3 21 ASN n 
3 22 GLU n 
3 23 ASN n 
3 24 ARG n 
3 25 TYR n 
3 26 LEU n 
3 27 THR n 
3 28 GLU n 
3 29 ARG n 
3 30 ARG n 
3 31 ARG n 
3 32 GLN n 
3 33 GLN n 
3 34 LEU n 
3 35 SER n 
3 36 SER n 
3 37 GLU n 
3 38 LEU n 
3 39 GLY n 
3 40 LEU n 
3 41 ASN n 
3 42 GLU n 
3 43 ALA n 
3 44 GLN n 
3 45 ILE n 
3 46 LYS n 
3 47 ILE n 
3 48 TRP n 
3 49 PHE n 
3 50 GLN n 
3 51 ASN n 
3 52 LYS n 
3 53 ARG n 
3 54 ALA n 
3 55 LYS n 
3 56 ILE n 
3 57 LYS n 
3 58 LYS n 
3 59 SER n 
3 60 THR n 
# 
_entity_src_gen.entity_id                          3 
_entity_src_gen.pdbx_src_id                        1 
_entity_src_gen.pdbx_alt_source_flag               sample 
_entity_src_gen.pdbx_seq_type                      ? 
_entity_src_gen.pdbx_beg_seq_num                   ? 
_entity_src_gen.pdbx_end_seq_num                   ? 
_entity_src_gen.gene_src_common_name               'fruit fly' 
_entity_src_gen.gene_src_genus                     Drosophila 
_entity_src_gen.pdbx_gene_src_gene                 ? 
_entity_src_gen.gene_src_species                   ? 
_entity_src_gen.gene_src_strain                    ? 
_entity_src_gen.gene_src_tissue                    ? 
_entity_src_gen.gene_src_tissue_fraction           ? 
_entity_src_gen.gene_src_details                   ? 
_entity_src_gen.pdbx_gene_src_fragment             ? 
_entity_src_gen.pdbx_gene_src_scientific_name      'Drosophila melanogaster' 
_entity_src_gen.pdbx_gene_src_ncbi_taxonomy_id     7227 
_entity_src_gen.pdbx_gene_src_variant              ? 
_entity_src_gen.pdbx_gene_src_cell_line            ? 
_entity_src_gen.pdbx_gene_src_atcc                 ? 
_entity_src_gen.pdbx_gene_src_organ                ? 
_entity_src_gen.pdbx_gene_src_organelle            ? 
_entity_src_gen.pdbx_gene_src_cell                 ? 
_entity_src_gen.pdbx_gene_src_cellular_location    ? 
_entity_src_gen.host_org_common_name               ? 
_entity_src_gen.pdbx_host_org_scientific_name      'Escherichia coli' 
_entity_src_gen.pdbx_host_org_ncbi_taxonomy_id     562 
_entity_src_gen.host_org_genus                     Escherichia 
_entity_src_gen.pdbx_host_org_gene                 ? 
_entity_src_gen.pdbx_host_org_organ                ? 
_entity_src_gen.host_org_species                   ? 
_entity_src_gen.pdbx_host_org_tissue               ? 
_entity_src_gen.pdbx_host_org_tissue_fraction      ? 
_entity_src_gen.pdbx_host_org_strain               ? 
_entity_src_gen.pdbx_host_org_variant              ? 
_entity_src_gen.pdbx_host_org_cell_line            ? 
_entity_src_gen.pdbx_host_org_atcc                 ? 
_entity_src_gen.pdbx_host_org_culture_collection   ? 
_entity_src_gen.pdbx_host_org_cell                 ? 
_entity_src_gen.pdbx_host_org_organelle            ? 
_entity_src_gen.pdbx_host_org_cellular_location    ? 
_entity_src_gen.pdbx_host_org_vector_type          ? 
_entity_src_gen.pdbx_host_org_vector               ? 
_entity_src_gen.host_org_details                   ? 
_entity_src_gen.expression_system_id               ? 
_entity_src_gen.plasmid_name                       ? 
_entity_src_gen.plasmid_details                    ? 
_entity_src_gen.pdbx_description                   ? 
# 
loop_
_pdbx_entity_src_syn.entity_id 
_pdbx_entity_src_syn.pdbx_src_id 
_pdbx_entity_src_syn.pdbx_alt_source_flag 
_pdbx_entity_src_syn.pdbx_beg_seq_num 
_pdbx_entity_src_syn.pdbx_end_seq_num 
_pdbx_entity_src_syn.organism_scientific 
_pdbx_entity_src_syn.organism_common_name 
_pdbx_entity_src_syn.ncbi_taxonomy_id 
_pdbx_entity_src_syn.details 
1 1 sample ? ? ? ? ? 'HOMEODOMAIN SEQUENCE FROM DROSOPHILA MELANOGASTER (FRUIT FLY)' 
2 1 sample ? ? ? ? ? 'HOMEODOMAIN SEQUENCE FROM DROSOPHILA MELANOGASTER (FRUIT FLY)' 
# 
loop_
_struct_ref.id 
_struct_ref.db_name 
_struct_ref.db_code 
_struct_ref.entity_id 
_struct_ref.pdbx_seq_one_letter_code 
_struct_ref.pdbx_align_begin 
_struct_ref.pdbx_db_accession 
_struct_ref.pdbx_db_isoform 
1 UNP HMEN_DROME 3 ? ? P02836 ? 
2 PDB 3HDD       1 ? ? 3HDD   ? 
3 PDB 3HDD       2 ? ? 3HDD   ? 
# 
loop_
_struct_ref_seq.align_id 
_struct_ref_seq.ref_id 
_struct_ref_seq.pdbx_PDB_id_code 
_struct_ref_seq.pdbx_strand_id 
_struct_ref_seq.seq_align_beg 
_struct_ref_seq.pdbx_seq_align_beg_ins_code 
_struct_ref_seq.seq_align_end 
_struct_ref_seq.pdbx_seq_align_end_ins_code 
_struct_ref_seq.pdbx_db_accession 
_struct_ref_seq.db_align_beg 
_struct_ref_seq.pdbx_db_align_beg_ins_code 
_struct_ref_seq.db_align_end 
_struct_ref_seq.pdbx_db_align_end_ins_code 
_struct_ref_seq.pdbx_auth_seq_align_beg 
_struct_ref_seq.pdbx_auth_seq_align_end 
1 1 3HDD A 1 ? 60 ? P02836 454 ? 513 ? 1   60  
2 1 3HDD B 1 ? 60 ? P02836 454 ? 513 ? 1   60  
3 2 3HDD C 1 ? 21 ? 3HDD   201 ? 221 ? 201 221 
4 3 3HDD D 1 ? 21 ? 3HDD   322 ? 342 ? 322 342 
# 
loop_
_chem_comp.id 
_chem_comp.type 
_chem_comp.mon_nstd_flag 
_chem_comp.name 
_chem_comp.pdbx_synonyms 
_chem_comp.formula 
_chem_comp.formula_weight 
ALA 'L-peptide linking' y ALANINE                              ? 'C3 H7 N O2'      89.093  
ARG 'L-peptide linking' y ARGININE                             ? 'C6 H15 N4 O2 1'  175.209 
ASN 'L-peptide linking' y ASPARAGINE                           ? 'C4 H8 N2 O3'     132.118 
DA  'DNA linking'       y "2'-DEOXYADENOSINE-5'-MONOPHOSPHATE" ? 'C10 H14 N5 O6 P' 331.222 
DC  'DNA linking'       y "2'-DEOXYCYTIDINE-5'-MONOPHOSPHATE"  ? 'C9 H14 N3 O7 P'  307.197 
DG  'DNA linking'       y "2'-DEOXYGUANOSINE-5'-MONOPHOSPHATE" ? 'C10 H14 N5 O7 P' 347.221 
DT  'DNA linking'       y "THYMIDINE-5'-MONOPHOSPHATE"         ? 'C10 H15 N2 O8 P' 322.208 
GLN 'L-peptide linking' y GLUTAMINE                            ? 'C5 H10 N2 O3'    146.144 
GLU 'L-peptide linking' y 'GLUTAMIC ACID'                      ? 'C5 H9 N O4'      147.129 
GLY 'peptide linking'   y GLYCINE                              ? 'C2 H5 N O2'      75.067  
HOH non-polymer         . WATER                                ? 'H2 O'            18.015  
ILE 'L-peptide linking' y ISOLEUCINE                           ? 'C6 H13 N O2'     131.173 
LEU 'L-peptide linking' y LEUCINE                              ? 'C6 H13 N O2'     131.173 
LYS 'L-peptide linking' y LYSINE                               ? 'C6 H15 N2 O2 1'  147.195 
PHE 'L-peptide linking' y PHENYLALANINE                        ? 'C9 H11 N O2'     165.189 
PRO 'L-peptide linking' y PROLINE                              ? 'C5 H9 N O2'      115.130 
SER 'L-peptide linking' y SERINE                               ? 'C3 H7 N O3'      105.093 
THR 'L-peptide linking' y THREONINE                            ? 'C4 H9 N O3'      119.119 
TRP 'L-peptide linking' y TRYPTOPHAN                           ? 'C11 H12 N2 O2'   204.225 
TYR 'L-peptide linking' y TYROSINE                             ? 'C9 H11 N O3'     181.189 
# 
_exptl.entry_id          3HDD 
_exptl.method            'X-RAY DIFFRACTION' 
_exptl.crystals_number   1 
# 
_exptl_crystal.id                    1 
_exptl_crystal.density_meas          ? 
_exptl_crystal.density_Matthews      3.41 
_exptl_crystal.density_percent_sol   48. 
_exptl_crystal.description           ? 
# 
_exptl_crystal_grow.crystal_id      1 
_exptl_crystal_grow.method          'VAPOR DIFFUSION, HANGING DROP' 
_exptl_crystal_grow.temp            ? 
_exptl_crystal_grow.temp_details    ? 
_exptl_crystal_grow.pH              7.0 
_exptl_crystal_grow.pdbx_details    
'COMPLEX WAS CRYSTALLIZED BY HANGING DROP VAPOR DIFFUSION OVER 0.26M AMOAC AND 1% PEG400., pH 7.0, vapor diffusion - hanging drop' 
_exptl_crystal_grow.pdbx_pH_range   ? 
# 
loop_
_exptl_crystal_grow_comp.crystal_id 
_exptl_crystal_grow_comp.id 
_exptl_crystal_grow_comp.sol_id 
_exptl_crystal_grow_comp.name 
_exptl_crystal_grow_comp.volume 
_exptl_crystal_grow_comp.conc 
_exptl_crystal_grow_comp.details 
1 1 1 AMOAC     ? ? ? 
1 2 1 'PEG 400' ? ? ? 
1 3 2 'PEG 400' ? ? ? 
# 
_diffrn.id                     1 
_diffrn.ambient_temp           123 
_diffrn.ambient_temp_details   ? 
_diffrn.crystal_id             1 
# 
_diffrn_detector.diffrn_id              1 
_diffrn_detector.detector               'IMAGE PLATE' 
_diffrn_detector.type                   'RIGAKU RAXIS IIC' 
_diffrn_detector.pdbx_collection_date   1995-07-15 
_diffrn_detector.details                MIRRORS 
# 
_diffrn_radiation.diffrn_id                        1 
_diffrn_radiation.wavelength_id                    1 
_diffrn_radiation.pdbx_monochromatic_or_laue_m_l   M 
_diffrn_radiation.monochromator                    'NI MIRROR AND NI FILTER' 
_diffrn_radiation.pdbx_diffrn_protocol             'SINGLE WAVELENGTH' 
_diffrn_radiation.pdbx_scattering_type             x-ray 
# 
_diffrn_radiation_wavelength.id           1 
_diffrn_radiation_wavelength.wavelength   1.5418 
_diffrn_radiation_wavelength.wt           1.0 
# 
_diffrn_source.diffrn_id                   1 
_diffrn_source.source                      'ROTATING ANODE' 
_diffrn_source.type                        'RIGAKU RU200' 
_diffrn_source.pdbx_synchrotron_site       ? 
_diffrn_source.pdbx_synchrotron_beamline   ? 
_diffrn_source.pdbx_wavelength             1.5418 
_diffrn_source.pdbx_wavelength_list        ? 
# 
_reflns.entry_id                     3HDD 
_reflns.observed_criterion_sigma_I   ? 
_reflns.observed_criterion_sigma_F   ? 
_reflns.d_resolution_low             20.0 
_reflns.d_resolution_high            2.2 
_reflns.number_obs                   18176 
_reflns.number_all                   ? 
_reflns.percent_possible_obs         94. 
_reflns.pdbx_Rmerge_I_obs            0.0420000 
_reflns.pdbx_Rsym_value              ? 
_reflns.pdbx_netI_over_sigmaI        25. 
_reflns.B_iso_Wilson_estimate        39.1 
_reflns.pdbx_redundancy              2.6 
_reflns.pdbx_diffrn_id               1 
_reflns.pdbx_ordinal                 1 
# 
_reflns_shell.d_res_high             2.2 
_reflns_shell.d_res_low              2.3 
_reflns_shell.percent_possible_all   70 
_reflns_shell.Rmerge_I_obs           0.2000000 
_reflns_shell.pdbx_Rsym_value        ? 
_reflns_shell.meanI_over_sigI_obs    4. 
_reflns_shell.pdbx_redundancy        ? 
_reflns_shell.pdbx_diffrn_id         ? 
_reflns_shell.pdbx_ordinal           1 
# 
_refine.entry_id                                 3HDD 
_refine.ls_number_reflns_obs                     17663 
_refine.ls_number_reflns_all                     17663 
_refine.pdbx_ls_sigma_I                          ? 
_refine.pdbx_ls_sigma_F                          0.0 
_refine.pdbx_data_cutoff_high_absF               10000000.00 
_refine.pdbx_data_cutoff_low_absF                0.00000 
_refine.pdbx_data_cutoff_high_rms_absF           ? 
_refine.ls_d_res_low                             20.00 
_refine.ls_d_res_high                            2.20 
_refine.ls_percent_reflns_obs                    93.7 
_refine.ls_R_factor_obs                          0.2040000 
_refine.ls_R_factor_all                          ? 
_refine.ls_R_factor_R_work                       0.2040000 
_refine.ls_R_factor_R_free                       0.2320000 
_refine.ls_R_factor_R_free_error                 0.006 
_refine.ls_R_factor_R_free_error_details         ? 
_refine.ls_percent_reflns_R_free                 10.0 
_refine.ls_number_reflns_R_free                  1760 
_refine.ls_number_parameters                     ? 
_refine.ls_number_restraints                     ? 
_refine.occupancy_min                            ? 
_refine.occupancy_max                            ? 
_refine.B_iso_mean                               56.5 
_refine.aniso_B[1][1]                            -0.48 
_refine.aniso_B[2][2]                            0.11 
_refine.aniso_B[3][3]                            0.37 
_refine.aniso_B[1][2]                            0.00 
_refine.aniso_B[1][3]                            -0.66 
_refine.aniso_B[2][3]                            0.00 
_refine.solvent_model_details                    ? 
_refine.solvent_model_param_ksol                 ? 
_refine.solvent_model_param_bsol                 ? 
_refine.pdbx_ls_cross_valid_method               THROUGHOUT 
_refine.details                                  'BULK SOLVENT MODEL USED' 
_refine.pdbx_starting_model                      'PDB ENTRY 1HDD' 
_refine.pdbx_method_to_determine_struct          ? 
_refine.pdbx_isotropic_thermal_model             RESTRAINED 
_refine.pdbx_stereochemistry_target_values       ? 
_refine.pdbx_stereochem_target_val_spec_case     ? 
_refine.pdbx_R_Free_selection_details            RANDOM 
_refine.pdbx_overall_ESU_R                       ? 
_refine.pdbx_overall_ESU_R_Free                  ? 
_refine.overall_SU_ML                            ? 
_refine.overall_SU_B                             ? 
_refine.pdbx_refine_id                           'X-RAY DIFFRACTION' 
_refine.pdbx_diffrn_id                           1 
_refine.pdbx_TLS_residual_ADP_flag               ? 
_refine.correlation_coeff_Fo_to_Fc               ? 
_refine.correlation_coeff_Fo_to_Fc_free          ? 
_refine.pdbx_solvent_vdw_probe_radii             ? 
_refine.pdbx_solvent_ion_probe_radii             ? 
_refine.pdbx_solvent_shrinkage_radii             ? 
_refine.pdbx_overall_phase_error                 ? 
_refine.overall_SU_R_Cruickshank_DPI             ? 
_refine.pdbx_overall_SU_R_free_Cruickshank_DPI   ? 
_refine.pdbx_overall_SU_R_Blow_DPI               ? 
_refine.pdbx_overall_SU_R_free_Blow_DPI          ? 
# 
_refine_analyze.entry_id                        3HDD 
_refine_analyze.Luzzati_coordinate_error_obs    0.31 
_refine_analyze.Luzzati_sigma_a_obs             0.42 
_refine_analyze.Luzzati_d_res_low_obs           5.00 
_refine_analyze.Luzzati_coordinate_error_free   0.33 
_refine_analyze.Luzzati_sigma_a_free            0.37 
_refine_analyze.Luzzati_d_res_low_free          ? 
_refine_analyze.number_disordered_residues      ? 
_refine_analyze.occupancy_sum_hydrogen          ? 
_refine_analyze.occupancy_sum_non_hydrogen      ? 
_refine_analyze.pdbx_refine_id                  'X-RAY DIFFRACTION' 
# 
_refine_hist.pdbx_refine_id                   'X-RAY DIFFRACTION' 
_refine_hist.cycle_id                         LAST 
_refine_hist.pdbx_number_atoms_protein        956 
_refine_hist.pdbx_number_atoms_nucleic_acid   855 
_refine_hist.pdbx_number_atoms_ligand         0 
_refine_hist.number_atoms_solvent             53 
_refine_hist.number_atoms_total               1864 
_refine_hist.d_res_high                       2.20 
_refine_hist.d_res_low                        20.00 
# 
loop_
_refine_ls_restr.type 
_refine_ls_restr.dev_ideal 
_refine_ls_restr.dev_ideal_target 
_refine_ls_restr.weight 
_refine_ls_restr.number 
_refine_ls_restr.pdbx_refine_id 
_refine_ls_restr.pdbx_restraint_function 
x_bond_d                0.008 ?    ? ? 'X-RAY DIFFRACTION' ? 
x_bond_d_na             ?     ?    ? ? 'X-RAY DIFFRACTION' ? 
x_bond_d_prot           ?     ?    ? ? 'X-RAY DIFFRACTION' ? 
x_angle_d               ?     ?    ? ? 'X-RAY DIFFRACTION' ? 
x_angle_d_na            ?     ?    ? ? 'X-RAY DIFFRACTION' ? 
x_angle_d_prot          ?     ?    ? ? 'X-RAY DIFFRACTION' ? 
x_angle_deg             1.2   ?    ? ? 'X-RAY DIFFRACTION' ? 
x_angle_deg_na          ?     ?    ? ? 'X-RAY DIFFRACTION' ? 
x_angle_deg_prot        ?     ?    ? ? 'X-RAY DIFFRACTION' ? 
x_dihedral_angle_d      19.2  ?    ? ? 'X-RAY DIFFRACTION' ? 
x_dihedral_angle_d_na   ?     ?    ? ? 'X-RAY DIFFRACTION' ? 
x_dihedral_angle_d_prot ?     ?    ? ? 'X-RAY DIFFRACTION' ? 
x_improper_angle_d      1.21  ?    ? ? 'X-RAY DIFFRACTION' ? 
x_improper_angle_d_na   ?     ?    ? ? 'X-RAY DIFFRACTION' ? 
x_improper_angle_d_prot ?     ?    ? ? 'X-RAY DIFFRACTION' ? 
x_mcbond_it             2.11  1.50 ? ? 'X-RAY DIFFRACTION' ? 
x_mcangle_it            3.52  2.00 ? ? 'X-RAY DIFFRACTION' ? 
x_scbond_it             3.89  2.00 ? ? 'X-RAY DIFFRACTION' ? 
x_scangle_it            6.47  2.50 ? ? 'X-RAY DIFFRACTION' ? 
# 
_refine_ls_shell.pdbx_total_number_of_bins_used   6 
_refine_ls_shell.d_res_high                       2.20 
_refine_ls_shell.d_res_low                        2.34 
_refine_ls_shell.number_reflns_R_work             2002 
_refine_ls_shell.R_factor_R_work                  0.3500000 
_refine_ls_shell.percent_reflns_obs               75.6 
_refine_ls_shell.R_factor_R_free                  0.3260000 
_refine_ls_shell.R_factor_R_free_error            0.023 
_refine_ls_shell.percent_reflns_R_free            9.0 
_refine_ls_shell.number_reflns_R_free             198 
_refine_ls_shell.pdbx_refine_id                   'X-RAY DIFFRACTION' 
_refine_ls_shell.number_reflns_all                ? 
_refine_ls_shell.R_factor_all                     ? 
# 
loop_
_pdbx_xplor_file.serial_no 
_pdbx_xplor_file.param_file 
_pdbx_xplor_file.topol_file 
_pdbx_xplor_file.pdbx_refine_id 
1 PARNDBX.DNA  TOPNDBX.DNA  'X-RAY DIFFRACTION' 
2 PARHCSDX.PRO TOPHCSDX.PRO 'X-RAY DIFFRACTION' 
# 
_struct.entry_id                  3HDD 
_struct.title                     'ENGRAILED HOMEODOMAIN DNA COMPLEX' 
_struct.pdbx_model_details        ? 
_struct.pdbx_CASP_flag            ? 
_struct.pdbx_model_type_details   ? 
# 
_struct_keywords.entry_id        3HDD 
_struct_keywords.pdbx_keywords   TRANSCRIPTION/DNA 
_struct_keywords.text            'DNA BINDING, COMPLEX (DNA BINDING PROTEIN-DNA), TRANSCRIPTION-DNA COMPLEX' 
# 
loop_
_struct_asym.id 
_struct_asym.pdbx_blank_PDB_chainid_flag 
_struct_asym.pdbx_modified 
_struct_asym.entity_id 
_struct_asym.details 
A N N 1 ? 
B N N 2 ? 
C N N 3 ? 
D N N 3 ? 
E N N 4 ? 
F N N 4 ? 
G N N 4 ? 
H N N 4 ? 
# 
_struct_biol.id   1 
# 
loop_
_struct_conf.conf_type_id 
_struct_conf.id 
_struct_conf.pdbx_PDB_helix_id 
_struct_conf.beg_label_comp_id 
_struct_conf.beg_label_asym_id 
_struct_conf.beg_label_seq_id 
_struct_conf.pdbx_beg_PDB_ins_code 
_struct_conf.end_label_comp_id 
_struct_conf.end_label_asym_id 
_struct_conf.end_label_seq_id 
_struct_conf.pdbx_end_PDB_ins_code 
_struct_conf.beg_auth_comp_id 
_struct_conf.beg_auth_asym_id 
_struct_conf.beg_auth_seq_id 
_struct_conf.end_auth_comp_id 
_struct_conf.end_auth_asym_id 
_struct_conf.end_auth_seq_id 
_struct_conf.pdbx_PDB_helix_class 
_struct_conf.details 
_struct_conf.pdbx_PDB_helix_length 
HELX_P HELX_P1 1 SER C 10 ? GLU C 22 ? SER A 10 GLU A 22 1 'SEE REMARK 650' 13 
HELX_P HELX_P2 2 GLU C 28 ? LEU C 38 ? GLU A 28 LEU A 38 1 ?                11 
HELX_P HELX_P3 3 GLU C 42 ? LYS C 57 ? GLU A 42 LYS A 57 1 ?                16 
HELX_P HELX_P4 4 SER D 10 ? GLU D 22 ? SER B 10 GLU B 22 1 'SEE REMARK 650' 13 
HELX_P HELX_P5 5 GLU D 28 ? LEU D 38 ? GLU B 28 LEU B 38 1 ?                11 
HELX_P HELX_P6 6 GLU D 42 ? LYS D 57 ? GLU B 42 LYS B 57 1 ?                16 
# 
_struct_conf_type.id          HELX_P 
_struct_conf_type.criteria    ? 
_struct_conf_type.reference   ? 
# 
loop_
_struct_conn.id 
_struct_conn.conn_type_id 
_struct_conn.pdbx_leaving_atom_flag 
_struct_conn.pdbx_PDB_id 
_struct_conn.ptnr1_label_asym_id 
_struct_conn.ptnr1_label_comp_id 
_struct_conn.ptnr1_label_seq_id 
_struct_conn.ptnr1_label_atom_id 
_struct_conn.pdbx_ptnr1_label_alt_id 
_struct_conn.pdbx_ptnr1_PDB_ins_code 
_struct_conn.pdbx_ptnr1_standard_comp_id 
_struct_conn.ptnr1_symmetry 
_struct_conn.ptnr2_label_asym_id 
_struct_conn.ptnr2_label_comp_id 
_struct_conn.ptnr2_label_seq_id 
_struct_conn.ptnr2_label_atom_id 
_struct_conn.pdbx_ptnr2_label_alt_id 
_struct_conn.pdbx_ptnr2_PDB_ins_code 
_struct_conn.ptnr1_auth_asym_id 
_struct_conn.ptnr1_auth_comp_id 
_struct_conn.ptnr1_auth_seq_id 
_struct_conn.ptnr2_auth_asym_id 
_struct_conn.ptnr2_auth_comp_id 
_struct_conn.ptnr2_auth_seq_id 
_struct_conn.ptnr2_symmetry 
_struct_conn.pdbx_ptnr3_label_atom_id 
_struct_conn.pdbx_ptnr3_label_seq_id 
_struct_conn.pdbx_ptnr3_label_comp_id 
_struct_conn.pdbx_ptnr3_label_asym_id 
_struct_conn.pdbx_ptnr3_label_alt_id 
_struct_conn.pdbx_ptnr3_PDB_ins_code 
_struct_conn.details 
_struct_conn.pdbx_dist_value 
_struct_conn.pdbx_value_order 
_struct_conn.pdbx_role 
hydrog1  hydrog ? ? A DT 2  N3 ? ? ? 1_555 B DA 21 N1 ? ? C DT 202 D DA 342 1_555 ? ? ? ? ? ? WATSON-CRICK ? ? ? 
hydrog2  hydrog ? ? A DT 2  O4 ? ? ? 1_555 B DA 21 N6 ? ? C DT 202 D DA 342 1_555 ? ? ? ? ? ? WATSON-CRICK ? ? ? 
hydrog3  hydrog ? ? A DT 3  N3 ? ? ? 1_555 B DA 20 N1 ? ? C DT 203 D DA 341 1_555 ? ? ? ? ? ? WATSON-CRICK ? ? ? 
hydrog4  hydrog ? ? A DT 3  O4 ? ? ? 1_555 B DA 20 N6 ? ? C DT 203 D DA 341 1_555 ? ? ? ? ? ? WATSON-CRICK ? ? ? 
hydrog5  hydrog ? ? A DT 4  N3 ? ? ? 1_555 B DA 19 N1 ? ? C DT 204 D DA 340 1_555 ? ? ? ? ? ? WATSON-CRICK ? ? ? 
hydrog6  hydrog ? ? A DT 4  O4 ? ? ? 1_555 B DA 19 N6 ? ? C DT 204 D DA 340 1_555 ? ? ? ? ? ? WATSON-CRICK ? ? ? 
hydrog7  hydrog ? ? A DG 5  N1 ? ? ? 1_555 B DC 18 N3 ? ? C DG 205 D DC 339 1_555 ? ? ? ? ? ? WATSON-CRICK ? ? ? 
hydrog8  hydrog ? ? A DG 5  N2 ? ? ? 1_555 B DC 18 O2 ? ? C DG 205 D DC 339 1_555 ? ? ? ? ? ? WATSON-CRICK ? ? ? 
hydrog9  hydrog ? ? A DG 5  O6 ? ? ? 1_555 B DC 18 N4 ? ? C DG 205 D DC 339 1_555 ? ? ? ? ? ? WATSON-CRICK ? ? ? 
hydrog10 hydrog ? ? A DC 6  N3 ? ? ? 1_555 B DG 17 N1 ? ? C DC 206 D DG 338 1_555 ? ? ? ? ? ? WATSON-CRICK ? ? ? 
hydrog11 hydrog ? ? A DC 6  N4 ? ? ? 1_555 B DG 17 O6 ? ? C DC 206 D DG 338 1_555 ? ? ? ? ? ? WATSON-CRICK ? ? ? 
hydrog12 hydrog ? ? A DC 6  O2 ? ? ? 1_555 B DG 17 N2 ? ? C DC 206 D DG 338 1_555 ? ? ? ? ? ? WATSON-CRICK ? ? ? 
hydrog13 hydrog ? ? A DC 7  N3 ? ? ? 1_555 B DG 16 N1 ? ? C DC 207 D DG 337 1_555 ? ? ? ? ? ? WATSON-CRICK ? ? ? 
hydrog14 hydrog ? ? A DC 7  N4 ? ? ? 1_555 B DG 16 O6 ? ? C DC 207 D DG 337 1_555 ? ? ? ? ? ? WATSON-CRICK ? ? ? 
hydrog15 hydrog ? ? A DC 7  O2 ? ? ? 1_555 B DG 16 N2 ? ? C DC 207 D DG 337 1_555 ? ? ? ? ? ? WATSON-CRICK ? ? ? 
hydrog16 hydrog ? ? A DA 8  N1 ? ? ? 1_555 B DT 15 N3 ? ? C DA 208 D DT 336 1_555 ? ? ? ? ? ? WATSON-CRICK ? ? ? 
hydrog17 hydrog ? ? A DA 8  N6 ? ? ? 1_555 B DT 15 O4 ? ? C DA 208 D DT 336 1_555 ? ? ? ? ? ? WATSON-CRICK ? ? ? 
hydrog18 hydrog ? ? A DT 9  N3 ? ? ? 1_555 B DA 14 N1 ? ? C DT 209 D DA 335 1_555 ? ? ? ? ? ? WATSON-CRICK ? ? ? 
hydrog19 hydrog ? ? A DT 9  O4 ? ? ? 1_555 B DA 14 N6 ? ? C DT 209 D DA 335 1_555 ? ? ? ? ? ? WATSON-CRICK ? ? ? 
hydrog20 hydrog ? ? A DG 10 N1 ? ? ? 1_555 B DC 13 N3 ? ? C DG 210 D DC 334 1_555 ? ? ? ? ? ? WATSON-CRICK ? ? ? 
hydrog21 hydrog ? ? A DG 10 N2 ? ? ? 1_555 B DC 13 O2 ? ? C DG 210 D DC 334 1_555 ? ? ? ? ? ? WATSON-CRICK ? ? ? 
hydrog22 hydrog ? ? A DG 10 O6 ? ? ? 1_555 B DC 13 N4 ? ? C DG 210 D DC 334 1_555 ? ? ? ? ? ? WATSON-CRICK ? ? ? 
hydrog23 hydrog ? ? A DT 11 N3 ? ? ? 1_555 B DA 12 N1 ? ? C DT 211 D DA 333 1_555 ? ? ? ? ? ? WATSON-CRICK ? ? ? 
hydrog24 hydrog ? ? A DT 11 O4 ? ? ? 1_555 B DA 12 N6 ? ? C DT 211 D DA 333 1_555 ? ? ? ? ? ? WATSON-CRICK ? ? ? 
hydrog25 hydrog ? ? A DA 12 N1 ? ? ? 1_555 B DT 11 N3 ? ? C DA 212 D DT 332 1_555 ? ? ? ? ? ? WATSON-CRICK ? ? ? 
hydrog26 hydrog ? ? A DA 12 N6 ? ? ? 1_555 B DT 11 O4 ? ? C DA 212 D DT 332 1_555 ? ? ? ? ? ? WATSON-CRICK ? ? ? 
hydrog27 hydrog ? ? A DA 13 N1 ? ? ? 1_555 B DT 10 N3 ? ? C DA 213 D DT 331 1_555 ? ? ? ? ? ? WATSON-CRICK ? ? ? 
hydrog28 hydrog ? ? A DA 13 N6 ? ? ? 1_555 B DT 10 O4 ? ? C DA 213 D DT 331 1_555 ? ? ? ? ? ? WATSON-CRICK ? ? ? 
hydrog29 hydrog ? ? A DT 14 N3 ? ? ? 1_555 B DA 9  N1 ? ? C DT 214 D DA 330 1_555 ? ? ? ? ? ? WATSON-CRICK ? ? ? 
hydrog30 hydrog ? ? A DT 14 O4 ? ? ? 1_555 B DA 9  N6 ? ? C DT 214 D DA 330 1_555 ? ? ? ? ? ? WATSON-CRICK ? ? ? 
hydrog31 hydrog ? ? A DT 15 N3 ? ? ? 1_555 B DA 8  N1 ? ? C DT 215 D DA 329 1_555 ? ? ? ? ? ? WATSON-CRICK ? ? ? 
hydrog32 hydrog ? ? A DT 15 O4 ? ? ? 1_555 B DA 8  N6 ? ? C DT 215 D DA 329 1_555 ? ? ? ? ? ? WATSON-CRICK ? ? ? 
hydrog33 hydrog ? ? A DA 16 N1 ? ? ? 1_555 B DT 7  N3 ? ? C DA 216 D DT 328 1_555 ? ? ? ? ? ? WATSON-CRICK ? ? ? 
hydrog34 hydrog ? ? A DA 16 N6 ? ? ? 1_555 B DT 7  O4 ? ? C DA 216 D DT 328 1_555 ? ? ? ? ? ? WATSON-CRICK ? ? ? 
hydrog35 hydrog ? ? A DC 17 N3 ? ? ? 1_555 B DG 6  N1 ? ? C DC 217 D DG 327 1_555 ? ? ? ? ? ? WATSON-CRICK ? ? ? 
hydrog36 hydrog ? ? A DC 17 N4 ? ? ? 1_555 B DG 6  O6 ? ? C DC 217 D DG 327 1_555 ? ? ? ? ? ? WATSON-CRICK ? ? ? 
hydrog37 hydrog ? ? A DC 17 O2 ? ? ? 1_555 B DG 6  N2 ? ? C DC 217 D DG 327 1_555 ? ? ? ? ? ? WATSON-CRICK ? ? ? 
hydrog38 hydrog ? ? A DC 18 N3 ? ? ? 1_555 B DG 5  N1 ? ? C DC 218 D DG 326 1_555 ? ? ? ? ? ? WATSON-CRICK ? ? ? 
hydrog39 hydrog ? ? A DC 18 N4 ? ? ? 1_555 B DG 5  O6 ? ? C DC 218 D DG 326 1_555 ? ? ? ? ? ? WATSON-CRICK ? ? ? 
hydrog40 hydrog ? ? A DC 18 O2 ? ? ? 1_555 B DG 5  N2 ? ? C DC 218 D DG 326 1_555 ? ? ? ? ? ? WATSON-CRICK ? ? ? 
hydrog41 hydrog ? ? A DT 19 N3 ? ? ? 1_555 B DA 4  N1 ? ? C DT 219 D DA 325 1_555 ? ? ? ? ? ? WATSON-CRICK ? ? ? 
hydrog42 hydrog ? ? A DT 19 O4 ? ? ? 1_555 B DA 4  N6 ? ? C DT 219 D DA 325 1_555 ? ? ? ? ? ? WATSON-CRICK ? ? ? 
hydrog43 hydrog ? ? A DA 20 N1 ? ? ? 1_555 B DT 3  N3 ? ? C DA 220 D DT 324 1_555 ? ? ? ? ? ? WATSON-CRICK ? ? ? 
hydrog44 hydrog ? ? A DA 20 N6 ? ? ? 1_555 B DT 3  O4 ? ? C DA 220 D DT 324 1_555 ? ? ? ? ? ? WATSON-CRICK ? ? ? 
hydrog45 hydrog ? ? A DA 21 N1 ? ? ? 1_555 B DT 2  N3 ? ? C DA 221 D DT 323 1_555 ? ? ? ? ? ? WATSON-CRICK ? ? ? 
hydrog46 hydrog ? ? A DA 21 N6 ? ? ? 1_555 B DT 2  O4 ? ? C DA 221 D DT 323 1_555 ? ? ? ? ? ? WATSON-CRICK ? ? ? 
# 
_struct_conn_type.id          hydrog 
_struct_conn_type.criteria    ? 
_struct_conn_type.reference   ? 
# 
_atom_sites.entry_id                    3HDD 
_atom_sites.fract_transf_matrix[1][1]   -0.00038378 
_atom_sites.fract_transf_matrix[1][2]   -0.00699652 
_atom_sites.fract_transf_matrix[1][3]   -0.00515166 
_atom_sites.fract_transf_matrix[2][1]   -0.01211332 
_atom_sites.fract_transf_matrix[2][2]   0.01129246 
_atom_sites.fract_transf_matrix[2][3]   -0.01443402 
_atom_sites.fract_transf_matrix[3][1]   0.01109659 
_atom_sites.fract_transf_matrix[3][2]   -0.00186367 
_atom_sites.fract_transf_matrix[3][3]   -0.01077053 
_atom_sites.fract_transf_vector[1]      0.257277 
_atom_sites.fract_transf_vector[2]      0.413503 
_atom_sites.fract_transf_vector[3]      0.741759 
# 
loop_
_atom_type.symbol 
C 
N 
O 
P 
# 
loop_
_atom_site.group_PDB 
_atom_site.id 
_atom_site.type_symbol 
_atom_site.label_atom_id 
_atom_site.label_alt_id 
_atom_site.label_comp_id 
_atom_site.label_asym_id 
_atom_site.label_entity_id 
_atom_site.label_seq_id 
_atom_site.pdbx_PDB_ins_code 
_atom_site.Cartn_x 
_atom_site.Cartn_y 
_atom_site.Cartn_z 
_atom_site.occupancy 
_atom_site.B_iso_or_equiv 
_atom_site.pdbx_formal_charge 
_atom_site.auth_seq_id 
_atom_site.auth_comp_id 
_atom_site.auth_asym_id 
_atom_site.auth_atom_id 
_atom_site.pdbx_PDB_model_num 
ATOM   1    O "O5'" . DT  A 1 1  ? -36.077 -32.843 -20.410 1.00 91.92 ? 201 DT  C "O5'" 1 
ATOM   2    C "C5'" . DT  A 1 1  ? -37.140 -33.760 -20.747 1.00 85.71 ? 201 DT  C "C5'" 1 
ATOM   3    C "C4'" . DT  A 1 1  ? -36.773 -35.195 -20.431 1.00 83.06 ? 201 DT  C "C4'" 1 
ATOM   4    O "O4'" . DT  A 1 1  ? -36.339 -35.832 -21.658 1.00 78.61 ? 201 DT  C "O4'" 1 
ATOM   5    C "C3'" . DT  A 1 1  ? -35.608 -35.295 -19.442 1.00 83.79 ? 201 DT  C "C3'" 1 
ATOM   6    O "O3'" . DT  A 1 1  ? -35.801 -36.235 -18.391 1.00 86.45 ? 201 DT  C "O3'" 1 
ATOM   7    C "C2'" . DT  A 1 1  ? -34.418 -35.702 -20.283 1.00 80.80 ? 201 DT  C "C2'" 1 
ATOM   8    C "C1'" . DT  A 1 1  ? -35.014 -36.335 -21.525 1.00 72.93 ? 201 DT  C "C1'" 1 
ATOM   9    N N1    . DT  A 1 1  ? -34.219 -35.880 -22.680 1.00 63.09 ? 201 DT  C N1    1 
ATOM   10   C C2    . DT  A 1 1  ? -33.291 -36.754 -23.173 1.00 57.18 ? 201 DT  C C2    1 
ATOM   11   O O2    . DT  A 1 1  ? -33.171 -37.898 -22.756 1.00 56.09 ? 201 DT  C O2    1 
ATOM   12   N N3    . DT  A 1 1  ? -32.504 -36.247 -24.174 1.00 53.53 ? 201 DT  C N3    1 
ATOM   13   C C4    . DT  A 1 1  ? -32.565 -34.985 -24.726 1.00 54.03 ? 201 DT  C C4    1 
ATOM   14   O O4    . DT  A 1 1  ? -31.772 -34.670 -25.611 1.00 56.91 ? 201 DT  C O4    1 
ATOM   15   C C5    . DT  A 1 1  ? -33.593 -34.123 -24.185 1.00 52.33 ? 201 DT  C C5    1 
ATOM   16   C C7    . DT  A 1 1  ? -33.753 -32.741 -24.732 1.00 47.83 ? 201 DT  C C7    1 
ATOM   17   C C6    . DT  A 1 1  ? -34.363 -34.610 -23.206 1.00 55.86 ? 201 DT  C C6    1 
ATOM   18   P P     . DT  A 1 2  ? -34.907 -36.105 -17.057 1.00 85.81 ? 202 DT  C P     1 
ATOM   19   O OP1   . DT  A 1 2  ? -35.694 -36.660 -15.921 1.00 89.15 ? 202 DT  C OP1   1 
ATOM   20   O OP2   . DT  A 1 2  ? -34.340 -34.724 -16.973 1.00 80.32 ? 202 DT  C OP2   1 
ATOM   21   O "O5'" . DT  A 1 2  ? -33.676 -37.060 -17.338 1.00 82.26 ? 202 DT  C "O5'" 1 
ATOM   22   C "C5'" . DT  A 1 2  ? -33.879 -38.427 -17.681 1.00 79.65 ? 202 DT  C "C5'" 1 
ATOM   23   C "C4'" . DT  A 1 2  ? -32.535 -39.095 -17.830 1.00 77.76 ? 202 DT  C "C4'" 1 
ATOM   24   O "O4'" . DT  A 1 2  ? -31.908 -38.686 -19.071 1.00 74.51 ? 202 DT  C "O4'" 1 
ATOM   25   C "C3'" . DT  A 1 2  ? -31.580 -38.684 -16.717 1.00 78.07 ? 202 DT  C "C3'" 1 
ATOM   26   O "O3'" . DT  A 1 2  ? -30.853 -39.824 -16.277 1.00 82.70 ? 202 DT  C "O3'" 1 
ATOM   27   C "C2'" . DT  A 1 2  ? -30.689 -37.632 -17.366 1.00 73.65 ? 202 DT  C "C2'" 1 
ATOM   28   C "C1'" . DT  A 1 2  ? -30.655 -38.068 -18.821 1.00 66.90 ? 202 DT  C "C1'" 1 
ATOM   29   N N1    . DT  A 1 2  ? -30.493 -36.982 -19.806 1.00 58.39 ? 202 DT  C N1    1 
ATOM   30   C C2    . DT  A 1 2  ? -29.620 -37.193 -20.848 1.00 55.88 ? 202 DT  C C2    1 
ATOM   31   O O2    . DT  A 1 2  ? -28.951 -38.211 -20.963 1.00 54.12 ? 202 DT  C O2    1 
ATOM   32   N N3    . DT  A 1 2  ? -29.554 -36.160 -21.755 1.00 52.47 ? 202 DT  C N3    1 
ATOM   33   C C4    . DT  A 1 2  ? -30.249 -34.968 -21.713 1.00 50.36 ? 202 DT  C C4    1 
ATOM   34   O O4    . DT  A 1 2  ? -30.099 -34.143 -22.602 1.00 53.52 ? 202 DT  C O4    1 
ATOM   35   C C5    . DT  A 1 2  ? -31.126 -34.802 -20.581 1.00 48.77 ? 202 DT  C C5    1 
ATOM   36   C C7    . DT  A 1 2  ? -31.901 -33.533 -20.449 1.00 45.77 ? 202 DT  C C7    1 
ATOM   37   C C6    . DT  A 1 2  ? -31.203 -35.803 -19.695 1.00 52.28 ? 202 DT  C C6    1 
ATOM   38   P P     . DT  A 1 3  ? -30.012 -39.751 -14.916 1.00 85.15 ? 203 DT  C P     1 
ATOM   39   O OP1   . DT  A 1 3  ? -30.277 -41.040 -14.209 1.00 83.00 ? 203 DT  C OP1   1 
ATOM   40   O OP2   . DT  A 1 3  ? -30.285 -38.449 -14.229 1.00 80.64 ? 203 DT  C OP2   1 
ATOM   41   O "O5'" . DT  A 1 3  ? -28.512 -39.720 -15.451 1.00 83.21 ? 203 DT  C "O5'" 1 
ATOM   42   C "C5'" . DT  A 1 3  ? -28.111 -40.571 -16.542 1.00 76.80 ? 203 DT  C "C5'" 1 
ATOM   43   C "C4'" . DT  A 1 3  ? -26.842 -40.051 -17.175 1.00 72.20 ? 203 DT  C "C4'" 1 
ATOM   44   O "O4'" . DT  A 1 3  ? -27.095 -38.950 -18.081 1.00 69.17 ? 203 DT  C "O4'" 1 
ATOM   45   C "C3'" . DT  A 1 3  ? -25.805 -39.545 -16.178 1.00 72.89 ? 203 DT  C "C3'" 1 
ATOM   46   O "O3'" . DT  A 1 3  ? -24.527 -39.990 -16.594 1.00 79.23 ? 203 DT  C "O3'" 1 
ATOM   47   C "C2'" . DT  A 1 3  ? -25.873 -38.039 -16.334 1.00 69.41 ? 203 DT  C "C2'" 1 
ATOM   48   C "C1'" . DT  A 1 3  ? -26.139 -37.942 -17.817 1.00 65.14 ? 203 DT  C "C1'" 1 
ATOM   49   N N1    . DT  A 1 3  ? -26.683 -36.661 -18.278 1.00 59.68 ? 203 DT  C N1    1 
ATOM   50   C C2    . DT  A 1 3  ? -26.149 -36.114 -19.421 1.00 56.45 ? 203 DT  C C2    1 
ATOM   51   O O2    . DT  A 1 3  ? -25.256 -36.648 -20.060 1.00 57.37 ? 203 DT  C O2    1 
ATOM   52   N N3    . DT  A 1 3  ? -26.699 -34.920 -19.793 1.00 51.59 ? 203 DT  C N3    1 
ATOM   53   C C4    . DT  A 1 3  ? -27.708 -34.231 -19.151 1.00 53.24 ? 203 DT  C C4    1 
ATOM   54   O O4    . DT  A 1 3  ? -28.108 -33.167 -19.608 1.00 52.13 ? 203 DT  C O4    1 
ATOM   55   C C5    . DT  A 1 3  ? -28.219 -34.860 -17.955 1.00 53.99 ? 203 DT  C C5    1 
ATOM   56   C C7    . DT  A 1 3  ? -29.301 -34.176 -17.183 1.00 53.48 ? 203 DT  C C7    1 
ATOM   57   C C6    . DT  A 1 3  ? -27.690 -36.031 -17.586 1.00 56.23 ? 203 DT  C C6    1 
ATOM   58   P P     . DT  A 1 4  ? -23.375 -40.197 -15.509 1.00 85.22 ? 204 DT  C P     1 
ATOM   59   O OP1   . DT  A 1 4  ? -23.347 -41.654 -15.188 1.00 81.67 ? 204 DT  C OP1   1 
ATOM   60   O OP2   . DT  A 1 4  ? -23.543 -39.190 -14.421 1.00 83.25 ? 204 DT  C OP2   1 
ATOM   61   O "O5'" . DT  A 1 4  ? -22.070 -39.818 -16.321 1.00 84.62 ? 204 DT  C "O5'" 1 
ATOM   62   C "C5'" . DT  A 1 4  ? -22.014 -40.050 -17.728 1.00 85.07 ? 204 DT  C "C5'" 1 
ATOM   63   C "C4'" . DT  A 1 4  ? -21.312 -38.902 -18.406 1.00 85.66 ? 204 DT  C "C4'" 1 
ATOM   64   O "O4'" . DT  A 1 4  ? -22.205 -37.789 -18.640 1.00 82.91 ? 204 DT  C "O4'" 1 
ATOM   65   C "C3'" . DT  A 1 4  ? -20.126 -38.334 -17.624 1.00 88.38 ? 204 DT  C "C3'" 1 
ATOM   66   O "O3'" . DT  A 1 4  ? -19.040 -38.157 -18.527 1.00 95.05 ? 204 DT  C "O3'" 1 
ATOM   67   C "C2'" . DT  A 1 4  ? -20.625 -36.974 -17.159 1.00 82.91 ? 204 DT  C "C2'" 1 
ATOM   68   C "C1'" . DT  A 1 4  ? -21.487 -36.610 -18.341 1.00 77.81 ? 204 DT  C "C1'" 1 
ATOM   69   N N1    . DT  A 1 4  ? -22.447 -35.515 -18.184 1.00 72.01 ? 204 DT  C N1    1 
ATOM   70   C C2    . DT  A 1 4  ? -22.459 -34.557 -19.174 1.00 70.03 ? 204 DT  C C2    1 
ATOM   71   O O2    . DT  A 1 4  ? -21.706 -34.583 -20.138 1.00 68.85 ? 204 DT  C O2    1 
ATOM   72   N N3    . DT  A 1 4  ? -23.387 -33.561 -18.997 1.00 67.32 ? 204 DT  C N3    1 
ATOM   73   C C4    . DT  A 1 4  ? -24.277 -33.428 -17.951 1.00 66.24 ? 204 DT  C C4    1 
ATOM   74   O O4    . DT  A 1 4  ? -25.052 -32.474 -17.923 1.00 61.17 ? 204 DT  C O4    1 
ATOM   75   C C5    . DT  A 1 4  ? -24.205 -34.467 -16.948 1.00 67.26 ? 204 DT  C C5    1 
ATOM   76   C C7    . DT  A 1 4  ? -25.130 -34.397 -15.777 1.00 68.18 ? 204 DT  C C7    1 
ATOM   77   C C6    . DT  A 1 4  ? -23.306 -35.448 -17.111 1.00 69.33 ? 204 DT  C C6    1 
ATOM   78   P P     . DG  A 1 5  ? -17.530 -38.299 -18.001 1.00 98.79 ? 205 DG  C P     1 
ATOM   79   O OP1   . DG  A 1 5  ? -16.933 -39.446 -18.746 1.00 97.76 ? 205 DG  C OP1   1 
ATOM   80   O OP2   . DG  A 1 5  ? -17.494 -38.272 -16.508 1.00 96.37 ? 205 DG  C OP2   1 
ATOM   81   O "O5'" . DG  A 1 5  ? -16.871 -36.972 -18.559 1.00 95.74 ? 205 DG  C "O5'" 1 
ATOM   82   C "C5'" . DG  A 1 5  ? -17.072 -36.609 -19.924 1.00 93.93 ? 205 DG  C "C5'" 1 
ATOM   83   C "C4'" . DG  A 1 5  ? -16.886 -35.125 -20.092 1.00 92.11 ? 205 DG  C "C4'" 1 
ATOM   84   O "O4'" . DG  A 1 5  ? -18.098 -34.382 -19.813 1.00 88.44 ? 205 DG  C "O4'" 1 
ATOM   85   C "C3'" . DG  A 1 5  ? -15.806 -34.536 -19.186 1.00 92.45 ? 205 DG  C "C3'" 1 
ATOM   86   O "O3'" . DG  A 1 5  ? -15.013 -33.641 -19.950 1.00 97.25 ? 205 DG  C "O3'" 1 
ATOM   87   C "C2'" . DG  A 1 5  ? -16.602 -33.747 -18.163 1.00 87.30 ? 205 DG  C "C2'" 1 
ATOM   88   C "C1'" . DG  A 1 5  ? -17.752 -33.264 -19.021 1.00 81.63 ? 205 DG  C "C1'" 1 
ATOM   89   N N9    . DG  A 1 5  ? -18.932 -32.854 -18.271 1.00 72.74 ? 205 DG  C N9    1 
ATOM   90   C C8    . DG  A 1 5  ? -19.396 -33.404 -17.102 1.00 68.21 ? 205 DG  C C8    1 
ATOM   91   N N7    . DG  A 1 5  ? -20.464 -32.808 -16.646 1.00 65.07 ? 205 DG  C N7    1 
ATOM   92   C C5    . DG  A 1 5  ? -20.728 -31.808 -17.577 1.00 63.22 ? 205 DG  C C5    1 
ATOM   93   C C6    . DG  A 1 5  ? -21.772 -30.838 -17.618 1.00 61.13 ? 205 DG  C C6    1 
ATOM   94   O O6    . DG  A 1 5  ? -22.698 -30.669 -16.810 1.00 61.24 ? 205 DG  C O6    1 
ATOM   95   N N1    . DG  A 1 5  ? -21.668 -30.017 -18.743 1.00 55.07 ? 205 DG  C N1    1 
ATOM   96   C C2    . DG  A 1 5  ? -20.692 -30.119 -19.706 1.00 55.20 ? 205 DG  C C2    1 
ATOM   97   N N2    . DG  A 1 5  ? -20.774 -29.244 -20.723 1.00 51.94 ? 205 DG  C N2    1 
ATOM   98   N N3    . DG  A 1 5  ? -19.711 -31.015 -19.677 1.00 58.19 ? 205 DG  C N3    1 
ATOM   99   C C4    . DG  A 1 5  ? -19.793 -31.824 -18.592 1.00 65.29 ? 205 DG  C C4    1 
ATOM   100  P P     . DC  A 1 6  ? -13.604 -33.138 -19.380 1.00 98.79 ? 206 DC  C P     1 
ATOM   101  O OP1   . DC  A 1 6  ? -12.555 -34.039 -19.958 1.00 98.79 ? 206 DC  C OP1   1 
ATOM   102  O OP2   . DC  A 1 6  ? -13.705 -32.960 -17.901 1.00 98.79 ? 206 DC  C OP2   1 
ATOM   103  O "O5'" . DC  A 1 6  ? -13.470 -31.709 -20.054 1.00 96.71 ? 206 DC  C "O5'" 1 
ATOM   104  C "C5'" . DC  A 1 6  ? -13.992 -31.498 -21.365 1.00 93.13 ? 206 DC  C "C5'" 1 
ATOM   105  C "C4'" . DC  A 1 6  ? -14.563 -30.108 -21.464 1.00 89.93 ? 206 DC  C "C4'" 1 
ATOM   106  O "O4'" . DC  A 1 6  ? -15.757 -29.982 -20.662 1.00 85.94 ? 206 DC  C "O4'" 1 
ATOM   107  C "C3'" . DC  A 1 6  ? -13.614 -29.031 -20.954 1.00 88.99 ? 206 DC  C "C3'" 1 
ATOM   108  O "O3'" . DC  A 1 6  ? -13.841 -27.876 -21.742 1.00 94.51 ? 206 DC  C "O3'" 1 
ATOM   109  C "C2'" . DC  A 1 6  ? -14.115 -28.770 -19.550 1.00 84.20 ? 206 DC  C "C2'" 1 
ATOM   110  C "C1'" . DC  A 1 6  ? -15.596 -28.857 -19.825 1.00 81.16 ? 206 DC  C "C1'" 1 
ATOM   111  N N1    . DC  A 1 6  ? -16.473 -29.029 -18.672 1.00 76.05 ? 206 DC  C N1    1 
ATOM   112  C C2    . DC  A 1 6  ? -17.634 -28.259 -18.615 1.00 72.59 ? 206 DC  C C2    1 
ATOM   113  O O2    . DC  A 1 6  ? -17.849 -27.433 -19.525 1.00 70.49 ? 206 DC  C O2    1 
ATOM   114  N N3    . DC  A 1 6  ? -18.488 -28.425 -17.576 1.00 68.08 ? 206 DC  C N3    1 
ATOM   115  C C4    . DC  A 1 6  ? -18.204 -29.310 -16.619 1.00 68.47 ? 206 DC  C C4    1 
ATOM   116  N N4    . DC  A 1 6  ? -19.079 -29.453 -15.616 1.00 66.51 ? 206 DC  C N4    1 
ATOM   117  C C5    . DC  A 1 6  ? -17.010 -30.094 -16.645 1.00 70.71 ? 206 DC  C C5    1 
ATOM   118  C C6    . DC  A 1 6  ? -16.180 -29.922 -17.682 1.00 72.92 ? 206 DC  C C6    1 
ATOM   119  P P     . DC  A 1 7  ? -12.610 -26.948 -22.150 1.00 98.79 ? 207 DC  C P     1 
ATOM   120  O OP1   . DC  A 1 7  ? -12.503 -26.947 -23.641 1.00 98.79 ? 207 DC  C OP1   1 
ATOM   121  O OP2   . DC  A 1 7  ? -11.450 -27.380 -21.321 1.00 98.65 ? 207 DC  C OP2   1 
ATOM   122  O "O5'" . DC  A 1 7  ? -13.108 -25.512 -21.696 1.00 95.95 ? 207 DC  C "O5'" 1 
ATOM   123  C "C5'" . DC  A 1 7  ? -14.303 -24.967 -22.267 1.00 91.05 ? 207 DC  C "C5'" 1 
ATOM   124  C "C4'" . DC  A 1 7  ? -14.927 -23.980 -21.313 1.00 86.11 ? 207 DC  C "C4'" 1 
ATOM   125  O "O4'" . DC  A 1 7  ? -15.681 -24.639 -20.265 1.00 80.84 ? 207 DC  C "O4'" 1 
ATOM   126  C "C3'" . DC  A 1 7  ? -13.898 -23.096 -20.610 1.00 86.52 ? 207 DC  C "C3'" 1 
ATOM   127  O "O3'" . DC  A 1 7  ? -14.397 -21.772 -20.571 1.00 93.28 ? 207 DC  C "O3'" 1 
ATOM   128  C "C2'" . DC  A 1 7  ? -13.889 -23.639 -19.197 1.00 81.06 ? 207 DC  C "C2'" 1 
ATOM   129  C "C1'" . DC  A 1 7  ? -15.358 -23.962 -19.068 1.00 74.49 ? 207 DC  C "C1'" 1 
ATOM   130  N N1    . DC  A 1 7  ? -15.736 -24.793 -17.919 1.00 64.27 ? 207 DC  C N1    1 
ATOM   131  C C2    . DC  A 1 7  ? -16.948 -24.518 -17.274 1.00 58.80 ? 207 DC  C C2    1 
ATOM   132  O O2    . DC  A 1 7  ? -17.711 -23.659 -17.762 1.00 56.74 ? 207 DC  C O2    1 
ATOM   133  N N3    . DC  A 1 7  ? -17.258 -25.192 -16.146 1.00 52.54 ? 207 DC  C N3    1 
ATOM   134  C C4    . DC  A 1 7  ? -16.417 -26.120 -15.671 1.00 54.74 ? 207 DC  C C4    1 
ATOM   135  N N4    . DC  A 1 7  ? -16.728 -26.734 -14.529 1.00 53.47 ? 207 DC  C N4    1 
ATOM   136  C C5    . DC  A 1 7  ? -15.206 -26.456 -16.344 1.00 55.00 ? 207 DC  C C5    1 
ATOM   137  C C6    . DC  A 1 7  ? -14.910 -25.777 -17.455 1.00 60.12 ? 207 DC  C C6    1 
ATOM   138  P P     . DA  A 1 8  ? -13.865 -20.696 -21.629 1.00 98.79 ? 208 DA  C P     1 
ATOM   139  O OP1   . DA  A 1 8  ? -14.145 -21.237 -22.989 1.00 98.42 ? 208 DA  C OP1   1 
ATOM   140  O OP2   . DA  A 1 8  ? -12.471 -20.301 -21.259 1.00 98.79 ? 208 DA  C OP2   1 
ATOM   141  O "O5'" . DA  A 1 8  ? -14.858 -19.477 -21.397 1.00 96.93 ? 208 DA  C "O5'" 1 
ATOM   142  C "C5'" . DA  A 1 8  ? -16.243 -19.600 -21.768 1.00 93.88 ? 208 DA  C "C5'" 1 
ATOM   143  C "C4'" . DA  A 1 8  ? -17.130 -18.945 -20.735 1.00 91.05 ? 208 DA  C "C4'" 1 
ATOM   144  O "O4'" . DA  A 1 8  ? -17.330 -19.796 -19.583 1.00 87.07 ? 208 DA  C "O4'" 1 
ATOM   145  C "C3'" . DA  A 1 8  ? -16.602 -17.617 -20.201 1.00 90.79 ? 208 DA  C "C3'" 1 
ATOM   146  O "O3'" . DA  A 1 8  ? -17.671 -16.680 -20.122 1.00 95.12 ? 208 DA  C "O3'" 1 
ATOM   147  C "C2'" . DA  A 1 8  ? -16.067 -17.969 -18.824 1.00 85.25 ? 208 DA  C "C2'" 1 
ATOM   148  C "C1'" . DA  A 1 8  ? -16.973 -19.106 -18.393 1.00 79.62 ? 208 DA  C "C1'" 1 
ATOM   149  N N9    . DA  A 1 8  ? -16.317 -20.068 -17.514 1.00 70.96 ? 208 DA  C N9    1 
ATOM   150  C C8    . DA  A 1 8  ? -15.093 -20.669 -17.683 1.00 67.56 ? 208 DA  C C8    1 
ATOM   151  N N7    . DA  A 1 8  ? -14.784 -21.514 -16.731 1.00 64.85 ? 208 DA  C N7    1 
ATOM   152  C C5    . DA  A 1 8  ? -15.873 -21.464 -15.874 1.00 63.24 ? 208 DA  C C5    1 
ATOM   153  C C6    . DA  A 1 8  ? -16.168 -22.138 -14.670 1.00 63.11 ? 208 DA  C C6    1 
ATOM   154  N N6    . DA  A 1 8  ? -15.351 -23.035 -14.095 1.00 60.22 ? 208 DA  C N6    1 
ATOM   155  N N1    . DA  A 1 8  ? -17.346 -21.857 -14.065 1.00 62.03 ? 208 DA  C N1    1 
ATOM   156  C C2    . DA  A 1 8  ? -18.164 -20.960 -14.639 1.00 64.70 ? 208 DA  C C2    1 
ATOM   157  N N3    . DA  A 1 8  ? -17.999 -20.266 -15.767 1.00 66.18 ? 208 DA  C N3    1 
ATOM   158  C C4    . DA  A 1 8  ? -16.822 -20.570 -16.342 1.00 65.61 ? 208 DA  C C4    1 
ATOM   159  P P     . DT  A 1 9  ? -17.387 -15.204 -19.572 1.00 98.79 ? 209 DT  C P     1 
ATOM   160  O OP1   . DT  A 1 9  ? -18.444 -14.308 -20.118 1.00 96.10 ? 209 DT  C OP1   1 
ATOM   161  O OP2   . DT  A 1 9  ? -15.948 -14.861 -19.775 1.00 97.39 ? 209 DT  C OP2   1 
ATOM   162  O "O5'" . DT  A 1 9  ? -17.651 -15.394 -18.019 1.00 97.89 ? 209 DT  C "O5'" 1 
ATOM   163  C "C5'" . DT  A 1 9  ? -18.915 -15.891 -17.561 1.00 94.90 ? 209 DT  C "C5'" 1 
ATOM   164  C "C4'" . DT  A 1 9  ? -19.008 -15.732 -16.064 1.00 91.51 ? 209 DT  C "C4'" 1 
ATOM   165  O "O4'" . DT  A 1 9  ? -18.317 -16.819 -15.407 1.00 88.29 ? 209 DT  C "O4'" 1 
ATOM   166  C "C3'" . DT  A 1 9  ? -18.352 -14.444 -15.555 1.00 91.76 ? 209 DT  C "C3'" 1 
ATOM   167  O "O3'" . DT  A 1 9  ? -19.101 -13.950 -14.443 1.00 93.80 ? 209 DT  C "O3'" 1 
ATOM   168  C "C2'" . DT  A 1 9  ? -16.998 -14.930 -15.069 1.00 87.87 ? 209 DT  C "C2'" 1 
ATOM   169  C "C1'" . DT  A 1 9  ? -17.431 -16.248 -14.463 1.00 83.43 ? 209 DT  C "C1'" 1 
ATOM   170  N N1    . DT  A 1 9  ? -16.388 -17.231 -14.148 1.00 76.39 ? 209 DT  C N1    1 
ATOM   171  C C2    . DT  A 1 9  ? -16.613 -18.053 -13.060 1.00 73.14 ? 209 DT  C C2    1 
ATOM   172  O O2    . DT  A 1 9  ? -17.634 -18.010 -12.388 1.00 74.51 ? 209 DT  C O2    1 
ATOM   173  N N3    . DT  A 1 9  ? -15.604 -18.935 -12.789 1.00 69.03 ? 209 DT  C N3    1 
ATOM   174  C C4    . DT  A 1 9  ? -14.426 -19.088 -13.485 1.00 70.27 ? 209 DT  C C4    1 
ATOM   175  O O4    . DT  A 1 9  ? -13.617 -19.931 -13.120 1.00 70.75 ? 209 DT  C O4    1 
ATOM   176  C C5    . DT  A 1 9  ? -14.257 -18.203 -14.628 1.00 71.35 ? 209 DT  C C5    1 
ATOM   177  C C7    . DT  A 1 9  ? -13.013 -18.306 -15.455 1.00 69.69 ? 209 DT  C C7    1 
ATOM   178  C C6    . DT  A 1 9  ? -15.236 -17.327 -14.895 1.00 72.60 ? 209 DT  C C6    1 
ATOM   179  P P     . DG  A 1 10 ? -19.238 -12.366 -14.200 1.00 94.30 ? 210 DG  C P     1 
ATOM   180  O OP1   . DG  A 1 10 ? -20.414 -11.893 -14.981 1.00 94.41 ? 210 DG  C OP1   1 
ATOM   181  O OP2   . DG  A 1 10 ? -17.911 -11.693 -14.365 1.00 93.05 ? 210 DG  C OP2   1 
ATOM   182  O "O5'" . DG  A 1 10 ? -19.671 -12.304 -12.675 1.00 88.03 ? 210 DG  C "O5'" 1 
ATOM   183  C "C5'" . DG  A 1 10 ? -20.648 -13.222 -12.170 1.00 78.24 ? 210 DG  C "C5'" 1 
ATOM   184  C "C4'" . DG  A 1 10 ? -20.298 -13.584 -10.749 1.00 72.31 ? 210 DG  C "C4'" 1 
ATOM   185  O "O4'" . DG  A 1 10 ? -19.132 -14.435 -10.727 1.00 70.40 ? 210 DG  C "O4'" 1 
ATOM   186  C "C3'" . DG  A 1 10 ? -19.926 -12.355 -9.934  1.00 68.94 ? 210 DG  C "C3'" 1 
ATOM   187  O "O3'" . DG  A 1 10 ? -20.386 -12.540 -8.609  1.00 66.79 ? 210 DG  C "O3'" 1 
ATOM   188  C "C2'" . DG  A 1 10 ? -18.409 -12.324 -10.001 1.00 66.26 ? 210 DG  C "C2'" 1 
ATOM   189  C "C1'" . DG  A 1 10 ? -18.070 -13.801 -10.030 1.00 64.98 ? 210 DG  C "C1'" 1 
ATOM   190  N N9    . DG  A 1 10 ? -16.825 -14.140 -10.716 1.00 59.55 ? 210 DG  C N9    1 
ATOM   191  C C8    . DG  A 1 10 ? -16.282 -13.536 -11.829 1.00 58.65 ? 210 DG  C C8    1 
ATOM   192  N N7    . DG  A 1 10 ? -15.153 -14.085 -12.207 1.00 57.95 ? 210 DG  C N7    1 
ATOM   193  C C5    . DG  A 1 10 ? -14.946 -15.108 -11.289 1.00 54.99 ? 210 DG  C C5    1 
ATOM   194  C C6    . DG  A 1 10 ? -13.880 -16.060 -11.181 1.00 54.09 ? 210 DG  C C6    1 
ATOM   195  O O6    . DG  A 1 10 ? -12.878 -16.194 -11.916 1.00 54.26 ? 210 DG  C O6    1 
ATOM   196  N N1    . DG  A 1 10 ? -14.066 -16.908 -10.085 1.00 46.46 ? 210 DG  C N1    1 
ATOM   197  C C2    . DG  A 1 10 ? -15.134 -16.845 -9.208  1.00 47.90 ? 210 DG  C C2    1 
ATOM   198  N N2    . DG  A 1 10 ? -15.134 -17.714 -8.193  1.00 45.84 ? 210 DG  C N2    1 
ATOM   199  N N3    . DG  A 1 10 ? -16.129 -15.984 -9.312  1.00 48.27 ? 210 DG  C N3    1 
ATOM   200  C C4    . DG  A 1 10 ? -15.970 -15.151 -10.359 1.00 54.51 ? 210 DG  C C4    1 
ATOM   201  P P     . DT  A 1 11 ? -20.049 -11.443 -7.511  1.00 64.71 ? 211 DT  C P     1 
ATOM   202  O OP1   . DT  A 1 11 ? -21.166 -11.496 -6.529  1.00 64.76 ? 211 DT  C OP1   1 
ATOM   203  O OP2   . DT  A 1 11 ? -19.716 -10.168 -8.201  1.00 61.19 ? 211 DT  C OP2   1 
ATOM   204  O "O5'" . DT  A 1 11 ? -18.717 -12.011 -6.859  1.00 62.21 ? 211 DT  C "O5'" 1 
ATOM   205  C "C5'" . DT  A 1 11 ? -18.730 -13.243 -6.127  1.00 57.36 ? 211 DT  C "C5'" 1 
ATOM   206  C "C4'" . DT  A 1 11 ? -17.408 -13.425 -5.429  1.00 53.48 ? 211 DT  C "C4'" 1 
ATOM   207  O "O4'" . DT  A 1 11 ? -16.392 -13.842 -6.375  1.00 51.29 ? 211 DT  C "O4'" 1 
ATOM   208  C "C3'" . DT  A 1 11 ? -16.889 -12.127 -4.803  1.00 52.74 ? 211 DT  C "C3'" 1 
ATOM   209  O "O3'" . DT  A 1 11 ? -16.206 -12.428 -3.585  1.00 55.07 ? 211 DT  C "O3'" 1 
ATOM   210  C "C2'" . DT  A 1 11 ? -15.878 -11.646 -5.830  1.00 50.46 ? 211 DT  C "C2'" 1 
ATOM   211  C "C1'" . DT  A 1 11 ? -15.286 -12.976 -6.230  1.00 47.33 ? 211 DT  C "C1'" 1 
ATOM   212  N N1    . DT  A 1 11 ? -14.467 -13.033 -7.453  1.00 43.51 ? 211 DT  C N1    1 
ATOM   213  C C2    . DT  A 1 11 ? -13.544 -14.041 -7.517  1.00 43.67 ? 211 DT  C C2    1 
ATOM   214  O O2    . DT  A 1 11 ? -13.430 -14.876 -6.651  1.00 46.68 ? 211 DT  C O2    1 
ATOM   215  N N3    . DT  A 1 11 ? -12.758 -14.039 -8.630  1.00 40.20 ? 211 DT  C N3    1 
ATOM   216  C C4    . DT  A 1 11 ? -12.808 -13.149 -9.673  1.00 42.81 ? 211 DT  C C4    1 
ATOM   217  O O4    . DT  A 1 11 ? -12.017 -13.258 -10.604 1.00 48.31 ? 211 DT  C O4    1 
ATOM   218  C C5    . DT  A 1 11 ? -13.824 -12.132 -9.564  1.00 40.81 ? 211 DT  C C5    1 
ATOM   219  C C7    . DT  A 1 11 ? -13.969 -11.141 -10.673 1.00 42.80 ? 211 DT  C C7    1 
ATOM   220  C C6    . DT  A 1 11 ? -14.596 -12.121 -8.470  1.00 41.05 ? 211 DT  C C6    1 
ATOM   221  P P     . DA  A 1 12 ? -16.671 -11.747 -2.202  1.00 54.71 ? 212 DA  C P     1 
ATOM   222  O OP1   . DA  A 1 12 ? -18.054 -12.213 -1.899  1.00 58.55 ? 212 DA  C OP1   1 
ATOM   223  O OP2   . DA  A 1 12 ? -16.377 -10.295 -2.225  1.00 53.13 ? 212 DA  C OP2   1 
ATOM   224  O "O5'" . DA  A 1 12 ? -15.695 -12.415 -1.139  1.00 54.93 ? 212 DA  C "O5'" 1 
ATOM   225  C "C5'" . DA  A 1 12 ? -15.695 -13.837 -0.935  1.00 52.40 ? 212 DA  C "C5'" 1 
ATOM   226  C "C4'" . DA  A 1 12 ? -14.279 -14.346 -0.786  1.00 49.52 ? 212 DA  C "C4'" 1 
ATOM   227  O "O4'" . DA  A 1 12 ? -13.594 -14.350 -2.063  1.00 49.03 ? 212 DA  C "O4'" 1 
ATOM   228  C "C3'" . DA  A 1 12 ? -13.402 -13.540 0.162   1.00 49.33 ? 212 DA  C "C3'" 1 
ATOM   229  O "O3'" . DA  A 1 12 ? -12.672 -14.442 0.983   1.00 53.00 ? 212 DA  C "O3'" 1 
ATOM   230  C "C2'" . DA  A 1 12 ? -12.471 -12.777 -0.768  1.00 46.91 ? 212 DA  C "C2'" 1 
ATOM   231  C "C1'" . DA  A 1 12 ? -12.336 -13.708 -1.958  1.00 43.97 ? 212 DA  C "C1'" 1 
ATOM   232  N N9    . DA  A 1 12 ? -12.071 -13.032 -3.231  1.00 40.54 ? 212 DA  C N9    1 
ATOM   233  C C8    . DA  A 1 12 ? -12.704 -11.915 -3.717  1.00 40.34 ? 212 DA  C C8    1 
ATOM   234  N N7    . DA  A 1 12 ? -12.272 -11.527 -4.890  1.00 38.11 ? 212 DA  C N7    1 
ATOM   235  C C5    . DA  A 1 12 ? -11.286 -12.446 -5.201  1.00 36.64 ? 212 DA  C C5    1 
ATOM   236  C C6    . DA  A 1 12 ? -10.460 -12.577 -6.307  1.00 37.24 ? 212 DA  C C6    1 
ATOM   237  N N6    . DA  A 1 12 ? -10.503 -11.750 -7.355  1.00 39.92 ? 212 DA  C N6    1 
ATOM   238  N N1    . DA  A 1 12 ? -9.578  -13.590 -6.315  1.00 37.40 ? 212 DA  C N1    1 
ATOM   239  C C2    . DA  A 1 12 ? -9.548  -14.416 -5.263  1.00 38.36 ? 212 DA  C C2    1 
ATOM   240  N N3    . DA  A 1 12 ? -10.283 -14.400 -4.159  1.00 38.06 ? 212 DA  C N3    1 
ATOM   241  C C4    . DA  A 1 12 ? -11.147 -13.376 -4.189  1.00 37.07 ? 212 DA  C C4    1 
ATOM   242  P P     . DA  A 1 13 ? -11.672 -13.876 2.099   1.00 56.04 ? 213 DA  C P     1 
ATOM   243  O OP1   . DA  A 1 13 ? -11.698 -14.861 3.219   1.00 55.70 ? 213 DA  C OP1   1 
ATOM   244  O OP2   . DA  A 1 13 ? -11.974 -12.445 2.374   1.00 56.88 ? 213 DA  C OP2   1 
ATOM   245  O "O5'" . DA  A 1 13 ? -10.256 -13.941 1.367   1.00 53.98 ? 213 DA  C "O5'" 1 
ATOM   246  C "C5'" . DA  A 1 13 ? -9.839  -15.138 0.688   1.00 54.56 ? 213 DA  C "C5'" 1 
ATOM   247  C "C4'" . DA  A 1 13 ? -8.489  -14.935 0.039   1.00 52.46 ? 213 DA  C "C4'" 1 
ATOM   248  O "O4'" . DA  A 1 13 ? -8.615  -14.234 -1.217  1.00 50.94 ? 213 DA  C "O4'" 1 
ATOM   249  C "C3'" . DA  A 1 13 ? -7.490  -14.136 0.871   1.00 53.93 ? 213 DA  C "C3'" 1 
ATOM   250  O "O3'" . DA  A 1 13 ? -6.194  -14.723 0.765   1.00 62.14 ? 213 DA  C "O3'" 1 
ATOM   251  C "C2'" . DA  A 1 13 ? -7.479  -12.778 0.198   1.00 48.64 ? 213 DA  C "C2'" 1 
ATOM   252  C "C1'" . DA  A 1 13 ? -7.677  -13.173 -1.244  1.00 46.45 ? 213 DA  C "C1'" 1 
ATOM   253  N N9    . DA  A 1 13 ? -8.226  -12.115 -2.082  1.00 42.65 ? 213 DA  C N9    1 
ATOM   254  C C8    . DA  A 1 13 ? -9.230  -11.230 -1.793  1.00 40.75 ? 213 DA  C C8    1 
ATOM   255  N N7    . DA  A 1 13 ? -9.496  -10.399 -2.771  1.00 39.99 ? 213 DA  C N7    1 
ATOM   256  C C5    . DA  A 1 13 ? -8.604  -10.763 -3.767  1.00 38.50 ? 213 DA  C C5    1 
ATOM   257  C C6    . DA  A 1 13 ? -8.371  -10.262 -5.049  1.00 37.80 ? 213 DA  C C6    1 
ATOM   258  N N6    . DA  A 1 13 ? -9.044  -9.248  -5.581  1.00 40.20 ? 213 DA  C N6    1 
ATOM   259  N N1    . DA  A 1 13 ? -7.405  -10.845 -5.784  1.00 39.89 ? 213 DA  C N1    1 
ATOM   260  C C2    . DA  A 1 13 ? -6.724  -11.857 -5.252  1.00 41.03 ? 213 DA  C C2    1 
ATOM   261  N N3    . DA  A 1 13 ? -6.847  -12.416 -4.056  1.00 41.78 ? 213 DA  C N3    1 
ATOM   262  C C4    . DA  A 1 13 ? -7.816  -11.815 -3.354  1.00 40.21 ? 213 DA  C C4    1 
ATOM   263  P P     . DT  A 1 14 ? -4.984  -14.156 1.664   1.00 66.33 ? 214 DT  C P     1 
ATOM   264  O OP1   . DT  A 1 14 ? -4.461  -15.294 2.463   1.00 64.96 ? 214 DT  C OP1   1 
ATOM   265  O OP2   . DT  A 1 14 ? -5.388  -12.890 2.347   1.00 65.06 ? 214 DT  C OP2   1 
ATOM   266  O "O5'" . DT  A 1 14 ? -3.897  -13.786 0.573   1.00 61.34 ? 214 DT  C "O5'" 1 
ATOM   267  C "C5'" . DT  A 1 14 ? -3.648  -14.673 -0.502  1.00 55.99 ? 214 DT  C "C5'" 1 
ATOM   268  C "C4'" . DT  A 1 14 ? -2.757  -14.005 -1.512  1.00 54.94 ? 214 DT  C "C4'" 1 
ATOM   269  O "O4'" . DT  A 1 14 ? -3.521  -13.077 -2.312  1.00 51.96 ? 214 DT  C "O4'" 1 
ATOM   270  C "C3'" . DT  A 1 14 ? -1.614  -13.197 -0.897  1.00 55.98 ? 214 DT  C "C3'" 1 
ATOM   271  O "O3'" . DT  A 1 14 ? -0.423  -13.467 -1.626  1.00 59.47 ? 214 DT  C "O3'" 1 
ATOM   272  C "C2'" . DT  A 1 14 ? -2.046  -11.758 -1.109  1.00 52.08 ? 214 DT  C "C2'" 1 
ATOM   273  C "C1'" . DT  A 1 14 ? -2.796  -11.877 -2.416  1.00 47.53 ? 214 DT  C "C1'" 1 
ATOM   274  N N1    . DT  A 1 14 ? -3.748  -10.805 -2.669  1.00 44.23 ? 214 DT  C N1    1 
ATOM   275  C C2    . DT  A 1 14 ? -3.721  -10.206 -3.900  1.00 45.39 ? 214 DT  C C2    1 
ATOM   276  O O2    . DT  A 1 14 ? -2.971  -10.565 -4.794  1.00 48.20 ? 214 DT  C O2    1 
ATOM   277  N N3    . DT  A 1 14 ? -4.610  -9.174  -4.056  1.00 44.99 ? 214 DT  C N3    1 
ATOM   278  C C4    . DT  A 1 14 ? -5.509  -8.704  -3.126  1.00 43.54 ? 214 DT  C C4    1 
ATOM   279  O O4    . DT  A 1 14 ? -6.234  -7.753  -3.407  1.00 43.89 ? 214 DT  C O4    1 
ATOM   280  C C5    . DT  A 1 14 ? -5.504  -9.410  -1.856  1.00 45.36 ? 214 DT  C C5    1 
ATOM   281  C C7    . DT  A 1 14 ? -6.465  -8.995  -0.784  1.00 46.31 ? 214 DT  C C7    1 
ATOM   282  C C6    . DT  A 1 14 ? -4.632  -10.409 -1.697  1.00 43.77 ? 214 DT  C C6    1 
ATOM   283  P P     . DT  A 1 15 ? 0.993   -13.006 -1.040  1.00 60.05 ? 215 DT  C P     1 
ATOM   284  O OP1   . DT  A 1 15 ? 1.870   -14.190 -1.208  1.00 61.86 ? 215 DT  C OP1   1 
ATOM   285  O OP2   . DT  A 1 15 ? 0.849   -12.372 0.295   1.00 55.30 ? 215 DT  C OP2   1 
ATOM   286  O "O5'" . DT  A 1 15 ? 1.429   -11.914 -2.098  1.00 54.98 ? 215 DT  C "O5'" 1 
ATOM   287  C "C5'" . DT  A 1 15 ? 1.298   -12.197 -3.489  1.00 56.08 ? 215 DT  C "C5'" 1 
ATOM   288  C "C4'" . DT  A 1 15 ? 1.644   -10.965 -4.286  1.00 57.97 ? 215 DT  C "C4'" 1 
ATOM   289  O "O4'" . DT  A 1 15 ? 0.488   -10.108 -4.454  1.00 55.67 ? 215 DT  C "O4'" 1 
ATOM   290  C "C3'" . DT  A 1 15 ? 2.708   -10.119 -3.595  1.00 61.14 ? 215 DT  C "C3'" 1 
ATOM   291  O "O3'" . DT  A 1 15 ? 3.679   -9.698  -4.548  1.00 66.43 ? 215 DT  C "O3'" 1 
ATOM   292  C "C2'" . DT  A 1 15 ? 1.923   -8.941  -3.040  1.00 56.75 ? 215 DT  C "C2'" 1 
ATOM   293  C "C1'" . DT  A 1 15 ? 0.809   -8.791  -4.056  1.00 49.18 ? 215 DT  C "C1'" 1 
ATOM   294  N N1    . DT  A 1 15 ? -0.415  -8.166  -3.538  1.00 43.78 ? 215 DT  C N1    1 
ATOM   295  C C2    . DT  A 1 15 ? -1.083  -7.304  -4.364  1.00 42.92 ? 215 DT  C C2    1 
ATOM   296  O O2    . DT  A 1 15 ? -0.715  -7.059  -5.496  1.00 43.30 ? 215 DT  C O2    1 
ATOM   297  N N3    . DT  A 1 15 ? -2.207  -6.735  -3.813  1.00 44.22 ? 215 DT  C N3    1 
ATOM   298  C C4    . DT  A 1 15 ? -2.710  -6.940  -2.541  1.00 43.69 ? 215 DT  C C4    1 
ATOM   299  O O4    . DT  A 1 15 ? -3.727  -6.348  -2.176  1.00 45.59 ? 215 DT  C O4    1 
ATOM   300  C C5    . DT  A 1 15 ? -1.961  -7.867  -1.731  1.00 41.17 ? 215 DT  C C5    1 
ATOM   301  C C7    . DT  A 1 15 ? -2.432  -8.154  -0.343  1.00 39.75 ? 215 DT  C C7    1 
ATOM   302  C C6    . DT  A 1 15 ? -0.867  -8.428  -2.264  1.00 42.97 ? 215 DT  C C6    1 
ATOM   303  P P     . DA  A 1 16 ? 5.106   -9.159  -4.049  1.00 68.60 ? 216 DA  C P     1 
ATOM   304  O OP1   . DA  A 1 16 ? 6.146   -10.011 -4.700  1.00 67.41 ? 216 DA  C OP1   1 
ATOM   305  O OP2   . DA  A 1 16 ? 5.122   -8.959  -2.565  1.00 62.37 ? 216 DA  C OP2   1 
ATOM   306  O "O5'" . DA  A 1 16 ? 5.152   -7.738  -4.737  1.00 63.13 ? 216 DA  C "O5'" 1 
ATOM   307  C "C5'" . DA  A 1 16 ? 4.785   -7.602  -6.106  1.00 59.12 ? 216 DA  C "C5'" 1 
ATOM   308  C "C4'" . DA  A 1 16 ? 4.579   -6.143  -6.410  1.00 56.77 ? 216 DA  C "C4'" 1 
ATOM   309  O "O4'" . DA  A 1 16 ? 3.266   -5.725  -5.976  1.00 55.37 ? 216 DA  C "O4'" 1 
ATOM   310  C "C3'" . DA  A 1 16 ? 5.574   -5.284  -5.638  1.00 58.82 ? 216 DA  C "C3'" 1 
ATOM   311  O "O3'" . DA  A 1 16 ? 6.009   -4.214  -6.462  1.00 64.38 ? 216 DA  C "O3'" 1 
ATOM   312  C "C2'" . DA  A 1 16 ? 4.754   -4.758  -4.477  1.00 53.21 ? 216 DA  C "C2'" 1 
ATOM   313  C "C1'" . DA  A 1 16 ? 3.399   -4.607  -5.125  1.00 49.26 ? 216 DA  C "C1'" 1 
ATOM   314  N N9    . DA  A 1 16 ? 2.304   -4.642  -4.170  1.00 44.91 ? 216 DA  C N9    1 
ATOM   315  C C8    . DA  A 1 16 ? 2.208   -5.409  -3.038  1.00 42.77 ? 216 DA  C C8    1 
ATOM   316  N N7    . DA  A 1 16 ? 1.115   -5.198  -2.350  1.00 41.86 ? 216 DA  C N7    1 
ATOM   317  C C5    . DA  A 1 16 ? 0.441   -4.233  -3.090  1.00 39.98 ? 216 DA  C C5    1 
ATOM   318  C C6    . DA  A 1 16 ? -0.789  -3.584  -2.894  1.00 38.28 ? 216 DA  C C6    1 
ATOM   319  N N6    . DA  A 1 16 ? -1.590  -3.820  -1.848  1.00 36.28 ? 216 DA  C N6    1 
ATOM   320  N N1    . DA  A 1 16 ? -1.173  -2.673  -3.820  1.00 38.89 ? 216 DA  C N1    1 
ATOM   321  C C2    . DA  A 1 16 ? -0.365  -2.440  -4.863  1.00 36.66 ? 216 DA  C C2    1 
ATOM   322  N N3    . DA  A 1 16 ? 0.813   -2.990  -5.153  1.00 39.53 ? 216 DA  C N3    1 
ATOM   323  C C4    . DA  A 1 16 ? 1.159   -3.888  -4.216  1.00 39.40 ? 216 DA  C C4    1 
ATOM   324  P P     . DC  A 1 17 ? 7.308   -3.367  -6.058  1.00 65.93 ? 217 DC  C P     1 
ATOM   325  O OP1   . DC  A 1 17 ? 8.176   -3.472  -7.264  1.00 64.48 ? 217 DC  C OP1   1 
ATOM   326  O OP2   . DC  A 1 17 ? 7.838   -3.739  -4.706  1.00 63.33 ? 217 DC  C OP2   1 
ATOM   327  O "O5'" . DC  A 1 17 ? 6.724   -1.895  -5.967  1.00 60.75 ? 217 DC  C "O5'" 1 
ATOM   328  C "C5'" . DC  A 1 17 ? 5.885   -1.413  -7.016  1.00 55.59 ? 217 DC  C "C5'" 1 
ATOM   329  C "C4'" . DC  A 1 17 ? 5.128   -0.197  -6.553  1.00 49.28 ? 217 DC  C "C4'" 1 
ATOM   330  O "O4'" . DC  A 1 17 ? 3.937   -0.562  -5.809  1.00 48.75 ? 217 DC  C "O4'" 1 
ATOM   331  C "C3'" . DC  A 1 17 ? 5.956   0.704   -5.643  1.00 46.13 ? 217 DC  C "C3'" 1 
ATOM   332  O "O3'" . DC  A 1 17 ? 5.806   2.043   -6.071  1.00 41.74 ? 217 DC  C "O3'" 1 
ATOM   333  C "C2'" . DC  A 1 17 ? 5.314   0.509   -4.285  1.00 46.92 ? 217 DC  C "C2'" 1 
ATOM   334  C "C1'" . DC  A 1 17 ? 3.866   0.256   -4.669  1.00 44.84 ? 217 DC  C "C1'" 1 
ATOM   335  N N1    . DC  A 1 17 ? 3.131   -0.460  -3.624  1.00 40.52 ? 217 DC  C N1    1 
ATOM   336  C C2    . DC  A 1 17 ? 1.816   -0.106  -3.352  1.00 37.32 ? 217 DC  C C2    1 
ATOM   337  O O2    . DC  A 1 17 ? 1.232   0.688   -4.112  1.00 39.20 ? 217 DC  C O2    1 
ATOM   338  N N3    . DC  A 1 17 ? 1.206   -0.646  -2.280  1.00 36.77 ? 217 DC  C N3    1 
ATOM   339  C C4    . DC  A 1 17 ? 1.852   -1.540  -1.525  1.00 37.68 ? 217 DC  C C4    1 
ATOM   340  N N4    . DC  A 1 17 ? 1.243   -2.015  -0.433  1.00 36.67 ? 217 DC  C N4    1 
ATOM   341  C C5    . DC  A 1 17 ? 3.158   -1.982  -1.841  1.00 36.80 ? 217 DC  C C5    1 
ATOM   342  C C6    . DC  A 1 17 ? 3.755   -1.424  -2.888  1.00 37.58 ? 217 DC  C C6    1 
ATOM   343  P P     . DC  A 1 18 ? 6.624   3.207   -5.349  1.00 37.45 ? 218 DC  C P     1 
ATOM   344  O OP1   . DC  A 1 18 ? 7.302   3.937   -6.428  1.00 45.72 ? 218 DC  C OP1   1 
ATOM   345  O OP2   . DC  A 1 18 ? 7.413   2.684   -4.207  1.00 43.08 ? 218 DC  C OP2   1 
ATOM   346  O "O5'" . DC  A 1 18 ? 5.450   4.134   -4.827  1.00 40.08 ? 218 DC  C "O5'" 1 
ATOM   347  C "C5'" . DC  A 1 18 ? 4.374   4.464   -5.718  1.00 38.48 ? 218 DC  C "C5'" 1 
ATOM   348  C "C4'" . DC  A 1 18 ? 3.297   5.219   -4.983  1.00 37.03 ? 218 DC  C "C4'" 1 
ATOM   349  O "O4'" . DC  A 1 18 ? 2.416   4.286   -4.312  1.00 37.64 ? 218 DC  C "O4'" 1 
ATOM   350  C "C3'" . DC  A 1 18 ? 3.891   6.105   -3.906  1.00 36.84 ? 218 DC  C "C3'" 1 
ATOM   351  O "O3'" . DC  A 1 18 ? 3.707   7.468   -4.150  1.00 37.99 ? 218 DC  C "O3'" 1 
ATOM   352  C "C2'" . DC  A 1 18 ? 3.181   5.716   -2.628  1.00 40.48 ? 218 DC  C "C2'" 1 
ATOM   353  C "C1'" . DC  A 1 18 ? 2.095   4.741   -3.014  1.00 35.73 ? 218 DC  C "C1'" 1 
ATOM   354  N N1    . DC  A 1 18 ? 2.223   3.607   -2.095  1.00 35.60 ? 218 DC  C N1    1 
ATOM   355  C C2    . DC  A 1 18 ? 1.253   3.412   -1.122  1.00 35.21 ? 218 DC  C C2    1 
ATOM   356  O O2    . DC  A 1 18 ? 0.247   4.134   -1.127  1.00 35.72 ? 218 DC  C O2    1 
ATOM   357  N N3    . DC  A 1 18 ? 1.440   2.447   -0.191  1.00 32.63 ? 218 DC  C N3    1 
ATOM   358  C C4    . DC  A 1 18 ? 2.550   1.706   -0.218  1.00 36.56 ? 218 DC  C C4    1 
ATOM   359  N N4    . DC  A 1 18 ? 2.739   0.821   0.766   1.00 36.21 ? 218 DC  C N4    1 
ATOM   360  C C5    . DC  A 1 18 ? 3.527   1.844   -1.240  1.00 35.47 ? 218 DC  C C5    1 
ATOM   361  C C6    . DC  A 1 18 ? 3.318   2.793   -2.157  1.00 36.26 ? 218 DC  C C6    1 
ATOM   362  P P     . DT  A 1 19 ? 4.523   8.509   -3.270  1.00 42.39 ? 219 DT  C P     1 
ATOM   363  O OP1   . DT  A 1 19 ? 4.780   9.693   -4.127  1.00 43.66 ? 219 DT  C OP1   1 
ATOM   364  O OP2   . DT  A 1 19 ? 5.651   7.818   -2.612  1.00 37.53 ? 219 DT  C OP2   1 
ATOM   365  O "O5'" . DT  A 1 19 ? 3.440   8.897   -2.183  1.00 43.52 ? 219 DT  C "O5'" 1 
ATOM   366  C "C5'" . DT  A 1 19 ? 2.145   9.325   -2.613  1.00 39.99 ? 219 DT  C "C5'" 1 
ATOM   367  C "C4'" . DT  A 1 19 ? 1.237   9.519   -1.429  1.00 39.13 ? 219 DT  C "C4'" 1 
ATOM   368  O "O4'" . DT  A 1 19 ? 1.100   8.260   -0.737  1.00 37.80 ? 219 DT  C "O4'" 1 
ATOM   369  C "C3'" . DT  A 1 19 ? 1.749   10.519  -0.406  1.00 41.24 ? 219 DT  C "C3'" 1 
ATOM   370  O "O3'" . DT  A 1 19 ? 0.676   11.383  -0.059  1.00 48.92 ? 219 DT  C "O3'" 1 
ATOM   371  C "C2'" . DT  A 1 19 ? 2.234   9.653   0.750   1.00 37.97 ? 219 DT  C "C2'" 1 
ATOM   372  C "C1'" . DT  A 1 19 ? 1.414   8.385   0.631   1.00 34.79 ? 219 DT  C "C1'" 1 
ATOM   373  N N1    . DT  A 1 19 ? 2.093   7.136   1.034   1.00 37.27 ? 219 DT  C N1    1 
ATOM   374  C C2    . DT  A 1 19 ? 1.516   6.357   2.019   1.00 39.25 ? 219 DT  C C2    1 
ATOM   375  O O2    . DT  A 1 19 ? 0.478   6.651   2.579   1.00 44.19 ? 219 DT  C O2    1 
ATOM   376  N N3    . DT  A 1 19 ? 2.203   5.210   2.324   1.00 37.30 ? 219 DT  C N3    1 
ATOM   377  C C4    . DT  A 1 19 ? 3.376   4.764   1.754   1.00 37.37 ? 219 DT  C C4    1 
ATOM   378  O O4    . DT  A 1 19 ? 3.874   3.700   2.127   1.00 40.16 ? 219 DT  C O4    1 
ATOM   379  C C5    . DT  A 1 19 ? 3.926   5.623   0.726   1.00 36.45 ? 219 DT  C C5    1 
ATOM   380  C C7    . DT  A 1 19 ? 5.192   5.209   0.040   1.00 34.99 ? 219 DT  C C7    1 
ATOM   381  C C6    . DT  A 1 19 ? 3.268   6.754   0.428   1.00 36.12 ? 219 DT  C C6    1 
ATOM   382  P P     . DA  A 1 20 ? 0.960   12.698  0.811   1.00 58.08 ? 220 DA  C P     1 
ATOM   383  O OP1   . DA  A 1 20 ? -0.171  13.616  0.533   1.00 59.10 ? 220 DA  C OP1   1 
ATOM   384  O OP2   . DA  A 1 20 ? 2.363   13.185  0.658   1.00 55.70 ? 220 DA  C OP2   1 
ATOM   385  O "O5'" . DA  A 1 20 ? 0.787   12.146  2.290   1.00 58.07 ? 220 DA  C "O5'" 1 
ATOM   386  C "C5'" . DA  A 1 20 ? -0.412  11.457  2.663   1.00 55.56 ? 220 DA  C "C5'" 1 
ATOM   387  C "C4'" . DA  A 1 20 ? -0.372  11.120  4.130   1.00 55.81 ? 220 DA  C "C4'" 1 
ATOM   388  O "O4'" . DA  A 1 20 ? 0.282   9.849   4.352   1.00 53.41 ? 220 DA  C "O4'" 1 
ATOM   389  C "C3'" . DA  A 1 20 ? 0.398   12.153  4.948   1.00 58.63 ? 220 DA  C "C3'" 1 
ATOM   390  O "O3'" . DA  A 1 20 ? -0.282  12.399  6.181   1.00 69.16 ? 220 DA  C "O3'" 1 
ATOM   391  C "C2'" . DA  A 1 20 ? 1.739   11.483  5.179   1.00 53.70 ? 220 DA  C "C2'" 1 
ATOM   392  C "C1'" . DA  A 1 20 ? 1.348   10.021  5.267   1.00 50.25 ? 220 DA  C "C1'" 1 
ATOM   393  N N9    . DA  A 1 20 ? 2.420   9.111   4.882   1.00 47.78 ? 220 DA  C N9    1 
ATOM   394  C C8    . DA  A 1 20 ? 3.442   9.333   3.986   1.00 46.39 ? 220 DA  C C8    1 
ATOM   395  N N7    . DA  A 1 20 ? 4.263   8.321   3.866   1.00 46.08 ? 220 DA  C N7    1 
ATOM   396  C C5    . DA  A 1 20 ? 3.753   7.371   4.741   1.00 43.37 ? 220 DA  C C5    1 
ATOM   397  C C6    . DA  A 1 20 ? 4.179   6.080   5.088   1.00 44.82 ? 220 DA  C C6    1 
ATOM   398  N N6    . DA  A 1 20 ? 5.280   5.510   4.592   1.00 43.90 ? 220 DA  C N6    1 
ATOM   399  N N1    . DA  A 1 20 ? 3.436   5.388   5.983   1.00 45.38 ? 220 DA  C N1    1 
ATOM   400  C C2    . DA  A 1 20 ? 2.348   5.978   6.501   1.00 45.43 ? 220 DA  C C2    1 
ATOM   401  N N3    . DA  A 1 20 ? 1.854   7.194   6.264   1.00 42.42 ? 220 DA  C N3    1 
ATOM   402  C C4    . DA  A 1 20 ? 2.611   7.843   5.365   1.00 43.59 ? 220 DA  C C4    1 
ATOM   403  P P     . DA  A 1 21 ? 0.326   13.444  7.249   1.00 73.84 ? 221 DA  C P     1 
ATOM   404  O OP1   . DA  A 1 21 ? -0.748  14.438  7.489   1.00 73.26 ? 221 DA  C OP1   1 
ATOM   405  O OP2   . DA  A 1 21 ? 1.682   13.918  6.831   1.00 73.33 ? 221 DA  C OP2   1 
ATOM   406  O "O5'" . DA  A 1 21 ? 0.492   12.535  8.543   1.00 69.16 ? 221 DA  C "O5'" 1 
ATOM   407  C "C5'" . DA  A 1 21 ? -0.360  11.386  8.738   1.00 68.02 ? 221 DA  C "C5'" 1 
ATOM   408  C "C4'" . DA  A 1 21 ? 0.231   10.477  9.788   1.00 67.77 ? 221 DA  C "C4'" 1 
ATOM   409  O "O4'" . DA  A 1 21 ? 1.191   9.545   9.223   1.00 66.57 ? 221 DA  C "O4'" 1 
ATOM   410  C "C3'" . DA  A 1 21 ? 0.981   11.241  10.881  1.00 67.97 ? 221 DA  C "C3'" 1 
ATOM   411  O "O3'" . DA  A 1 21 ? 0.897   10.519  12.118  1.00 72.00 ? 221 DA  C "O3'" 1 
ATOM   412  C "C2'" . DA  A 1 21 ? 2.423   11.131  10.425  1.00 63.82 ? 221 DA  C "C2'" 1 
ATOM   413  C "C1'" . DA  A 1 21 ? 2.425   9.702   9.913   1.00 60.69 ? 221 DA  C "C1'" 1 
ATOM   414  N N9    . DA  A 1 21 ? 3.522   9.348   9.010   1.00 54.51 ? 221 DA  C N9    1 
ATOM   415  C C8    . DA  A 1 21 ? 4.158   10.127  8.071   1.00 48.75 ? 221 DA  C C8    1 
ATOM   416  N N7    . DA  A 1 21 ? 5.146   9.517   7.462   1.00 46.95 ? 221 DA  C N7    1 
ATOM   417  C C5    . DA  A 1 21 ? 5.157   8.246   8.028   1.00 46.86 ? 221 DA  C C5    1 
ATOM   418  C C6    . DA  A 1 21 ? 5.973   7.110   7.814   1.00 46.16 ? 221 DA  C C6    1 
ATOM   419  N N6    . DA  A 1 21 ? 6.992   7.082   6.954   1.00 43.55 ? 221 DA  C N6    1 
ATOM   420  N N1    . DA  A 1 21 ? 5.705   5.993   8.534   1.00 46.27 ? 221 DA  C N1    1 
ATOM   421  C C2    . DA  A 1 21 ? 4.693   6.028   9.415   1.00 45.89 ? 221 DA  C C2    1 
ATOM   422  N N3    . DA  A 1 21 ? 3.866   7.034   9.713   1.00 47.66 ? 221 DA  C N3    1 
ATOM   423  C C4    . DA  A 1 21 ? 4.154   8.125   8.973   1.00 48.63 ? 221 DA  C C4    1 
ATOM   424  O "O5'" . DA  B 2 1  ? 16.760  0.673   6.703   1.00 72.33 ? 322 DA  D "O5'" 1 
ATOM   425  C "C5'" . DA  B 2 1  ? 15.347  0.828   6.828   1.00 72.22 ? 322 DA  D "C5'" 1 
ATOM   426  C "C4'" . DA  B 2 1  ? 14.792  0.512   8.198   1.00 73.94 ? 322 DA  D "C4'" 1 
ATOM   427  O "O4'" . DA  B 2 1  ? 14.675  1.770   8.917   1.00 70.84 ? 322 DA  D "O4'" 1 
ATOM   428  C "C3'" . DA  B 2 1  ? 13.378  -0.074  8.121   1.00 77.87 ? 322 DA  D "C3'" 1 
ATOM   429  O "O3'" . DA  B 2 1  ? 13.097  -1.207  8.935   1.00 85.18 ? 322 DA  D "O3'" 1 
ATOM   430  C "C2'" . DA  B 2 1  ? 12.455  1.038   8.560   1.00 74.21 ? 322 DA  D "C2'" 1 
ATOM   431  C "C1'" . DA  B 2 1  ? 13.319  2.059   9.253   1.00 66.29 ? 322 DA  D "C1'" 1 
ATOM   432  N N9    . DA  B 2 1  ? 12.934  3.298   8.590   1.00 56.34 ? 322 DA  D N9    1 
ATOM   433  C C8    . DA  B 2 1  ? 13.356  3.817   7.390   1.00 51.96 ? 322 DA  D C8    1 
ATOM   434  N N7    . DA  B 2 1  ? 12.703  4.889   7.020   1.00 46.00 ? 322 DA  D N7    1 
ATOM   435  C C5    . DA  B 2 1  ? 11.811  5.099   8.061   1.00 47.03 ? 322 DA  D C5    1 
ATOM   436  C C6    . DA  B 2 1  ? 10.839  6.070   8.273   1.00 47.05 ? 322 DA  D C6    1 
ATOM   437  N N6    . DA  B 2 1  ? 10.568  7.038   7.407   1.00 46.83 ? 322 DA  D N6    1 
ATOM   438  N N1    . DA  B 2 1  ? 10.135  6.006   9.424   1.00 47.26 ? 322 DA  D N1    1 
ATOM   439  C C2    . DA  B 2 1  ? 10.398  5.018   10.287  1.00 44.06 ? 322 DA  D C2    1 
ATOM   440  N N3    . DA  B 2 1  ? 11.281  4.042   10.193  1.00 44.66 ? 322 DA  D N3    1 
ATOM   441  C C4    . DA  B 2 1  ? 11.964  4.144   9.044   1.00 49.43 ? 322 DA  D C4    1 
ATOM   442  P P     . DT  B 2 2  ? 11.803  -2.099  8.565   1.00 90.02 ? 323 DT  D P     1 
ATOM   443  O OP1   . DT  B 2 2  ? 12.276  -3.456  8.283   1.00 89.99 ? 323 DT  D OP1   1 
ATOM   444  O OP2   . DT  B 2 2  ? 11.067  -1.377  7.494   1.00 86.01 ? 323 DT  D OP2   1 
ATOM   445  O "O5'" . DT  B 2 2  ? 10.867  -2.120  9.876   1.00 84.51 ? 323 DT  D "O5'" 1 
ATOM   446  C "C5'" . DT  B 2 2  ? 10.943  -1.108  10.927  1.00 71.20 ? 323 DT  D "C5'" 1 
ATOM   447  C "C4'" . DT  B 2 2  ? 9.564   -0.754  11.446  1.00 64.02 ? 323 DT  D "C4'" 1 
ATOM   448  O "O4'" . DT  B 2 2  ? 9.239   0.618   11.115  1.00 60.38 ? 323 DT  D "O4'" 1 
ATOM   449  C "C3'" . DT  B 2 2  ? 8.398   -1.595  10.916  1.00 64.92 ? 323 DT  D "C3'" 1 
ATOM   450  O "O3'" . DT  B 2 2  ? 7.424   -1.857  11.931  1.00 69.34 ? 323 DT  D "O3'" 1 
ATOM   451  C "C2'" . DT  B 2 2  ? 7.777   -0.710  9.854   1.00 61.92 ? 323 DT  D "C2'" 1 
ATOM   452  C "C1'" . DT  B 2 2  ? 8.002   0.681   10.407  1.00 56.48 ? 323 DT  D "C1'" 1 
ATOM   453  N N1    . DT  B 2 2  ? 8.122   1.716   9.342   1.00 50.77 ? 323 DT  D N1    1 
ATOM   454  C C2    . DT  B 2 2  ? 7.349   2.851   9.443   1.00 45.43 ? 323 DT  D C2    1 
ATOM   455  O O2    . DT  B 2 2  ? 6.572   3.053   10.362  1.00 49.20 ? 323 DT  D O2    1 
ATOM   456  N N3    . DT  B 2 2  ? 7.521   3.751   8.420   1.00 41.48 ? 323 DT  D N3    1 
ATOM   457  C C4    . DT  B 2 2  ? 8.362   3.632   7.333   1.00 42.14 ? 323 DT  D C4    1 
ATOM   458  O O4    . DT  B 2 2  ? 8.399   4.522   6.494   1.00 42.38 ? 323 DT  D O4    1 
ATOM   459  C C5    . DT  B 2 2  ? 9.143   2.422   7.287   1.00 42.40 ? 323 DT  D C5    1 
ATOM   460  C C7    . DT  B 2 2  ? 10.090  2.211   6.149   1.00 42.17 ? 323 DT  D C7    1 
ATOM   461  C C6    . DT  B 2 2  ? 8.986   1.535   8.278   1.00 48.01 ? 323 DT  D C6    1 
ATOM   462  P P     . DT  B 2 3  ? 6.096   -2.709  11.567  1.00 73.21 ? 324 DT  D P     1 
ATOM   463  O OP1   . DT  B 2 3  ? 5.682   -3.433  12.795  1.00 71.77 ? 324 DT  D OP1   1 
ATOM   464  O OP2   . DT  B 2 3  ? 6.310   -3.473  10.305  1.00 64.56 ? 324 DT  D OP2   1 
ATOM   465  O "O5'" . DT  B 2 3  ? 5.013   -1.577  11.286  1.00 71.07 ? 324 DT  D "O5'" 1 
ATOM   466  C "C5'" . DT  B 2 3  ? 4.699   -0.595  12.302  1.00 69.95 ? 324 DT  D "C5'" 1 
ATOM   467  C "C4'" . DT  B 2 3  ? 3.393   0.082   11.970  1.00 68.03 ? 324 DT  D "C4'" 1 
ATOM   468  O "O4'" . DT  B 2 3  ? 3.605   1.197   11.069  1.00 64.32 ? 324 DT  D "O4'" 1 
ATOM   469  C "C3'" . DT  B 2 3  ? 2.455   -0.882  11.247  1.00 69.71 ? 324 DT  D "C3'" 1 
ATOM   470  O "O3'" . DT  B 2 3  ? 1.109   -0.737  11.681  1.00 76.57 ? 324 DT  D "O3'" 1 
ATOM   471  C "C2'" . DT  B 2 3  ? 2.584   -0.477  9.795   1.00 64.96 ? 324 DT  D "C2'" 1 
ATOM   472  C "C1'" . DT  B 2 3  ? 2.829   1.015   9.892   1.00 59.62 ? 324 DT  D "C1'" 1 
ATOM   473  N N1    . DT  B 2 3  ? 3.618   1.472   8.748   1.00 51.46 ? 324 DT  D N1    1 
ATOM   474  C C2    . DT  B 2 3  ? 3.462   2.755   8.266   1.00 48.50 ? 324 DT  D C2    1 
ATOM   475  O O2    . DT  B 2 3  ? 2.719   3.584   8.774   1.00 47.33 ? 324 DT  D O2    1 
ATOM   476  N N3    . DT  B 2 3  ? 4.218   3.033   7.154   1.00 45.77 ? 324 DT  D N3    1 
ATOM   477  C C4    . DT  B 2 3  ? 5.092   2.177   6.507   1.00 46.59 ? 324 DT  D C4    1 
ATOM   478  O O4    . DT  B 2 3  ? 5.685   2.556   5.507   1.00 48.91 ? 324 DT  D O4    1 
ATOM   479  C C5    . DT  B 2 3  ? 5.226   0.864   7.091   1.00 45.70 ? 324 DT  D C5    1 
ATOM   480  C C7    . DT  B 2 3  ? 6.170   -0.120  6.479   1.00 45.02 ? 324 DT  D C7    1 
ATOM   481  C C6    . DT  B 2 3  ? 4.491   0.584   8.165   1.00 48.54 ? 324 DT  D C6    1 
ATOM   482  P P     . DA  B 2 4  ? 0.007   -1.824  11.221  1.00 80.18 ? 325 DA  D P     1 
ATOM   483  O OP1   . DA  B 2 4  ? -0.480  -2.535  12.440  1.00 80.72 ? 325 DA  D OP1   1 
ATOM   484  O OP2   . DA  B 2 4  ? 0.535   -2.615  10.074  1.00 74.77 ? 325 DA  D OP2   1 
ATOM   485  O "O5'" . DA  B 2 4  ? -1.167  -0.900  10.676  1.00 76.12 ? 325 DA  D "O5'" 1 
ATOM   486  C "C5'" . DA  B 2 4  ? -1.494  0.337   11.334  1.00 69.60 ? 325 DA  D "C5'" 1 
ATOM   487  C "C4'" . DA  B 2 4  ? -2.308  1.201   10.403  1.00 67.25 ? 325 DA  D "C4'" 1 
ATOM   488  O "O4'" . DA  B 2 4  ? -1.431  1.869   9.463   1.00 63.33 ? 325 DA  D "O4'" 1 
ATOM   489  C "C3'" . DA  B 2 4  ? -3.293  0.382   9.565   1.00 69.48 ? 325 DA  D "C3'" 1 
ATOM   490  O "O3'" . DA  B 2 4  ? -4.542  1.063   9.419   1.00 77.35 ? 325 DA  D "O3'" 1 
ATOM   491  C "C2'" . DA  B 2 4  ? -2.595  0.261   8.226   1.00 63.16 ? 325 DA  D "C2'" 1 
ATOM   492  C "C1'" . DA  B 2 4  ? -1.845  1.578   8.140   1.00 56.61 ? 325 DA  D "C1'" 1 
ATOM   493  N N9    . DA  B 2 4  ? -0.656  1.492   7.295   1.00 49.10 ? 325 DA  D N9    1 
ATOM   494  C C8    . DA  B 2 4  ? 0.216   0.438   7.202   1.00 46.84 ? 325 DA  D C8    1 
ATOM   495  N N7    . DA  B 2 4  ? 1.156   0.604   6.307   1.00 44.74 ? 325 DA  D N7    1 
ATOM   496  C C5    . DA  B 2 4  ? 0.897   1.860   5.787   1.00 41.19 ? 325 DA  D C5    1 
ATOM   497  C C6    . DA  B 2 4  ? 1.537   2.603   4.799   1.00 40.79 ? 325 DA  D C6    1 
ATOM   498  N N6    . DA  B 2 4  ? 2.605   2.163   4.134   1.00 42.24 ? 325 DA  D N6    1 
ATOM   499  N N1    . DA  B 2 4  ? 1.039   3.825   4.507   1.00 39.19 ? 325 DA  D N1    1 
ATOM   500  C C2    . DA  B 2 4  ? -0.038  4.252   5.179   1.00 39.54 ? 325 DA  D C2    1 
ATOM   501  N N3    . DA  B 2 4  ? -0.732  3.636   6.136   1.00 41.17 ? 325 DA  D N3    1 
ATOM   502  C C4    . DA  B 2 4  ? -0.205  2.428   6.394   1.00 41.91 ? 325 DA  D C4    1 
ATOM   503  P P     . DG  B 2 5  ? -5.860  0.245   8.966   1.00 82.68 ? 326 DG  D P     1 
ATOM   504  O OP1   . DG  B 2 5  ? -6.888  0.563   10.009  1.00 82.06 ? 326 DG  D OP1   1 
ATOM   505  O OP2   . DG  B 2 5  ? -5.561  -1.191  8.610   1.00 75.83 ? 326 DG  D OP2   1 
ATOM   506  O "O5'" . DG  B 2 5  ? -6.284  0.973   7.621   1.00 76.12 ? 326 DG  D "O5'" 1 
ATOM   507  C "C5'" . DG  B 2 5  ? -6.329  2.408   7.549   1.00 70.25 ? 326 DG  D "C5'" 1 
ATOM   508  C "C4'" . DG  B 2 5  ? -6.322  2.836   6.099   1.00 64.65 ? 326 DG  D "C4'" 1 
ATOM   509  O "O4'" . DG  B 2 5  ? -4.974  2.776   5.560   1.00 64.26 ? 326 DG  D "O4'" 1 
ATOM   510  C "C3'" . DG  B 2 5  ? -7.180  1.921   5.219   1.00 61.65 ? 326 DG  D "C3'" 1 
ATOM   511  O "O3'" . DG  B 2 5  ? -7.919  2.692   4.267   1.00 56.20 ? 326 DG  D "O3'" 1 
ATOM   512  C "C2'" . DG  B 2 5  ? -6.152  1.039   4.530   1.00 60.54 ? 326 DG  D "C2'" 1 
ATOM   513  C "C1'" . DG  B 2 5  ? -4.999  2.014   4.361   1.00 58.86 ? 326 DG  D "C1'" 1 
ATOM   514  N N9    . DG  B 2 5  ? -3.694  1.393   4.154   1.00 50.90 ? 326 DG  D N9    1 
ATOM   515  C C8    . DG  B 2 5  ? -3.257  0.199   4.672   1.00 47.93 ? 326 DG  D C8    1 
ATOM   516  N N7    . DG  B 2 5  ? -2.082  -0.156  4.225   1.00 47.11 ? 326 DG  D N7    1 
ATOM   517  C C5    . DG  B 2 5  ? -1.704  0.876   3.373   1.00 44.83 ? 326 DG  D C5    1 
ATOM   518  C C6    . DG  B 2 5  ? -0.535  1.029   2.576   1.00 41.71 ? 326 DG  D C6    1 
ATOM   519  O O6    . DG  B 2 5  ? 0.424   0.260   2.467   1.00 42.05 ? 326 DG  D O6    1 
ATOM   520  N N1    . DG  B 2 5  ? -0.559  2.214   1.854   1.00 38.14 ? 326 DG  D N1    1 
ATOM   521  C C2    . DG  B 2 5  ? -1.578  3.138   1.884   1.00 42.67 ? 326 DG  D C2    1 
ATOM   522  N N2    . DG  B 2 5  ? -1.424  4.220   1.090   1.00 38.01 ? 326 DG  D N2    1 
ATOM   523  N N3    . DG  B 2 5  ? -2.674  3.011   2.630   1.00 44.73 ? 326 DG  D N3    1 
ATOM   524  C C4    . DG  B 2 5  ? -2.673  1.856   3.339   1.00 47.39 ? 326 DG  D C4    1 
ATOM   525  P P     . DG  B 2 6  ? -8.953  1.967   3.268   1.00 53.30 ? 327 DG  D P     1 
ATOM   526  O OP1   . DG  B 2 6  ? -10.306 2.523   3.569   1.00 55.96 ? 327 DG  D OP1   1 
ATOM   527  O OP2   . DG  B 2 6  ? -8.751  0.489   3.212   1.00 51.52 ? 327 DG  D OP2   1 
ATOM   528  O "O5'" . DG  B 2 6  ? -8.500  2.532   1.861   1.00 51.53 ? 327 DG  D "O5'" 1 
ATOM   529  C "C5'" . DG  B 2 6  ? -8.067  3.888   1.735   1.00 47.56 ? 327 DG  D "C5'" 1 
ATOM   530  C "C4'" . DG  B 2 6  ? -7.425  4.077   0.385   1.00 44.51 ? 327 DG  D "C4'" 1 
ATOM   531  O "O4'" . DG  B 2 6  ? -6.020  3.739   0.476   1.00 45.61 ? 327 DG  D "O4'" 1 
ATOM   532  C "C3'" . DG  B 2 6  ? -8.042  3.115   -0.623  1.00 43.62 ? 327 DG  D "C3'" 1 
ATOM   533  O "O3'" . DG  B 2 6  ? -8.538  3.731   -1.783  1.00 40.78 ? 327 DG  D "O3'" 1 
ATOM   534  C "C2'" . DG  B 2 6  ? -6.911  2.199   -1.025  1.00 47.62 ? 327 DG  D "C2'" 1 
ATOM   535  C "C1'" . DG  B 2 6  ? -5.651  2.930   -0.621  1.00 43.73 ? 327 DG  D "C1'" 1 
ATOM   536  N N9    . DG  B 2 6  ? -4.731  1.903   -0.143  1.00 43.92 ? 327 DG  D N9    1 
ATOM   537  C C8    . DG  B 2 6  ? -4.965  1.032   0.892   1.00 40.70 ? 327 DG  D C8    1 
ATOM   538  N N7    . DG  B 2 6  ? -4.050  0.103   0.993   1.00 42.61 ? 327 DG  D N7    1 
ATOM   539  C C5    . DG  B 2 6  ? -3.132  0.412   -0.006  1.00 42.54 ? 327 DG  D C5    1 
ATOM   540  C C6    . DG  B 2 6  ? -1.934  -0.249  -0.387  1.00 40.60 ? 327 DG  D C6    1 
ATOM   541  O O6    . DG  B 2 6  ? -1.434  -1.264  0.103   1.00 42.47 ? 327 DG  D O6    1 
ATOM   542  N N1    . DG  B 2 6  ? -1.310  0.386   -1.459  1.00 39.00 ? 327 DG  D N1    1 
ATOM   543  C C2    . DG  B 2 6  ? -1.775  1.512   -2.092  1.00 40.75 ? 327 DG  D C2    1 
ATOM   544  N N2    . DG  B 2 6  ? -1.025  1.960   -3.118  1.00 38.40 ? 327 DG  D N2    1 
ATOM   545  N N3    . DG  B 2 6  ? -2.894  2.147   -1.745  1.00 41.23 ? 327 DG  D N3    1 
ATOM   546  C C4    . DG  B 2 6  ? -3.517  1.542   -0.705  1.00 42.97 ? 327 DG  D C4    1 
ATOM   547  P P     . DT  B 2 7  ? -9.304  2.832   -2.851  1.00 43.43 ? 328 DT  D P     1 
ATOM   548  O OP1   . DT  B 2 7  ? -10.440 3.640   -3.329  1.00 43.08 ? 328 DT  D OP1   1 
ATOM   549  O OP2   . DT  B 2 7  ? -9.540  1.459   -2.299  1.00 37.26 ? 328 DT  D OP2   1 
ATOM   550  O "O5'" . DT  B 2 7  ? -8.240  2.738   -4.020  1.00 44.83 ? 328 DT  D "O5'" 1 
ATOM   551  C "C5'" . DT  B 2 7  ? -7.566  3.921   -4.465  1.00 41.24 ? 328 DT  D "C5'" 1 
ATOM   552  C "C4'" . DT  B 2 7  ? -6.623  3.571   -5.585  1.00 38.55 ? 328 DT  D "C4'" 1 
ATOM   553  O "O4'" . DT  B 2 7  ? -5.557  2.766   -5.040  1.00 39.82 ? 328 DT  D "O4'" 1 
ATOM   554  C "C3'" . DT  B 2 7  ? -7.288  2.717   -6.653  1.00 41.20 ? 328 DT  D "C3'" 1 
ATOM   555  O "O3'" . DT  B 2 7  ? -6.817  3.086   -7.932  1.00 47.23 ? 328 DT  D "O3'" 1 
ATOM   556  C "C2'" . DT  B 2 7  ? -6.858  1.305   -6.316  1.00 39.58 ? 328 DT  D "C2'" 1 
ATOM   557  C "C1'" . DT  B 2 7  ? -5.499  1.514   -5.689  1.00 36.56 ? 328 DT  D "C1'" 1 
ATOM   558  N N1    . DT  B 2 7  ? -5.130  0.505   -4.681  1.00 36.97 ? 328 DT  D N1    1 
ATOM   559  C C2    . DT  B 2 7  ? -3.900  -0.106  -4.796  1.00 38.01 ? 328 DT  D C2    1 
ATOM   560  O O2    . DT  B 2 7  ? -3.083  0.178   -5.664  1.00 42.37 ? 328 DT  D O2    1 
ATOM   561  N N3    . DT  B 2 7  ? -3.648  -1.066  -3.851  1.00 38.11 ? 328 DT  D N3    1 
ATOM   562  C C4    . DT  B 2 7  ? -4.476  -1.456  -2.815  1.00 37.81 ? 328 DT  D C4    1 
ATOM   563  O O4    . DT  B 2 7  ? -4.111  -2.340  -2.047  1.00 39.51 ? 328 DT  D O4    1 
ATOM   564  C C5    . DT  B 2 7  ? -5.740  -0.759  -2.735  1.00 36.86 ? 328 DT  D C5    1 
ATOM   565  C C7    . DT  B 2 7  ? -6.691  -1.109  -1.631  1.00 35.33 ? 328 DT  D C7    1 
ATOM   566  C C6    . DT  B 2 7  ? -6.001  0.177   -3.660  1.00 36.30 ? 328 DT  D C6    1 
ATOM   567  P P     . DA  B 2 8  ? -7.484  2.430   -9.217  1.00 52.93 ? 329 DA  D P     1 
ATOM   568  O OP1   . DA  B 2 8  ? -7.502  3.500   -10.248 1.00 55.12 ? 329 DA  D OP1   1 
ATOM   569  O OP2   . DA  B 2 8  ? -8.744  1.729   -8.845  1.00 53.83 ? 329 DA  D OP2   1 
ATOM   570  O "O5'" . DA  B 2 8  ? -6.442  1.306   -9.605  1.00 50.11 ? 329 DA  D "O5'" 1 
ATOM   571  C "C5'" . DA  B 2 8  ? -5.097  1.650   -9.887  1.00 49.68 ? 329 DA  D "C5'" 1 
ATOM   572  C "C4'" . DA  B 2 8  ? -4.344  0.415   -10.296 1.00 50.31 ? 329 DA  D "C4'" 1 
ATOM   573  O "O4'" . DA  B 2 8  ? -4.099  -0.401  -9.130  1.00 50.18 ? 329 DA  D "O4'" 1 
ATOM   574  C "C3'" . DA  B 2 8  ? -5.114  -0.467  -11.278 1.00 52.86 ? 329 DA  D "C3'" 1 
ATOM   575  O "O3'" . DA  B 2 8  ? -4.207  -0.969  -12.261 1.00 60.63 ? 329 DA  D "O3'" 1 
ATOM   576  C "C2'" . DA  B 2 8  ? -5.651  -1.583  -10.400 1.00 48.36 ? 329 DA  D "C2'" 1 
ATOM   577  C "C1'" . DA  B 2 8  ? -4.566  -1.714  -9.354  1.00 45.19 ? 329 DA  D "C1'" 1 
ATOM   578  N N9    . DA  B 2 8  ? -5.007  -2.256  -8.072  1.00 43.04 ? 329 DA  D N9    1 
ATOM   579  C C8    . DA  B 2 8  ? -6.185  -2.035  -7.407  1.00 43.02 ? 329 DA  D C8    1 
ATOM   580  N N7    . DA  B 2 8  ? -6.282  -2.693  -6.278  1.00 43.65 ? 329 DA  D N7    1 
ATOM   581  C C5    . DA  B 2 8  ? -5.085  -3.389  -6.192  1.00 41.12 ? 329 DA  D C5    1 
ATOM   582  C C6    . DA  B 2 8  ? -4.565  -4.280  -5.231  1.00 42.03 ? 329 DA  D C6    1 
ATOM   583  N N6    . DA  B 2 8  ? -5.210  -4.636  -4.114  1.00 41.63 ? 329 DA  D N6    1 
ATOM   584  N N1    . DA  B 2 8  ? -3.341  -4.799  -5.455  1.00 43.50 ? 329 DA  D N1    1 
ATOM   585  C C2    . DA  B 2 8  ? -2.687  -4.438  -6.565  1.00 41.29 ? 329 DA  D C2    1 
ATOM   586  N N3    . DA  B 2 8  ? -3.067  -3.614  -7.537  1.00 42.19 ? 329 DA  D N3    1 
ATOM   587  C C4    . DA  B 2 8  ? -4.289  -3.122  -7.289  1.00 40.50 ? 329 DA  D C4    1 
ATOM   588  P P     . DA  B 2 9  ? -4.764  -1.775  -13.534 1.00 61.93 ? 330 DA  D P     1 
ATOM   589  O OP1   . DA  B 2 9  ? -4.171  -1.113  -14.725 1.00 63.21 ? 330 DA  D OP1   1 
ATOM   590  O OP2   . DA  B 2 9  ? -6.232  -1.961  -13.444 1.00 61.09 ? 330 DA  D OP2   1 
ATOM   591  O "O5'" . DA  B 2 9  ? -4.094  -3.200  -13.359 1.00 57.98 ? 330 DA  D "O5'" 1 
ATOM   592  C "C5'" . DA  B 2 9  ? -2.715  -3.295  -13.013 1.00 56.34 ? 330 DA  D "C5'" 1 
ATOM   593  C "C4'" . DA  B 2 9  ? -2.399  -4.697  -12.575 1.00 55.17 ? 330 DA  D "C4'" 1 
ATOM   594  O "O4'" . DA  B 2 9  ? -2.868  -4.901  -11.222 1.00 54.96 ? 330 DA  D "O4'" 1 
ATOM   595  C "C3'" . DA  B 2 9  ? -3.085  -5.754  -13.440 1.00 59.54 ? 330 DA  D "C3'" 1 
ATOM   596  O "O3'" . DA  B 2 9  ? -2.148  -6.760  -13.825 1.00 64.16 ? 330 DA  D "O3'" 1 
ATOM   597  C "C2'" . DA  B 2 9  ? -4.162  -6.325  -12.530 1.00 56.60 ? 330 DA  D "C2'" 1 
ATOM   598  C "C1'" . DA  B 2 9  ? -3.555  -6.140  -11.151 1.00 52.71 ? 330 DA  D "C1'" 1 
ATOM   599  N N9    . DA  B 2 9  ? -4.517  -6.073  -10.045 1.00 47.40 ? 330 DA  D N9    1 
ATOM   600  C C8    . DA  B 2 9  ? -5.703  -5.384  -10.005 1.00 43.70 ? 330 DA  D C8    1 
ATOM   601  N N7    . DA  B 2 9  ? -6.374  -5.549  -8.890  1.00 43.93 ? 330 DA  D N7    1 
ATOM   602  C C5    . DA  B 2 9  ? -5.573  -6.400  -8.137  1.00 41.42 ? 330 DA  D C5    1 
ATOM   603  C C6    . DA  B 2 9  ? -5.732  -6.972  -6.855  1.00 38.55 ? 330 DA  D C6    1 
ATOM   604  N N6    . DA  B 2 9  ? -6.800  -6.781  -6.080  1.00 35.30 ? 330 DA  D N6    1 
ATOM   605  N N1    . DA  B 2 9  ? -4.746  -7.771  -6.398  1.00 38.66 ? 330 DA  D N1    1 
ATOM   606  C C2    . DA  B 2 9  ? -3.686  -7.985  -7.180  1.00 39.41 ? 330 DA  D C2    1 
ATOM   607  N N3    . DA  B 2 9  ? -3.426  -7.517  -8.401  1.00 43.28 ? 330 DA  D N3    1 
ATOM   608  C C4    . DA  B 2 9  ? -4.420  -6.720  -8.831  1.00 43.16 ? 330 DA  D C4    1 
ATOM   609  P P     . DT  B 2 10 ? -2.536  -7.811  -14.973 1.00 65.14 ? 331 DT  D P     1 
ATOM   610  O OP1   . DT  B 2 10 ? -1.307  -7.936  -15.789 1.00 68.15 ? 331 DT  D OP1   1 
ATOM   611  O OP2   . DT  B 2 10 ? -3.834  -7.463  -15.622 1.00 63.05 ? 331 DT  D OP2   1 
ATOM   612  O "O5'" . DT  B 2 10 ? -2.750  -9.146  -14.152 1.00 62.42 ? 331 DT  D "O5'" 1 
ATOM   613  C "C5'" . DT  B 2 10 ? -3.020  -9.069  -12.766 1.00 63.33 ? 331 DT  D "C5'" 1 
ATOM   614  C "C4'" . DT  B 2 10 ? -2.268  -10.152 -12.040 1.00 62.76 ? 331 DT  D "C4'" 1 
ATOM   615  O "O4'" . DT  B 2 10 ? -2.689  -10.096 -10.664 1.00 61.88 ? 331 DT  D "O4'" 1 
ATOM   616  C "C3'" . DT  B 2 10 ? -2.677  -11.527 -12.534 1.00 65.46 ? 331 DT  D "C3'" 1 
ATOM   617  O "O3'" . DT  B 2 10 ? -1.649  -12.478 -12.278 1.00 71.25 ? 331 DT  D "O3'" 1 
ATOM   618  C "C2'" . DT  B 2 10 ? -3.906  -11.830 -11.709 1.00 63.47 ? 331 DT  D "C2'" 1 
ATOM   619  C "C1'" . DT  B 2 10 ? -3.603  -11.139 -10.386 1.00 57.81 ? 331 DT  D "C1'" 1 
ATOM   620  N N1    . DT  B 2 10 ? -4.809  -10.530 -9.832  1.00 50.36 ? 331 DT  D N1    1 
ATOM   621  C C2    . DT  B 2 10 ? -5.163  -10.837 -8.547  1.00 47.09 ? 331 DT  D C2    1 
ATOM   622  O O2    . DT  B 2 10 ? -4.470  -11.516 -7.809  1.00 47.18 ? 331 DT  D O2    1 
ATOM   623  N N3    . DT  B 2 10 ? -6.359  -10.316 -8.154  1.00 47.27 ? 331 DT  D N3    1 
ATOM   624  C C4    . DT  B 2 10 ? -7.207  -9.513  -8.897  1.00 47.03 ? 331 DT  D C4    1 
ATOM   625  O O4    . DT  B 2 10 ? -8.279  -9.146  -8.419  1.00 50.04 ? 331 DT  D O4    1 
ATOM   626  C C5    . DT  B 2 10 ? -6.736  -9.178  -10.217 1.00 44.92 ? 331 DT  D C5    1 
ATOM   627  C C7    . DT  B 2 10 ? -7.555  -8.263  -11.075 1.00 43.52 ? 331 DT  D C7    1 
ATOM   628  C C6    . DT  B 2 10 ? -5.578  -9.698  -10.614 1.00 45.54 ? 331 DT  D C6    1 
ATOM   629  P P     . DT  B 2 11 ? -1.832  -13.987 -12.791 1.00 75.07 ? 332 DT  D P     1 
ATOM   630  O OP1   . DT  B 2 11 ? -0.482  -14.471 -13.168 1.00 76.33 ? 332 DT  D OP1   1 
ATOM   631  O OP2   . DT  B 2 11 ? -2.938  -14.011 -13.789 1.00 73.23 ? 332 DT  D OP2   1 
ATOM   632  O "O5'" . DT  B 2 11 ? -2.303  -14.773 -11.496 1.00 69.05 ? 332 DT  D "O5'" 1 
ATOM   633  C "C5'" . DT  B 2 11 ? -1.594  -14.625 -10.270 1.00 69.95 ? 332 DT  D "C5'" 1 
ATOM   634  C "C4'" . DT  B 2 11 ? -2.364  -15.285 -9.159  1.00 70.86 ? 332 DT  D "C4'" 1 
ATOM   635  O "O4'" . DT  B 2 11 ? -3.540  -14.513 -8.820  1.00 69.75 ? 332 DT  D "O4'" 1 
ATOM   636  C "C3'" . DT  B 2 11 ? -2.874  -16.673 -9.532  1.00 73.30 ? 332 DT  D "C3'" 1 
ATOM   637  O "O3'" . DT  B 2 11 ? -2.752  -17.521 -8.407  1.00 81.16 ? 332 DT  D "O3'" 1 
ATOM   638  C "C2'" . DT  B 2 11 ? -4.349  -16.450 -9.813  1.00 70.12 ? 332 DT  D "C2'" 1 
ATOM   639  C "C1'" . DT  B 2 11 ? -4.662  -15.383 -8.791  1.00 63.17 ? 332 DT  D "C1'" 1 
ATOM   640  N N1    . DT  B 2 11 ? -5.867  -14.583 -9.062  1.00 54.46 ? 332 DT  D N1    1 
ATOM   641  C C2    . DT  B 2 11 ? -6.810  -14.480 -8.065  1.00 50.07 ? 332 DT  D C2    1 
ATOM   642  O O2    . DT  B 2 11 ? -6.703  -15.039 -6.983  1.00 49.63 ? 332 DT  D O2    1 
ATOM   643  N N3    . DT  B 2 11 ? -7.885  -13.695 -8.382  1.00 44.81 ? 332 DT  D N3    1 
ATOM   644  C C4    . DT  B 2 11 ? -8.107  -13.025 -9.565  1.00 47.30 ? 332 DT  D C4    1 
ATOM   645  O O4    . DT  B 2 11 ? -9.120  -12.348 -9.705  1.00 50.49 ? 332 DT  D O4    1 
ATOM   646  C C5    . DT  B 2 11 ? -7.082  -13.191 -10.568 1.00 47.67 ? 332 DT  D C5    1 
ATOM   647  C C7    . DT  B 2 11 ? -7.240  -12.501 -11.886 1.00 46.20 ? 332 DT  D C7    1 
ATOM   648  C C6    . DT  B 2 11 ? -6.029  -13.955 -10.272 1.00 48.77 ? 332 DT  D C6    1 
ATOM   649  P P     . DA  B 2 12 ? -2.660  -19.103 -8.620  1.00 87.47 ? 333 DA  D P     1 
ATOM   650  O OP1   . DA  B 2 12 ? -1.288  -19.490 -8.192  1.00 88.20 ? 333 DA  D OP1   1 
ATOM   651  O OP2   . DA  B 2 12 ? -3.145  -19.450 -9.987  1.00 86.48 ? 333 DA  D OP2   1 
ATOM   652  O "O5'" . DA  B 2 12 ? -3.709  -19.678 -7.580  1.00 83.77 ? 333 DA  D "O5'" 1 
ATOM   653  C "C5'" . DA  B 2 12 ? -3.956  -19.012 -6.339  1.00 80.81 ? 333 DA  D "C5'" 1 
ATOM   654  C "C4'" . DA  B 2 12 ? -5.328  -19.380 -5.842  1.00 77.35 ? 333 DA  D "C4'" 1 
ATOM   655  O "O4'" . DA  B 2 12 ? -6.350  -18.536 -6.423  1.00 75.45 ? 333 DA  D "O4'" 1 
ATOM   656  C "C3'" . DA  B 2 12 ? -5.702  -20.807 -6.214  1.00 76.30 ? 333 DA  D "C3'" 1 
ATOM   657  O "O3'" . DA  B 2 12 ? -6.317  -21.418 -5.092  1.00 81.31 ? 333 DA  D "O3'" 1 
ATOM   658  C "C2'" . DA  B 2 12 ? -6.652  -20.639 -7.394  1.00 70.23 ? 333 DA  D "C2'" 1 
ATOM   659  C "C1'" . DA  B 2 12 ? -7.333  -19.322 -7.081  1.00 64.99 ? 333 DA  D "C1'" 1 
ATOM   660  N N9    . DA  B 2 12 ? -7.825  -18.533 -8.209  1.00 56.84 ? 333 DA  D N9    1 
ATOM   661  C C8    . DA  B 2 12 ? -7.307  -18.393 -9.477  1.00 53.96 ? 333 DA  D C8    1 
ATOM   662  N N7    . DA  B 2 12 ? -7.940  -17.507 -10.213 1.00 49.05 ? 333 DA  D N7    1 
ATOM   663  C C5    . DA  B 2 12 ? -8.955  -17.051 -9.385  1.00 46.97 ? 333 DA  D C5    1 
ATOM   664  C C6    . DA  B 2 12 ? -9.960  -16.086 -9.561  1.00 46.14 ? 333 DA  D C6    1 
ATOM   665  N N6    . DA  B 2 12 ? -10.112 -15.370 -10.678 1.00 44.99 ? 333 DA  D N6    1 
ATOM   666  N N1    . DA  B 2 12 ? -10.814 -15.869 -8.536  1.00 47.76 ? 333 DA  D N1    1 
ATOM   667  C C2    . DA  B 2 12 ? -10.658 -16.581 -7.407  1.00 48.52 ? 333 DA  D C2    1 
ATOM   668  N N3    . DA  B 2 12 ? -9.747  -17.511 -7.118  1.00 50.27 ? 333 DA  D N3    1 
ATOM   669  C C4    . DA  B 2 12 ? -8.914  -17.696 -8.160  1.00 50.54 ? 333 DA  D C4    1 
ATOM   670  P P     . DC  B 2 13 ? -6.554  -22.996 -5.091  1.00 87.45 ? 334 DC  D P     1 
ATOM   671  O OP1   . DC  B 2 13 ? -5.968  -23.564 -3.850  1.00 89.10 ? 334 DC  D OP1   1 
ATOM   672  O OP2   . DC  B 2 13 ? -6.118  -23.503 -6.424  1.00 88.40 ? 334 DC  D OP2   1 
ATOM   673  O "O5'" . DC  B 2 13 ? -8.134  -23.099 -5.025  1.00 87.35 ? 334 DC  D "O5'" 1 
ATOM   674  C "C5'" . DC  B 2 13 ? -8.922  -22.141 -5.721  1.00 90.34 ? 334 DC  D "C5'" 1 
ATOM   675  C "C4'" . DC  B 2 13 ? -10.225 -21.898 -5.003  1.00 92.12 ? 334 DC  D "C4'" 1 
ATOM   676  O "O4'" . DC  B 2 13 ? -10.833 -20.757 -5.643  1.00 91.73 ? 334 DC  D "O4'" 1 
ATOM   677  C "C3'" . DC  B 2 13 ? -11.236 -23.036 -5.147  1.00 93.66 ? 334 DC  D "C3'" 1 
ATOM   678  O "O3'" . DC  B 2 13 ? -12.191 -22.990 -4.063  1.00 98.79 ? 334 DC  D "O3'" 1 
ATOM   679  C "C2'" . DC  B 2 13 ? -11.886 -22.708 -6.477  1.00 91.10 ? 334 DC  D "C2'" 1 
ATOM   680  C "C1'" . DC  B 2 13 ? -11.917 -21.183 -6.450  1.00 86.18 ? 334 DC  D "C1'" 1 
ATOM   681  N N1    . DC  B 2 13 ? -11.799 -20.507 -7.749  1.00 77.86 ? 334 DC  D N1    1 
ATOM   682  C C2    . DC  B 2 13 ? -12.783 -19.585 -8.086  1.00 75.06 ? 334 DC  D C2    1 
ATOM   683  O O2    . DC  B 2 13 ? -13.703 -19.377 -7.271  1.00 74.41 ? 334 DC  D O2    1 
ATOM   684  N N3    . DC  B 2 13 ? -12.711 -18.940 -9.273  1.00 71.16 ? 334 DC  D N3    1 
ATOM   685  C C4    . DC  B 2 13 ? -11.692 -19.181 -10.102 1.00 70.41 ? 334 DC  D C4    1 
ATOM   686  N N4    . DC  B 2 13 ? -11.655 -18.504 -11.257 1.00 67.16 ? 334 DC  D N4    1 
ATOM   687  C C5    . DC  B 2 13 ? -10.665 -20.119 -9.782  1.00 69.60 ? 334 DC  D C5    1 
ATOM   688  C C6    . DC  B 2 13 ? -10.759 -20.757 -8.605  1.00 72.97 ? 334 DC  D C6    1 
ATOM   689  P P     . DA  B 2 14 ? -13.114 -24.282 -3.720  1.00 98.79 ? 335 DA  D P     1 
ATOM   690  O OP1   . DA  B 2 14 ? -13.091 -24.454 -2.234  1.00 98.79 ? 335 DA  D OP1   1 
ATOM   691  O OP2   . DA  B 2 14 ? -12.748 -25.425 -4.606  1.00 97.00 ? 335 DA  D OP2   1 
ATOM   692  O "O5'" . DA  B 2 14 ? -14.594 -23.818 -4.089  1.00 98.71 ? 335 DA  D "O5'" 1 
ATOM   693  C "C5'" . DA  B 2 14 ? -15.317 -22.929 -3.209  1.00 96.03 ? 335 DA  D "C5'" 1 
ATOM   694  C "C4'" . DA  B 2 14 ? -16.646 -22.547 -3.816  1.00 93.36 ? 335 DA  D "C4'" 1 
ATOM   695  O "O4'" . DA  B 2 14 ? -16.416 -21.936 -5.107  1.00 88.58 ? 335 DA  D "O4'" 1 
ATOM   696  C "C3'" . DA  B 2 14 ? -17.620 -23.701 -4.069  1.00 92.50 ? 335 DA  D "C3'" 1 
ATOM   697  O "O3'" . DA  B 2 14 ? -18.960 -23.232 -3.830  1.00 95.82 ? 335 DA  D "O3'" 1 
ATOM   698  C "C2'" . DA  B 2 14 ? -17.386 -24.036 -5.532  1.00 87.31 ? 335 DA  D "C2'" 1 
ATOM   699  C "C1'" . DA  B 2 14 ? -17.075 -22.671 -6.123  1.00 81.47 ? 335 DA  D "C1'" 1 
ATOM   700  N N9    . DA  B 2 14 ? -16.198 -22.683 -7.283  1.00 72.36 ? 335 DA  D N9    1 
ATOM   701  C C8    . DA  B 2 14 ? -15.134 -23.509 -7.565  1.00 68.71 ? 335 DA  D C8    1 
ATOM   702  N N7    . DA  B 2 14 ? -14.531 -23.222 -8.694  1.00 64.45 ? 335 DA  D N7    1 
ATOM   703  C C5    . DA  B 2 14 ? -15.247 -22.137 -9.187  1.00 61.12 ? 335 DA  D C5    1 
ATOM   704  C C6    . DA  B 2 14 ? -15.109 -21.360 -10.345 1.00 57.95 ? 335 DA  D C6    1 
ATOM   705  N N6    . DA  B 2 14 ? -14.154 -21.555 -11.254 1.00 53.68 ? 335 DA  D N6    1 
ATOM   706  N N1    . DA  B 2 14 ? -15.995 -20.358 -10.541 1.00 55.80 ? 335 DA  D N1    1 
ATOM   707  C C2    . DA  B 2 14 ? -16.953 -20.162 -9.623  1.00 58.86 ? 335 DA  D C2    1 
ATOM   708  N N3    . DA  B 2 14 ? -17.181 -20.822 -8.493  1.00 61.35 ? 335 DA  D N3    1 
ATOM   709  C C4    . DA  B 2 14 ? -16.281 -21.807 -8.333  1.00 64.57 ? 335 DA  D C4    1 
ATOM   710  P P     . DT  B 2 15 ? -20.208 -24.243 -3.964  1.00 98.79 ? 336 DT  D P     1 
ATOM   711  O OP1   . DT  B 2 15 ? -21.172 -23.947 -2.858  1.00 97.70 ? 336 DT  D OP1   1 
ATOM   712  O OP2   . DT  B 2 15 ? -19.689 -25.626 -4.144  1.00 98.34 ? 336 DT  D OP2   1 
ATOM   713  O "O5'" . DT  B 2 15 ? -20.876 -23.790 -5.329  1.00 94.48 ? 336 DT  D "O5'" 1 
ATOM   714  C "C5'" . DT  B 2 15 ? -20.066 -23.267 -6.378  1.00 89.59 ? 336 DT  D "C5'" 1 
ATOM   715  C "C4'" . DT  B 2 15 ? -20.912 -22.428 -7.294  1.00 86.53 ? 336 DT  D "C4'" 1 
ATOM   716  O "O4'" . DT  B 2 15 ? -20.081 -21.964 -8.381  1.00 83.07 ? 336 DT  D "O4'" 1 
ATOM   717  C "C3'" . DT  B 2 15 ? -22.027 -23.252 -7.924  1.00 87.77 ? 336 DT  D "C3'" 1 
ATOM   718  O "O3'" . DT  B 2 15 ? -23.219 -22.481 -8.042  1.00 93.52 ? 336 DT  D "O3'" 1 
ATOM   719  C "C2'" . DT  B 2 15 ? -21.451 -23.664 -9.264  1.00 83.91 ? 336 DT  D "C2'" 1 
ATOM   720  C "C1'" . DT  B 2 15 ? -20.456 -22.567 -9.605  1.00 75.56 ? 336 DT  D "C1'" 1 
ATOM   721  N N1    . DT  B 2 15 ? -19.231 -23.093 -10.236 1.00 66.07 ? 336 DT  D N1    1 
ATOM   722  C C2    . DT  B 2 15 ? -18.773 -22.480 -11.379 1.00 62.92 ? 336 DT  D C2    1 
ATOM   723  O O2    . DT  B 2 15 ? -19.318 -21.500 -11.882 1.00 62.29 ? 336 DT  D O2    1 
ATOM   724  N N3    . DT  B 2 15 ? -17.643 -23.054 -11.919 1.00 57.97 ? 336 DT  D N3    1 
ATOM   725  C C4    . DT  B 2 15 ? -16.941 -24.143 -11.434 1.00 58.42 ? 336 DT  D C4    1 
ATOM   726  O O4    . DT  B 2 15 ? -15.937 -24.550 -12.028 1.00 56.14 ? 336 DT  D O4    1 
ATOM   727  C C5    . DT  B 2 15 ? -17.470 -24.724 -10.226 1.00 58.85 ? 336 DT  D C5    1 
ATOM   728  C C7    . DT  B 2 15 ? -16.772 -25.902 -9.630  1.00 57.94 ? 336 DT  D C7    1 
ATOM   729  C C6    . DT  B 2 15 ? -18.574 -24.177 -9.692  1.00 60.59 ? 336 DT  D C6    1 
ATOM   730  P P     . DG  B 2 16 ? -24.649 -23.219 -8.073  1.00 97.69 ? 337 DG  D P     1 
ATOM   731  O OP1   . DG  B 2 16 ? -25.454 -22.669 -6.942  1.00 97.34 ? 337 DG  D OP1   1 
ATOM   732  O OP2   . DG  B 2 16 ? -24.454 -24.695 -8.187  1.00 94.93 ? 337 DG  D OP2   1 
ATOM   733  O "O5'" . DG  B 2 16 ? -25.263 -22.693 -9.443  1.00 95.61 ? 337 DG  D "O5'" 1 
ATOM   734  C "C5'" . DG  B 2 16 ? -25.000 -21.343 -9.885  1.00 94.46 ? 337 DG  D "C5'" 1 
ATOM   735  C "C4'" . DG  B 2 16 ? -24.908 -21.278 -11.392 1.00 93.21 ? 337 DG  D "C4'" 1 
ATOM   736  O "O4'" . DG  B 2 16 ? -23.611 -21.700 -11.895 1.00 89.44 ? 337 DG  D "O4'" 1 
ATOM   737  C "C3'" . DG  B 2 16 ? -25.951 -22.117 -12.126 1.00 94.35 ? 337 DG  D "C3'" 1 
ATOM   738  O "O3'" . DG  B 2 16 ? -26.563 -21.332 -13.143 1.00 98.54 ? 337 DG  D "O3'" 1 
ATOM   739  C "C2'" . DG  B 2 16 ? -25.148 -23.261 -12.721 1.00 89.80 ? 337 DG  D "C2'" 1 
ATOM   740  C "C1'" . DG  B 2 16 ? -23.772 -22.649 -12.944 1.00 83.07 ? 337 DG  D "C1'" 1 
ATOM   741  N N9    . DG  B 2 16 ? -22.709 -23.644 -12.821 1.00 73.61 ? 337 DG  D N9    1 
ATOM   742  C C8    . DG  B 2 16 ? -22.638 -24.626 -11.860 1.00 70.83 ? 337 DG  D C8    1 
ATOM   743  N N7    . DG  B 2 16 ? -21.593 -25.401 -11.989 1.00 66.09 ? 337 DG  D N7    1 
ATOM   744  C C5    . DG  B 2 16 ? -20.925 -24.900 -13.100 1.00 61.99 ? 337 DG  D C5    1 
ATOM   745  C C6    . DG  B 2 16 ? -19.729 -25.339 -13.708 1.00 56.37 ? 337 DG  D C6    1 
ATOM   746  O O6    . DG  B 2 16 ? -19.004 -26.284 -13.363 1.00 51.97 ? 337 DG  D O6    1 
ATOM   747  N N1    . DG  B 2 16 ? -19.402 -24.563 -14.821 1.00 50.10 ? 337 DG  D N1    1 
ATOM   748  C C2    . DG  B 2 16 ? -20.148 -23.498 -15.287 1.00 53.34 ? 337 DG  D C2    1 
ATOM   749  N N2    . DG  B 2 16 ? -19.690 -22.889 -16.396 1.00 51.14 ? 337 DG  D N2    1 
ATOM   750  N N3    . DG  B 2 16 ? -21.268 -23.066 -14.713 1.00 56.42 ? 337 DG  D N3    1 
ATOM   751  C C4    . DG  B 2 16 ? -21.597 -23.811 -13.631 1.00 65.11 ? 337 DG  D C4    1 
ATOM   752  P P     . DG  B 2 17 ? -27.779 -21.940 -13.994 1.00 98.79 ? 338 DG  D P     1 
ATOM   753  O OP1   . DG  B 2 17 ? -28.882 -20.945 -13.930 1.00 98.79 ? 338 DG  D OP1   1 
ATOM   754  O OP2   . DG  B 2 17 ? -28.033 -23.359 -13.582 1.00 98.79 ? 338 DG  D OP2   1 
ATOM   755  O "O5'" . DG  B 2 17 ? -27.163 -21.920 -15.458 1.00 97.64 ? 338 DG  D "O5'" 1 
ATOM   756  C "C5'" . DG  B 2 17 ? -26.161 -20.945 -15.792 1.00 93.23 ? 338 DG  D "C5'" 1 
ATOM   757  C "C4'" . DG  B 2 17 ? -25.445 -21.348 -17.054 1.00 90.11 ? 338 DG  D "C4'" 1 
ATOM   758  O "O4'" . DG  B 2 17 ? -24.293 -22.180 -16.774 1.00 87.25 ? 338 DG  D "O4'" 1 
ATOM   759  C "C3'" . DG  B 2 17 ? -26.334 -22.126 -18.015 1.00 89.96 ? 338 DG  D "C3'" 1 
ATOM   760  O "O3'" . DG  B 2 17 ? -26.288 -21.522 -19.297 1.00 95.67 ? 338 DG  D "O3'" 1 
ATOM   761  C "C2'" . DG  B 2 17 ? -25.740 -23.523 -18.029 1.00 85.39 ? 338 DG  D "C2'" 1 
ATOM   762  C "C1'" . DG  B 2 17 ? -24.290 -23.329 -17.609 1.00 80.88 ? 338 DG  D "C1'" 1 
ATOM   763  N N9    . DG  B 2 17 ? -23.853 -24.463 -16.803 1.00 73.13 ? 338 DG  D N9    1 
ATOM   764  C C8    . DG  B 2 17 ? -24.564 -25.007 -15.760 1.00 68.21 ? 338 DG  D C8    1 
ATOM   765  N N7    . DG  B 2 17 ? -23.978 -26.036 -15.214 1.00 66.30 ? 338 DG  D N7    1 
ATOM   766  C C5    . DG  B 2 17 ? -22.794 -26.187 -15.932 1.00 66.37 ? 338 DG  D C5    1 
ATOM   767  C C6    . DG  B 2 17 ? -21.750 -27.148 -15.782 1.00 64.11 ? 338 DG  D C6    1 
ATOM   768  O O6    . DG  B 2 17 ? -21.668 -28.077 -14.955 1.00 62.35 ? 338 DG  D O6    1 
ATOM   769  N N1    . DG  B 2 17 ? -20.732 -26.947 -16.716 1.00 60.79 ? 338 DG  D N1    1 
ATOM   770  C C2    . DG  B 2 17 ? -20.714 -25.945 -17.668 1.00 62.68 ? 338 DG  D C2    1 
ATOM   771  N N2    . DG  B 2 17 ? -19.627 -25.919 -18.463 1.00 63.11 ? 338 DG  D N2    1 
ATOM   772  N N3    . DG  B 2 17 ? -21.685 -25.040 -17.822 1.00 61.53 ? 338 DG  D N3    1 
ATOM   773  C C4    . DG  B 2 17 ? -22.690 -25.221 -16.920 1.00 68.28 ? 338 DG  D C4    1 
ATOM   774  P P     . DC  B 2 18 ? -27.425 -21.862 -20.377 1.00 98.79 ? 339 DC  D P     1 
ATOM   775  O OP1   . DC  B 2 18 ? -28.002 -20.563 -20.820 1.00 98.79 ? 339 DC  D OP1   1 
ATOM   776  O OP2   . DC  B 2 18 ? -28.329 -22.936 -19.857 1.00 95.41 ? 339 DC  D OP2   1 
ATOM   777  O "O5'" . DC  B 2 18 ? -26.551 -22.442 -21.573 1.00 98.56 ? 339 DC  D "O5'" 1 
ATOM   778  C "C5'" . DC  B 2 18 ? -25.253 -21.878 -21.860 1.00 94.05 ? 339 DC  D "C5'" 1 
ATOM   779  C "C4'" . DC  B 2 18 ? -24.375 -22.903 -22.538 1.00 90.36 ? 339 DC  D "C4'" 1 
ATOM   780  O "O4'" . DC  B 2 18 ? -23.834 -23.851 -21.577 1.00 87.11 ? 339 DC  D "O4'" 1 
ATOM   781  C "C3'" . DC  B 2 18 ? -25.102 -23.732 -23.599 1.00 89.47 ? 339 DC  D "C3'" 1 
ATOM   782  O "O3'" . DC  B 2 18 ? -24.314 -23.812 -24.791 1.00 90.61 ? 339 DC  D "O3'" 1 
ATOM   783  C "C2'" . DC  B 2 18 ? -25.270 -25.093 -22.941 1.00 84.93 ? 339 DC  D "C2'" 1 
ATOM   784  C "C1'" . DC  B 2 18 ? -24.039 -25.173 -22.056 1.00 79.07 ? 339 DC  D "C1'" 1 
ATOM   785  N N1    . DC  B 2 18 ? -24.136 -26.087 -20.897 1.00 69.05 ? 339 DC  D N1    1 
ATOM   786  C C2    . DC  B 2 18 ? -23.073 -26.970 -20.647 1.00 66.94 ? 339 DC  D C2    1 
ATOM   787  O O2    . DC  B 2 18 ? -22.069 -26.927 -21.380 1.00 70.42 ? 339 DC  D O2    1 
ATOM   788  N N3    . DC  B 2 18 ? -23.163 -27.845 -19.616 1.00 60.49 ? 339 DC  D N3    1 
ATOM   789  C C4    . DC  B 2 18 ? -24.249 -27.853 -18.841 1.00 58.80 ? 339 DC  D C4    1 
ATOM   790  N N4    . DC  B 2 18 ? -24.294 -28.736 -17.839 1.00 55.95 ? 339 DC  D N4    1 
ATOM   791  C C5    . DC  B 2 18 ? -25.338 -26.954 -19.059 1.00 58.33 ? 339 DC  D C5    1 
ATOM   792  C C6    . DC  B 2 18 ? -25.240 -26.096 -20.088 1.00 63.73 ? 339 DC  D C6    1 
ATOM   793  P P     . DA  B 2 19 ? -24.871 -24.614 -26.066 1.00 91.30 ? 340 DA  D P     1 
ATOM   794  O OP1   . DA  B 2 19 ? -24.531 -23.827 -27.290 1.00 90.54 ? 340 DA  D OP1   1 
ATOM   795  O OP2   . DA  B 2 19 ? -26.277 -25.052 -25.822 1.00 90.64 ? 340 DA  D OP2   1 
ATOM   796  O "O5'" . DA  B 2 19 ? -23.980 -25.920 -26.058 1.00 85.50 ? 340 DA  D "O5'" 1 
ATOM   797  C "C5'" . DA  B 2 19 ? -22.565 -25.804 -26.009 1.00 79.60 ? 340 DA  D "C5'" 1 
ATOM   798  C "C4'" . DA  B 2 19 ? -21.944 -27.165 -26.161 1.00 76.25 ? 340 DA  D "C4'" 1 
ATOM   799  O "O4'" . DA  B 2 19 ? -22.109 -27.923 -24.941 1.00 72.95 ? 340 DA  D "O4'" 1 
ATOM   800  C "C3'" . DA  B 2 19 ? -22.571 -28.005 -27.271 1.00 73.77 ? 340 DA  D "C3'" 1 
ATOM   801  O "O3'" . DA  B 2 19 ? -21.530 -28.699 -27.956 1.00 72.87 ? 340 DA  D "O3'" 1 
ATOM   802  C "C2'" . DA  B 2 19 ? -23.493 -28.956 -26.524 1.00 69.74 ? 340 DA  D "C2'" 1 
ATOM   803  C "C1'" . DA  B 2 19 ? -22.763 -29.148 -25.204 1.00 65.20 ? 340 DA  D "C1'" 1 
ATOM   804  N N9    . DA  B 2 19 ? -23.630 -29.431 -24.067 1.00 56.69 ? 340 DA  D N9    1 
ATOM   805  C C8    . DA  B 2 19 ? -24.824 -28.835 -23.752 1.00 53.26 ? 340 DA  D C8    1 
ATOM   806  N N7    . DA  B 2 19 ? -25.368 -29.297 -22.654 1.00 51.36 ? 340 DA  D N7    1 
ATOM   807  C C5    . DA  B 2 19 ? -24.473 -30.264 -22.216 1.00 49.35 ? 340 DA  D C5    1 
ATOM   808  C C6    . DA  B 2 19 ? -24.471 -31.121 -21.104 1.00 49.12 ? 340 DA  D C6    1 
ATOM   809  N N6    . DA  B 2 19 ? -25.433 -31.137 -20.181 1.00 48.94 ? 340 DA  D N6    1 
ATOM   810  N N1    . DA  B 2 19 ? -23.434 -31.974 -20.967 1.00 49.52 ? 340 DA  D N1    1 
ATOM   811  C C2    . DA  B 2 19 ? -22.463 -31.954 -21.886 1.00 50.16 ? 340 DA  D C2    1 
ATOM   812  N N3    . DA  B 2 19 ? -22.346 -31.190 -22.969 1.00 51.82 ? 340 DA  D N3    1 
ATOM   813  C C4    . DA  B 2 19 ? -23.398 -30.357 -23.078 1.00 51.71 ? 340 DA  D C4    1 
ATOM   814  P P     . DA  B 2 20 ? -21.863 -29.502 -29.294 1.00 70.36 ? 341 DA  D P     1 
ATOM   815  O OP1   . DA  B 2 20 ? -20.652 -29.450 -30.157 1.00 69.04 ? 341 DA  D OP1   1 
ATOM   816  O OP2   . DA  B 2 20 ? -23.174 -29.021 -29.815 1.00 70.80 ? 341 DA  D OP2   1 
ATOM   817  O "O5'" . DA  B 2 20 ? -22.047 -30.978 -28.754 1.00 65.64 ? 341 DA  D "O5'" 1 
ATOM   818  C "C5'" . DA  B 2 20 ? -20.975 -31.626 -28.076 1.00 60.33 ? 341 DA  D "C5'" 1 
ATOM   819  C "C4'" . DA  B 2 20 ? -21.431 -32.979 -27.598 1.00 57.68 ? 341 DA  D "C4'" 1 
ATOM   820  O "O4'" . DA  B 2 20 ? -22.255 -32.846 -26.420 1.00 57.86 ? 341 DA  D "O4'" 1 
ATOM   821  C "C3'" . DA  B 2 20 ? -22.295 -33.700 -28.628 1.00 57.51 ? 341 DA  D "C3'" 1 
ATOM   822  O "O3'" . DA  B 2 20 ? -22.014 -35.082 -28.554 1.00 55.95 ? 341 DA  D "O3'" 1 
ATOM   823  C "C2'" . DA  B 2 20 ? -23.705 -33.472 -28.124 1.00 56.27 ? 341 DA  D "C2'" 1 
ATOM   824  C "C1'" . DA  B 2 20 ? -23.449 -33.569 -26.640 1.00 55.79 ? 341 DA  D "C1'" 1 
ATOM   825  N N9    . DA  B 2 20 ? -24.483 -33.021 -25.774 1.00 50.65 ? 341 DA  D N9    1 
ATOM   826  C C8    . DA  B 2 20 ? -25.360 -31.985 -25.998 1.00 49.58 ? 341 DA  D C8    1 
ATOM   827  N N7    . DA  B 2 20 ? -26.209 -31.793 -25.017 1.00 49.56 ? 341 DA  D N7    1 
ATOM   828  C C5    . DA  B 2 20 ? -25.859 -32.760 -24.081 1.00 48.33 ? 341 DA  D C5    1 
ATOM   829  C C6    . DA  B 2 20 ? -26.391 -33.097 -22.824 1.00 48.85 ? 341 DA  D C6    1 
ATOM   830  N N6    . DA  B 2 20 ? -27.442 -32.476 -22.279 1.00 50.96 ? 341 DA  D N6    1 
ATOM   831  N N1    . DA  B 2 20 ? -25.804 -34.112 -22.143 1.00 49.71 ? 341 DA  D N1    1 
ATOM   832  C C2    . DA  B 2 20 ? -24.754 -34.745 -22.706 1.00 48.36 ? 341 DA  D C2    1 
ATOM   833  N N3    . DA  B 2 20 ? -24.172 -34.524 -23.886 1.00 46.47 ? 341 DA  D N3    1 
ATOM   834  C C4    . DA  B 2 20 ? -24.784 -33.509 -24.528 1.00 47.66 ? 341 DA  D C4    1 
ATOM   835  P P     . DA  B 2 21 ? -21.907 -35.934 -29.895 1.00 56.57 ? 342 DA  D P     1 
ATOM   836  O OP1   . DA  B 2 21 ? -20.593 -35.599 -30.491 1.00 53.78 ? 342 DA  D OP1   1 
ATOM   837  O OP2   . DA  B 2 21 ? -23.152 -35.743 -30.688 1.00 52.33 ? 342 DA  D OP2   1 
ATOM   838  O "O5'" . DA  B 2 21 ? -21.865 -37.416 -29.336 1.00 54.33 ? 342 DA  D "O5'" 1 
ATOM   839  C "C5'" . DA  B 2 21 ? -20.952 -37.775 -28.290 1.00 51.18 ? 342 DA  D "C5'" 1 
ATOM   840  C "C4'" . DA  B 2 21 ? -21.581 -38.809 -27.384 1.00 50.06 ? 342 DA  D "C4'" 1 
ATOM   841  O "O4'" . DA  B 2 21 ? -22.557 -38.181 -26.514 1.00 51.16 ? 342 DA  D "O4'" 1 
ATOM   842  C "C3'" . DA  B 2 21 ? -22.324 -39.917 -28.123 1.00 47.14 ? 342 DA  D "C3'" 1 
ATOM   843  O "O3'" . DA  B 2 21 ? -22.134 -41.168 -27.463 1.00 50.28 ? 342 DA  D "O3'" 1 
ATOM   844  C "C2'" . DA  B 2 21 ? -23.777 -39.473 -28.030 1.00 47.15 ? 342 DA  D "C2'" 1 
ATOM   845  C "C1'" . DA  B 2 21 ? -23.832 -38.777 -26.681 1.00 44.39 ? 342 DA  D "C1'" 1 
ATOM   846  N N9    . DA  B 2 21 ? -24.834 -37.716 -26.569 1.00 40.27 ? 342 DA  D N9    1 
ATOM   847  C C8    . DA  B 2 21 ? -25.070 -36.694 -27.449 1.00 40.02 ? 342 DA  D C8    1 
ATOM   848  N N7    . DA  B 2 21 ? -26.027 -35.880 -27.074 1.00 38.98 ? 342 DA  D N7    1 
ATOM   849  C C5    . DA  B 2 21 ? -26.457 -36.407 -25.865 1.00 38.77 ? 342 DA  D C5    1 
ATOM   850  C C6    . DA  B 2 21 ? -27.461 -36.006 -24.955 1.00 39.84 ? 342 DA  D C6    1 
ATOM   851  N N6    . DA  B 2 21 ? -28.263 -34.949 -25.146 1.00 40.64 ? 342 DA  D N6    1 
ATOM   852  N N1    . DA  B 2 21 ? -27.620 -36.741 -23.833 1.00 39.96 ? 342 DA  D N1    1 
ATOM   853  C C2    . DA  B 2 21 ? -26.837 -37.810 -23.652 1.00 37.99 ? 342 DA  D C2    1 
ATOM   854  N N3    . DA  B 2 21 ? -25.873 -38.294 -24.438 1.00 40.52 ? 342 DA  D N3    1 
ATOM   855  C C4    . DA  B 2 21 ? -25.730 -37.537 -25.540 1.00 39.28 ? 342 DA  D C4    1 
ATOM   856  N N     . ARG C 3 5  ? -10.983 -19.681 1.756   1.00 79.08 ? 5   ARG A N     1 
ATOM   857  C CA    . ARG C 3 5  ? -11.938 -18.720 1.209   1.00 80.22 ? 5   ARG A CA    1 
ATOM   858  C C     . ARG C 3 5  ? -13.324 -18.791 1.858   1.00 80.30 ? 5   ARG A C     1 
ATOM   859  O O     . ARG C 3 5  ? -14.005 -19.818 1.764   1.00 81.46 ? 5   ARG A O     1 
ATOM   860  C CB    . ARG C 3 5  ? -12.062 -18.910 -0.308  1.00 81.71 ? 5   ARG A CB    1 
ATOM   861  C CG    . ARG C 3 5  ? -13.306 -18.285 -0.934  1.00 82.97 ? 5   ARG A CG    1 
ATOM   862  C CD    . ARG C 3 5  ? -13.008 -17.822 -2.345  1.00 85.30 ? 5   ARG A CD    1 
ATOM   863  N NE    . ARG C 3 5  ? -14.192 -17.322 -3.044  1.00 87.14 ? 5   ARG A NE    1 
ATOM   864  C CZ    . ARG C 3 5  ? -14.144 -16.659 -4.196  1.00 86.70 ? 5   ARG A CZ    1 
ATOM   865  N NH1   . ARG C 3 5  ? -12.969 -16.419 -4.765  1.00 87.13 ? 5   ARG A NH1   1 
ATOM   866  N NH2   . ARG C 3 5  ? -15.263 -16.239 -4.779  1.00 84.86 ? 5   ARG A NH2   1 
ATOM   867  N N     . THR C 3 6  ? -13.739 -17.697 2.504   1.00 78.82 ? 6   THR A N     1 
ATOM   868  C CA    . THR C 3 6  ? -15.054 -17.637 3.150   1.00 75.97 ? 6   THR A CA    1 
ATOM   869  C C     . THR C 3 6  ? -16.113 -17.097 2.210   1.00 74.36 ? 6   THR A C     1 
ATOM   870  O O     . THR C 3 6  ? -15.847 -16.251 1.360   1.00 74.52 ? 6   THR A O     1 
ATOM   871  C CB    . THR C 3 6  ? -15.082 -16.765 4.448   1.00 75.17 ? 6   THR A CB    1 
ATOM   872  O OG1   . THR C 3 6  ? -14.552 -15.463 4.181   1.00 70.84 ? 6   THR A OG1   1 
ATOM   873  C CG2   . THR C 3 6  ? -14.309 -17.435 5.584   1.00 75.64 ? 6   THR A CG2   1 
ATOM   874  N N     . ALA C 3 7  ? -17.311 -17.638 2.344   1.00 72.80 ? 7   ALA A N     1 
ATOM   875  C CA    . ALA C 3 7  ? -18.431 -17.197 1.540   1.00 69.70 ? 7   ALA A CA    1 
ATOM   876  C C     . ALA C 3 7  ? -19.383 -16.592 2.547   1.00 66.36 ? 7   ALA A C     1 
ATOM   877  O O     . ALA C 3 7  ? -19.715 -17.213 3.554   1.00 64.34 ? 7   ALA A O     1 
ATOM   878  C CB    . ALA C 3 7  ? -19.067 -18.365 0.833   1.00 72.88 ? 7   ALA A CB    1 
ATOM   879  N N     . PHE C 3 8  ? -19.767 -15.353 2.304   1.00 64.70 ? 8   PHE A N     1 
ATOM   880  C CA    . PHE C 3 8  ? -20.658 -14.645 3.209   1.00 63.82 ? 8   PHE A CA    1 
ATOM   881  C C     . PHE C 3 8  ? -22.114 -15.106 3.095   1.00 64.21 ? 8   PHE A C     1 
ATOM   882  O O     . PHE C 3 8  ? -22.557 -15.495 2.016   1.00 65.33 ? 8   PHE A O     1 
ATOM   883  C CB    . PHE C 3 8  ? -20.550 -13.150 2.936   1.00 60.37 ? 8   PHE A CB    1 
ATOM   884  C CG    . PHE C 3 8  ? -19.151 -12.632 2.993   1.00 57.07 ? 8   PHE A CG    1 
ATOM   885  C CD1   . PHE C 3 8  ? -18.493 -12.507 4.210   1.00 57.57 ? 8   PHE A CD1   1 
ATOM   886  C CD2   . PHE C 3 8  ? -18.490 -12.265 1.837   1.00 55.42 ? 8   PHE A CD2   1 
ATOM   887  C CE1   . PHE C 3 8  ? -17.196 -12.017 4.273   1.00 55.61 ? 8   PHE A CE1   1 
ATOM   888  C CE2   . PHE C 3 8  ? -17.193 -11.774 1.893   1.00 54.82 ? 8   PHE A CE2   1 
ATOM   889  C CZ    . PHE C 3 8  ? -16.546 -11.651 3.114   1.00 53.96 ? 8   PHE A CZ    1 
ATOM   890  N N     . SER C 3 9  ? -22.848 -15.060 4.210   1.00 63.57 ? 9   SER A N     1 
ATOM   891  C CA    . SER C 3 9  ? -24.258 -15.463 4.235   1.00 64.54 ? 9   SER A CA    1 
ATOM   892  C C     . SER C 3 9  ? -25.145 -14.390 3.603   1.00 66.13 ? 9   SER A C     1 
ATOM   893  O O     . SER C 3 9  ? -24.725 -13.242 3.443   1.00 68.25 ? 9   SER A O     1 
ATOM   894  C CB    . SER C 3 9  ? -24.728 -15.730 5.671   1.00 64.04 ? 9   SER A CB    1 
ATOM   895  O OG    . SER C 3 9  ? -24.916 -14.520 6.389   1.00 63.01 ? 9   SER A OG    1 
ATOM   896  N N     . SER C 3 10 ? -26.382 -14.756 3.281   1.00 66.83 ? 10  SER A N     1 
ATOM   897  C CA    . SER C 3 10 ? -27.315 -13.825 2.660   1.00 66.58 ? 10  SER A CA    1 
ATOM   898  C C     . SER C 3 10 ? -27.491 -12.548 3.445   1.00 64.23 ? 10  SER A C     1 
ATOM   899  O O     . SER C 3 10 ? -27.496 -11.464 2.868   1.00 64.54 ? 10  SER A O     1 
ATOM   900  C CB    . SER C 3 10 ? -28.675 -14.484 2.439   1.00 69.90 ? 10  SER A CB    1 
ATOM   901  O OG    . SER C 3 10 ? -28.600 -15.429 1.388   1.00 74.97 ? 10  SER A OG    1 
ATOM   902  N N     . GLU C 3 11 ? -27.619 -12.672 4.762   1.00 62.11 ? 11  GLU A N     1 
ATOM   903  C CA    . GLU C 3 11 ? -27.806 -11.487 5.581   1.00 60.56 ? 11  GLU A CA    1 
ATOM   904  C C     . GLU C 3 11 ? -26.527 -10.692 5.750   1.00 57.08 ? 11  GLU A C     1 
ATOM   905  O O     . GLU C 3 11 ? -26.566 -9.506  6.012   1.00 58.56 ? 11  GLU A O     1 
ATOM   906  C CB    . GLU C 3 11 ? -28.421 -11.826 6.938   1.00 64.15 ? 11  GLU A CB    1 
ATOM   907  C CG    . GLU C 3 11 ? -27.547 -12.634 7.860   1.00 71.26 ? 11  GLU A CG    1 
ATOM   908  C CD    . GLU C 3 11 ? -28.118 -12.712 9.263   1.00 76.62 ? 11  GLU A CD    1 
ATOM   909  O OE1   . GLU C 3 11 ? -28.343 -11.645 9.874   1.00 79.27 ? 11  GLU A OE1   1 
ATOM   910  O OE2   . GLU C 3 11 ? -28.346 -13.838 9.757   1.00 79.97 ? 11  GLU A OE2   1 
ATOM   911  N N     . GLN C 3 12 ? -25.382 -11.336 5.592   1.00 54.58 ? 12  GLN A N     1 
ATOM   912  C CA    . GLN C 3 12 ? -24.123 -10.616 5.723   1.00 51.71 ? 12  GLN A CA    1 
ATOM   913  C C     . GLN C 3 12 ? -23.908 -9.726  4.513   1.00 51.22 ? 12  GLN A C     1 
ATOM   914  O O     . GLN C 3 12 ? -23.692 -8.530  4.662   1.00 52.37 ? 12  GLN A O     1 
ATOM   915  C CB    . GLN C 3 12 ? -22.952 -11.576 5.896   1.00 51.98 ? 12  GLN A CB    1 
ATOM   916  C CG    . GLN C 3 12 ? -22.900 -12.222 7.268   1.00 52.02 ? 12  GLN A CG    1 
ATOM   917  C CD    . GLN C 3 12 ? -21.758 -13.202 7.414   1.00 51.41 ? 12  GLN A CD    1 
ATOM   918  O OE1   . GLN C 3 12 ? -21.382 -13.882 6.460   1.00 50.73 ? 12  GLN A OE1   1 
ATOM   919  N NE2   . GLN C 3 12 ? -21.196 -13.280 8.617   1.00 52.41 ? 12  GLN A NE2   1 
ATOM   920  N N     . LEU C 3 13 ? -24.004 -10.299 3.315   1.00 48.93 ? 13  LEU A N     1 
ATOM   921  C CA    . LEU C 3 13 ? -23.823 -9.519  2.096   1.00 48.50 ? 13  LEU A CA    1 
ATOM   922  C C     . LEU C 3 13 ? -24.847 -8.395  2.016   1.00 47.48 ? 13  LEU A C     1 
ATOM   923  O O     . LEU C 3 13 ? -24.569 -7.332  1.476   1.00 46.83 ? 13  LEU A O     1 
ATOM   924  C CB    . LEU C 3 13 ? -23.896 -10.420 0.860   1.00 51.29 ? 13  LEU A CB    1 
ATOM   925  C CG    . LEU C 3 13 ? -22.727 -11.409 0.725   1.00 54.23 ? 13  LEU A CG    1 
ATOM   926  C CD1   . LEU C 3 13 ? -23.004 -12.445 -0.345  1.00 55.96 ? 13  LEU A CD1   1 
ATOM   927  C CD2   . LEU C 3 13 ? -21.446 -10.669 0.400   1.00 55.64 ? 13  LEU A CD2   1 
ATOM   928  N N     . ALA C 3 14 ? -26.008 -8.615  2.624   1.00 49.37 ? 14  ALA A N     1 
ATOM   929  C CA    . ALA C 3 14 ? -27.073 -7.618  2.635   1.00 51.36 ? 14  ALA A CA    1 
ATOM   930  C C     . ALA C 3 14 ? -26.674 -6.423  3.490   1.00 51.83 ? 14  ALA A C     1 
ATOM   931  O O     . ALA C 3 14 ? -26.882 -5.274  3.091   1.00 55.81 ? 14  ALA A O     1 
ATOM   932  C CB    . ALA C 3 14 ? -28.375 -8.228  3.158   1.00 50.17 ? 14  ALA A CB    1 
ATOM   933  N N     . ARG C 3 15 ? -26.123 -6.695  4.672   1.00 49.80 ? 15  ARG A N     1 
ATOM   934  C CA    . ARG C 3 15 ? -25.687 -5.637  5.583   1.00 47.99 ? 15  ARG A CA    1 
ATOM   935  C C     . ARG C 3 15 ? -24.460 -4.918  5.034   1.00 46.12 ? 15  ARG A C     1 
ATOM   936  O O     . ARG C 3 15 ? -24.296 -3.707  5.221   1.00 45.67 ? 15  ARG A O     1 
ATOM   937  C CB    . ARG C 3 15 ? -25.372 -6.212  6.965   1.00 50.57 ? 15  ARG A CB    1 
ATOM   938  C CG    . ARG C 3 15 ? -24.837 -5.183  7.957   1.00 56.41 ? 15  ARG A CG    1 
ATOM   939  C CD    . ARG C 3 15 ? -25.803 -4.014  8.145   1.00 61.83 ? 15  ARG A CD    1 
ATOM   940  N NE    . ARG C 3 15 ? -25.305 -3.041  9.113   1.00 67.81 ? 15  ARG A NE    1 
ATOM   941  C CZ    . ARG C 3 15 ? -25.218 -3.268  10.423  1.00 70.81 ? 15  ARG A CZ    1 
ATOM   942  N NH1   . ARG C 3 15 ? -25.607 -4.440  10.926  1.00 69.11 ? 15  ARG A NH1   1 
ATOM   943  N NH2   . ARG C 3 15 ? -24.711 -2.336  11.226  1.00 72.07 ? 15  ARG A NH2   1 
ATOM   944  N N     . LEU C 3 16 ? -23.600 -5.678  4.359   1.00 44.27 ? 16  LEU A N     1 
ATOM   945  C CA    . LEU C 3 16 ? -22.400 -5.128  3.763   1.00 41.32 ? 16  LEU A CA    1 
ATOM   946  C C     . LEU C 3 16 ? -22.796 -4.160  2.657   1.00 44.03 ? 16  LEU A C     1 
ATOM   947  O O     . LEU C 3 16 ? -22.291 -3.040  2.610   1.00 47.62 ? 16  LEU A O     1 
ATOM   948  C CB    . LEU C 3 16 ? -21.514 -6.247  3.228   1.00 36.56 ? 16  LEU A CB    1 
ATOM   949  C CG    . LEU C 3 16 ? -20.780 -7.048  4.300   1.00 32.82 ? 16  LEU A CG    1 
ATOM   950  C CD1   . LEU C 3 16 ? -20.075 -8.207  3.656   1.00 33.67 ? 16  LEU A CD1   1 
ATOM   951  C CD2   . LEU C 3 16 ? -19.791 -6.168  5.029   1.00 31.09 ? 16  LEU A CD2   1 
ATOM   952  N N     . LYS C 3 17 ? -23.738 -4.561  1.804   1.00 43.97 ? 17  LYS A N     1 
ATOM   953  C CA    . LYS C 3 17 ? -24.191 -3.691  0.718   1.00 44.01 ? 17  LYS A CA    1 
ATOM   954  C C     . LYS C 3 17 ? -24.829 -2.404  1.224   1.00 42.36 ? 17  LYS A C     1 
ATOM   955  O O     . LYS C 3 17 ? -24.554 -1.326  0.701   1.00 42.06 ? 17  LYS A O     1 
ATOM   956  C CB    . LYS C 3 17 ? -25.173 -4.422  -0.188  1.00 48.09 ? 17  LYS A CB    1 
ATOM   957  C CG    . LYS C 3 17 ? -24.555 -5.577  -0.905  1.00 54.78 ? 17  LYS A CG    1 
ATOM   958  C CD    . LYS C 3 17 ? -25.585 -6.369  -1.682  1.00 63.14 ? 17  LYS A CD    1 
ATOM   959  C CE    . LYS C 3 17 ? -24.949 -7.666  -2.172  1.00 69.54 ? 17  LYS A CE    1 
ATOM   960  N NZ    . LYS C 3 17 ? -25.885 -8.495  -2.963  1.00 74.83 ? 17  LYS A NZ    1 
ATOM   961  N N     . ARG C 3 18 ? -25.651 -2.513  2.261   1.00 41.52 ? 18  ARG A N     1 
ATOM   962  C CA    . ARG C 3 18 ? -26.319 -1.350  2.809   1.00 42.82 ? 18  ARG A CA    1 
ATOM   963  C C     . ARG C 3 18 ? -25.323 -0.418  3.420   1.00 42.75 ? 18  ARG A C     1 
ATOM   964  O O     . ARG C 3 18 ? -25.443 0.794   3.287   1.00 44.98 ? 18  ARG A O     1 
ATOM   965  C CB    . ARG C 3 18 ? -27.312 -1.747  3.875   1.00 47.38 ? 18  ARG A CB    1 
ATOM   966  C CG    . ARG C 3 18 ? -28.120 -0.574  4.416   1.00 59.19 ? 18  ARG A CG    1 
ATOM   967  C CD    . ARG C 3 18 ? -29.065 -1.057  5.496   1.00 68.13 ? 18  ARG A CD    1 
ATOM   968  N NE    . ARG C 3 18 ? -29.608 -2.370  5.135   1.00 78.83 ? 18  ARG A NE    1 
ATOM   969  C CZ    . ARG C 3 18 ? -29.544 -3.461  5.904   1.00 82.50 ? 18  ARG A CZ    1 
ATOM   970  N NH1   . ARG C 3 18 ? -28.968 -3.405  7.102   1.00 83.65 ? 18  ARG A NH1   1 
ATOM   971  N NH2   . ARG C 3 18 ? -30.008 -4.626  5.448   1.00 82.40 ? 18  ARG A NH2   1 
ATOM   972  N N     . GLU C 3 19 ? -24.368 -0.984  4.149   1.00 44.26 ? 19  GLU A N     1 
ATOM   973  C CA    . GLU C 3 19 ? -23.330 -0.178  4.782   1.00 43.78 ? 19  GLU A CA    1 
ATOM   974  C C     . GLU C 3 19 ? -22.525 0.559   3.727   1.00 43.28 ? 19  GLU A C     1 
ATOM   975  O O     . GLU C 3 19 ? -22.250 1.756   3.868   1.00 43.61 ? 19  GLU A O     1 
ATOM   976  C CB    . GLU C 3 19 ? -22.409 -1.052  5.626   1.00 45.67 ? 19  GLU A CB    1 
ATOM   977  C CG    . GLU C 3 19 ? -22.984 -1.406  6.987   1.00 49.41 ? 19  GLU A CG    1 
ATOM   978  C CD    . GLU C 3 19 ? -23.178 -0.189  7.877   1.00 52.97 ? 19  GLU A CD    1 
ATOM   979  O OE1   . GLU C 3 19 ? -22.454 0.829   7.685   1.00 53.32 ? 19  GLU A OE1   1 
ATOM   980  O OE2   . GLU C 3 19 ? -24.055 -0.259  8.771   1.00 53.35 ? 19  GLU A OE2   1 
ATOM   981  N N     . PHE C 3 20 ? -22.191 -0.157  2.655   1.00 41.85 ? 20  PHE A N     1 
ATOM   982  C CA    . PHE C 3 20 ? -21.432 0.391   1.543   1.00 41.86 ? 20  PHE A CA    1 
ATOM   983  C C     . PHE C 3 20 ? -22.213 1.528   0.858   1.00 43.85 ? 20  PHE A C     1 
ATOM   984  O O     . PHE C 3 20 ? -21.616 2.495   0.394   1.00 41.76 ? 20  PHE A O     1 
ATOM   985  C CB    . PHE C 3 20 ? -21.097 -0.727  0.545   1.00 41.24 ? 20  PHE A CB    1 
ATOM   986  C CG    . PHE C 3 20 ? -20.184 -0.295  -0.580  1.00 43.15 ? 20  PHE A CG    1 
ATOM   987  C CD1   . PHE C 3 20 ? -18.812 -0.245  -0.400  1.00 40.34 ? 20  PHE A CD1   1 
ATOM   988  C CD2   . PHE C 3 20 ? -20.706 0.057   -1.825  1.00 44.08 ? 20  PHE A CD2   1 
ATOM   989  C CE1   . PHE C 3 20 ? -17.976 0.147   -1.436  1.00 42.38 ? 20  PHE A CE1   1 
ATOM   990  C CE2   . PHE C 3 20 ? -19.874 0.452   -2.869  1.00 42.42 ? 20  PHE A CE2   1 
ATOM   991  C CZ    . PHE C 3 20 ? -18.509 0.498   -2.674  1.00 41.95 ? 20  PHE A CZ    1 
ATOM   992  N N     . ASN C 3 21 ? -23.543 1.428   0.820   1.00 45.94 ? 21  ASN A N     1 
ATOM   993  C CA    . ASN C 3 21 ? -24.376 2.479   0.209   1.00 44.47 ? 21  ASN A CA    1 
ATOM   994  C C     . ASN C 3 21 ? -24.366 3.748   1.043   1.00 42.51 ? 21  ASN A C     1 
ATOM   995  O O     . ASN C 3 21 ? -24.451 4.840   0.503   1.00 42.85 ? 21  ASN A O     1 
ATOM   996  C CB    . ASN C 3 21 ? -25.835 2.025   0.030   1.00 46.14 ? 21  ASN A CB    1 
ATOM   997  C CG    . ASN C 3 21 ? -26.015 1.168   -1.238  1.00 52.12 ? 21  ASN A CG    1 
ATOM   998  O OD1   . ASN C 3 21 ? -27.116 1.062   -1.754  1.00 62.43 ? 21  ASN A OD1   1 
ATOM   999  N ND2   . ASN C 3 21 ? -24.934 0.543   -1.725  1.00 48.14 ? 21  ASN A ND2   1 
ATOM   1000 N N     . GLU C 3 22 ? -24.275 3.620   2.361   1.00 43.44 ? 22  GLU A N     1 
ATOM   1001 C CA    . GLU C 3 22 ? -24.264 4.801   3.202   1.00 45.97 ? 22  GLU A CA    1 
ATOM   1002 C C     . GLU C 3 22 ? -22.882 5.425   3.296   1.00 44.82 ? 22  GLU A C     1 
ATOM   1003 O O     . GLU C 3 22 ? -22.766 6.641   3.443   1.00 43.68 ? 22  GLU A O     1 
ATOM   1004 C CB    . GLU C 3 22 ? -24.868 4.490   4.565   1.00 53.14 ? 22  GLU A CB    1 
ATOM   1005 C CG    . GLU C 3 22 ? -26.359 4.166   4.452   1.00 65.02 ? 22  GLU A CG    1 
ATOM   1006 C CD    . GLU C 3 22 ? -26.991 3.710   5.755   1.00 71.78 ? 22  GLU A CD    1 
ATOM   1007 O OE1   . GLU C 3 22 ? -26.338 3.835   6.818   1.00 74.07 ? 22  GLU A OE1   1 
ATOM   1008 O OE2   . GLU C 3 22 ? -28.148 3.221   5.707   1.00 74.00 ? 22  GLU A OE2   1 
ATOM   1009 N N     . ASN C 3 23 ? -21.844 4.595   3.166   1.00 46.08 ? 23  ASN A N     1 
ATOM   1010 C CA    . ASN C 3 23 ? -20.444 5.061   3.177   1.00 47.01 ? 23  ASN A CA    1 
ATOM   1011 C C     . ASN C 3 23 ? -19.446 4.069   2.574   1.00 43.99 ? 23  ASN A C     1 
ATOM   1012 O O     . ASN C 3 23 ? -19.121 3.064   3.192   1.00 43.99 ? 23  ASN A O     1 
ATOM   1013 C CB    . ASN C 3 23 ? -19.974 5.443   4.568   1.00 51.38 ? 23  ASN A CB    1 
ATOM   1014 C CG    . ASN C 3 23 ? -18.853 6.456   4.551   1.00 59.33 ? 23  ASN A CG    1 
ATOM   1015 O OD1   . ASN C 3 23 ? -18.082 6.524   3.598   1.00 64.82 ? 23  ASN A OD1   1 
ATOM   1016 N ND2   . ASN C 3 23 ? -18.810 7.299   5.572   1.00 61.82 ? 23  ASN A ND2   1 
ATOM   1017 N N     . ARG C 3 24 ? -18.920 4.384   1.389   1.00 41.83 ? 24  ARG A N     1 
ATOM   1018 C CA    . ARG C 3 24 ? -17.984 3.491   0.707   1.00 39.90 ? 24  ARG A CA    1 
ATOM   1019 C C     . ARG C 3 24 ? -16.600 3.353   1.325   1.00 39.11 ? 24  ARG A C     1 
ATOM   1020 O O     . ARG C 3 24 ? -15.778 2.571   0.843   1.00 40.32 ? 24  ARG A O     1 
ATOM   1021 C CB    . ARG C 3 24 ? -17.876 3.841   -0.780  1.00 42.23 ? 24  ARG A CB    1 
ATOM   1022 C CG    . ARG C 3 24 ? -17.967 5.307   -1.103  1.00 45.29 ? 24  ARG A CG    1 
ATOM   1023 C CD    . ARG C 3 24 ? -18.212 5.506   -2.591  1.00 50.14 ? 24  ARG A CD    1 
ATOM   1024 N NE    . ARG C 3 24 ? -17.083 6.164   -3.232  1.00 52.92 ? 24  ARG A NE    1 
ATOM   1025 C CZ    . ARG C 3 24 ? -16.618 7.361   -2.881  1.00 55.71 ? 24  ARG A CZ    1 
ATOM   1026 N NH1   . ARG C 3 24 ? -17.188 8.056   -1.891  1.00 53.42 ? 24  ARG A NH1   1 
ATOM   1027 N NH2   . ARG C 3 24 ? -15.578 7.867   -3.527  1.00 57.70 ? 24  ARG A NH2   1 
ATOM   1028 N N     . TYR C 3 25 ? -16.348 4.108   2.386   1.00 38.31 ? 25  TYR A N     1 
ATOM   1029 C CA    . TYR C 3 25 ? -15.077 4.058   3.091   1.00 38.46 ? 25  TYR A CA    1 
ATOM   1030 C C     . TYR C 3 25 ? -15.318 3.776   4.561   1.00 40.99 ? 25  TYR A C     1 
ATOM   1031 O O     . TYR C 3 25 ? -16.186 4.374   5.184   1.00 44.82 ? 25  TYR A O     1 
ATOM   1032 C CB    . TYR C 3 25 ? -14.307 5.366   2.919   1.00 38.28 ? 25  TYR A CB    1 
ATOM   1033 C CG    . TYR C 3 25 ? -13.678 5.486   1.556   1.00 39.06 ? 25  TYR A CG    1 
ATOM   1034 C CD1   . TYR C 3 25 ? -12.611 4.665   1.187   1.00 41.51 ? 25  TYR A CD1   1 
ATOM   1035 C CD2   . TYR C 3 25 ? -14.184 6.370   0.607   1.00 39.64 ? 25  TYR A CD2   1 
ATOM   1036 C CE1   . TYR C 3 25 ? -12.070 4.714   -0.093  1.00 39.46 ? 25  TYR A CE1   1 
ATOM   1037 C CE2   . TYR C 3 25 ? -13.644 6.425   -0.682  1.00 37.96 ? 25  TYR A CE2   1 
ATOM   1038 C CZ    . TYR C 3 25 ? -12.593 5.592   -1.016  1.00 38.44 ? 25  TYR A CZ    1 
ATOM   1039 O OH    . TYR C 3 25 ? -12.058 5.634   -2.270  1.00 39.29 ? 25  TYR A OH    1 
ATOM   1040 N N     . LEU C 3 26 ? -14.575 2.822   5.098   1.00 43.52 ? 26  LEU A N     1 
ATOM   1041 C CA    . LEU C 3 26 ? -14.699 2.456   6.497   1.00 45.69 ? 26  LEU A CA    1 
ATOM   1042 C C     . LEU C 3 26 ? -13.768 3.241   7.396   1.00 49.27 ? 26  LEU A C     1 
ATOM   1043 O O     . LEU C 3 26 ? -12.667 3.639   6.994   1.00 52.48 ? 26  LEU A O     1 
ATOM   1044 C CB    . LEU C 3 26 ? -14.352 0.989   6.693   1.00 44.66 ? 26  LEU A CB    1 
ATOM   1045 C CG    . LEU C 3 26 ? -15.318 -0.116  6.307   1.00 42.44 ? 26  LEU A CG    1 
ATOM   1046 C CD1   . LEU C 3 26 ? -14.595 -1.427  6.463   1.00 42.37 ? 26  LEU A CD1   1 
ATOM   1047 C CD2   . LEU C 3 26 ? -16.540 -0.090  7.187   1.00 42.55 ? 26  LEU A CD2   1 
ATOM   1048 N N     . THR C 3 27 ? -14.220 3.427   8.632   1.00 50.72 ? 27  THR A N     1 
ATOM   1049 C CA    . THR C 3 27 ? -13.444 4.092   9.664   1.00 50.20 ? 27  THR A CA    1 
ATOM   1050 C C     . THR C 3 27 ? -13.165 2.920   10.586  1.00 48.66 ? 27  THR A C     1 
ATOM   1051 O O     . THR C 3 27 ? -13.938 1.965   10.613  1.00 47.19 ? 27  THR A O     1 
ATOM   1052 C CB    . THR C 3 27 ? -14.279 5.144   10.407  1.00 52.74 ? 27  THR A CB    1 
ATOM   1053 O OG1   . THR C 3 27 ? -15.380 4.501   11.058  1.00 56.81 ? 27  THR A OG1   1 
ATOM   1054 C CG2   . THR C 3 27 ? -14.824 6.180   9.430   1.00 54.58 ? 27  THR A CG2   1 
ATOM   1055 N N     . GLU C 3 28 ? -12.072 2.980   11.331  1.00 50.50 ? 28  GLU A N     1 
ATOM   1056 C CA    . GLU C 3 28 ? -11.710 1.888   12.230  1.00 53.18 ? 28  GLU A CA    1 
ATOM   1057 C C     . GLU C 3 28 ? -12.848 1.398   13.126  1.00 53.13 ? 28  GLU A C     1 
ATOM   1058 O O     . GLU C 3 28 ? -13.031 0.195   13.313  1.00 51.84 ? 28  GLU A O     1 
ATOM   1059 C CB    . GLU C 3 28 ? -10.532 2.309   13.091  1.00 57.24 ? 28  GLU A CB    1 
ATOM   1060 C CG    . GLU C 3 28 ? -9.989  1.209   13.965  1.00 64.28 ? 28  GLU A CG    1 
ATOM   1061 C CD    . GLU C 3 28 ? -8.870  1.706   14.848  1.00 68.85 ? 28  GLU A CD    1 
ATOM   1062 O OE1   . GLU C 3 28 ? -9.165  2.258   15.931  1.00 70.95 ? 28  GLU A OE1   1 
ATOM   1063 O OE2   . GLU C 3 28 ? -7.694  1.566   14.449  1.00 72.77 ? 28  GLU A OE2   1 
ATOM   1064 N N     . ARG C 3 29 ? -13.626 2.340   13.648  1.00 54.75 ? 29  ARG A N     1 
ATOM   1065 C CA    . ARG C 3 29 ? -14.741 2.028   14.533  1.00 56.15 ? 29  ARG A CA    1 
ATOM   1066 C C     . ARG C 3 29 ? -15.888 1.303   13.834  1.00 53.76 ? 29  ARG A C     1 
ATOM   1067 O O     . ARG C 3 29 ? -16.367 0.278   14.321  1.00 54.74 ? 29  ARG A O     1 
ATOM   1068 C CB    . ARG C 3 29 ? -15.249 3.310   15.209  1.00 61.70 ? 29  ARG A CB    1 
ATOM   1069 C CG    . ARG C 3 29 ? -16.386 3.100   16.202  1.00 71.83 ? 29  ARG A CG    1 
ATOM   1070 C CD    . ARG C 3 29 ? -16.725 4.394   16.938  1.00 81.65 ? 29  ARG A CD    1 
ATOM   1071 N NE    . ARG C 3 29 ? -18.066 4.361   17.527  1.00 91.90 ? 29  ARG A NE    1 
ATOM   1072 C CZ    . ARG C 3 29 ? -18.769 5.441   17.874  1.00 95.96 ? 29  ARG A CZ    1 
ATOM   1073 N NH1   . ARG C 3 29 ? -18.266 6.658   17.701  1.00 97.97 ? 29  ARG A NH1   1 
ATOM   1074 N NH2   . ARG C 3 29 ? -19.993 5.307   18.374  1.00 97.34 ? 29  ARG A NH2   1 
ATOM   1075 N N     . ARG C 3 30 ? -16.330 1.835   12.699  1.00 50.72 ? 30  ARG A N     1 
ATOM   1076 C CA    . ARG C 3 30 ? -17.423 1.234   11.940  1.00 50.07 ? 30  ARG A CA    1 
ATOM   1077 C C     . ARG C 3 30 ? -17.043 -0.199  11.608  1.00 47.26 ? 30  ARG A C     1 
ATOM   1078 O O     . ARG C 3 30 ? -17.852 -1.124  11.707  1.00 46.55 ? 30  ARG A O     1 
ATOM   1079 C CB    . ARG C 3 30 ? -17.647 2.025   10.648  1.00 56.87 ? 30  ARG A CB    1 
ATOM   1080 C CG    . ARG C 3 30 ? -18.709 1.471   9.701   1.00 64.69 ? 30  ARG A CG    1 
ATOM   1081 C CD    . ARG C 3 30 ? -20.128 1.839   10.119  1.00 73.47 ? 30  ARG A CD    1 
ATOM   1082 N NE    . ARG C 3 30 ? -20.691 0.943   11.132  1.00 82.21 ? 30  ARG A NE    1 
ATOM   1083 C CZ    . ARG C 3 30 ? -21.949 1.004   11.569  1.00 86.76 ? 30  ARG A CZ    1 
ATOM   1084 N NH1   . ARG C 3 30 ? -22.772 1.927   11.087  1.00 89.12 ? 30  ARG A NH1   1 
ATOM   1085 N NH2   . ARG C 3 30 ? -22.403 0.118   12.456  1.00 88.56 ? 30  ARG A NH2   1 
ATOM   1086 N N     . ARG C 3 31 ? -15.781 -0.371  11.245  1.00 46.00 ? 31  ARG A N     1 
ATOM   1087 C CA    . ARG C 3 31 ? -15.262 -1.674  10.893  1.00 44.03 ? 31  ARG A CA    1 
ATOM   1088 C C     . ARG C 3 31 ? -15.327 -2.618  12.081  1.00 41.74 ? 31  ARG A C     1 
ATOM   1089 O O     . ARG C 3 31 ? -15.580 -3.799  11.911  1.00 41.77 ? 31  ARG A O     1 
ATOM   1090 C CB    . ARG C 3 31 ? -13.829 -1.540  10.388  1.00 45.88 ? 31  ARG A CB    1 
ATOM   1091 C CG    . ARG C 3 31 ? -13.254 -2.820  9.816   1.00 50.90 ? 31  ARG A CG    1 
ATOM   1092 C CD    . ARG C 3 31 ? -11.781 -2.659  9.492   1.00 54.44 ? 31  ARG A CD    1 
ATOM   1093 N NE    . ARG C 3 31 ? -11.054 -2.112  10.633  1.00 59.49 ? 31  ARG A NE    1 
ATOM   1094 C CZ    . ARG C 3 31 ? -9.740  -1.937  10.674  1.00 60.85 ? 31  ARG A CZ    1 
ATOM   1095 N NH1   . ARG C 3 31 ? -8.990  -2.286  9.636   1.00 61.79 ? 31  ARG A NH1   1 
ATOM   1096 N NH2   . ARG C 3 31 ? -9.176  -1.426  11.763  1.00 62.56 ? 31  ARG A NH2   1 
ATOM   1097 N N     . GLN C 3 32 ? -15.103 -2.104  13.286  1.00 42.36 ? 32  GLN A N     1 
ATOM   1098 C CA    . GLN C 3 32 ? -15.162 -2.954  14.463  1.00 43.66 ? 32  GLN A CA    1 
ATOM   1099 C C     . GLN C 3 32 ? -16.586 -3.375  14.725  1.00 45.73 ? 32  GLN A C     1 
ATOM   1100 O O     . GLN C 3 32 ? -16.862 -4.554  14.935  1.00 49.66 ? 32  GLN A O     1 
ATOM   1101 C CB    . GLN C 3 32 ? -14.638 -2.231  15.683  1.00 44.46 ? 32  GLN A CB    1 
ATOM   1102 C CG    . GLN C 3 32 ? -13.204 -1.842  15.575  1.00 49.59 ? 32  GLN A CG    1 
ATOM   1103 C CD    . GLN C 3 32 ? -12.674 -1.272  16.862  1.00 52.60 ? 32  GLN A CD    1 
ATOM   1104 O OE1   . GLN C 3 32 ? -11.513 -1.486  17.206  1.00 55.95 ? 32  GLN A OE1   1 
ATOM   1105 N NE2   . GLN C 3 32 ? -13.527 -0.557  17.599  1.00 50.44 ? 32  GLN A NE2   1 
ATOM   1106 N N     . GLN C 3 33 ? -17.500 -2.415  14.663  1.00 45.87 ? 33  GLN A N     1 
ATOM   1107 C CA    . GLN C 3 33 ? -18.905 -2.696  14.912  1.00 46.41 ? 33  GLN A CA    1 
ATOM   1108 C C     . GLN C 3 33 ? -19.437 -3.756  13.992  1.00 45.34 ? 33  GLN A C     1 
ATOM   1109 O O     . GLN C 3 33 ? -20.068 -4.699  14.443  1.00 46.42 ? 33  GLN A O     1 
ATOM   1110 C CB    . GLN C 3 33 ? -19.731 -1.442  14.752  1.00 52.72 ? 33  GLN A CB    1 
ATOM   1111 C CG    . GLN C 3 33 ? -19.151 -0.277  15.510  1.00 65.37 ? 33  GLN A CG    1 
ATOM   1112 C CD    . GLN C 3 33 ? -20.025 0.952   15.471  1.00 71.83 ? 33  GLN A CD    1 
ATOM   1113 O OE1   . GLN C 3 33 ? -19.851 1.865   16.276  1.00 76.20 ? 33  GLN A OE1   1 
ATOM   1114 N NE2   . GLN C 3 33 ? -20.973 0.987   14.535  1.00 76.76 ? 33  GLN A NE2   1 
ATOM   1115 N N     . LEU C 3 34 ? -19.174 -3.609  12.701  1.00 44.04 ? 34  LEU A N     1 
ATOM   1116 C CA    . LEU C 3 34 ? -19.644 -4.583  11.733  1.00 42.86 ? 34  LEU A CA    1 
ATOM   1117 C C     . LEU C 3 34 ? -19.087 -5.966  11.998  1.00 43.07 ? 34  LEU A C     1 
ATOM   1118 O O     . LEU C 3 34 ? -19.747 -6.965  11.746  1.00 45.72 ? 34  LEU A O     1 
ATOM   1119 C CB    . LEU C 3 34 ? -19.278 -4.135  10.333  1.00 43.40 ? 34  LEU A CB    1 
ATOM   1120 C CG    . LEU C 3 34 ? -20.112 -2.955  9.867   1.00 43.92 ? 34  LEU A CG    1 
ATOM   1121 C CD1   . LEU C 3 34 ? -19.540 -2.411  8.584   1.00 43.87 ? 34  LEU A CD1   1 
ATOM   1122 C CD2   . LEU C 3 34 ? -21.538 -3.418  9.654   1.00 44.99 ? 34  LEU A CD2   1 
ATOM   1123 N N     . SER C 3 35 ? -17.868 -6.015  12.511  1.00 45.35 ? 35  SER A N     1 
ATOM   1124 C CA    . SER C 3 35 ? -17.203 -7.274  12.823  1.00 47.72 ? 35  SER A CA    1 
ATOM   1125 C C     . SER C 3 35 ? -17.922 -8.027  13.943  1.00 47.28 ? 35  SER A C     1 
ATOM   1126 O O     . SER C 3 35 ? -18.331 -9.182  13.778  1.00 46.70 ? 35  SER A O     1 
ATOM   1127 C CB    . SER C 3 35 ? -15.754 -6.992  13.237  1.00 48.41 ? 35  SER A CB    1 
ATOM   1128 O OG    . SER C 3 35 ? -15.113 -8.168  13.689  1.00 53.06 ? 35  SER A OG    1 
ATOM   1129 N N     . SER C 3 36 ? -18.062 -7.363  15.085  1.00 47.81 ? 36  SER A N     1 
ATOM   1130 C CA    . SER C 3 36 ? -18.723 -7.958  16.232  1.00 50.79 ? 36  SER A CA    1 
ATOM   1131 C C     . SER C 3 36 ? -20.180 -8.265  15.930  1.00 51.80 ? 36  SER A C     1 
ATOM   1132 O O     . SER C 3 36 ? -20.733 -9.222  16.455  1.00 55.09 ? 36  SER A O     1 
ATOM   1133 C CB    . SER C 3 36 ? -18.621 -7.041  17.451  1.00 51.34 ? 36  SER A CB    1 
ATOM   1134 O OG    . SER C 3 36 ? -19.250 -5.801  17.213  1.00 58.44 ? 36  SER A OG    1 
ATOM   1135 N N     . GLU C 3 37 ? -20.796 -7.460  15.072  1.00 52.69 ? 37  GLU A N     1 
ATOM   1136 C CA    . GLU C 3 37 ? -22.189 -7.670  14.709  1.00 51.84 ? 37  GLU A CA    1 
ATOM   1137 C C     . GLU C 3 37 ? -22.366 -8.788  13.709  1.00 50.11 ? 37  GLU A C     1 
ATOM   1138 O O     . GLU C 3 37 ? -23.287 -9.586  13.830  1.00 52.14 ? 37  GLU A O     1 
ATOM   1139 C CB    . GLU C 3 37 ? -22.813 -6.400  14.138  1.00 56.11 ? 37  GLU A CB    1 
ATOM   1140 C CG    . GLU C 3 37 ? -23.118 -5.326  15.170  1.00 64.28 ? 37  GLU A CG    1 
ATOM   1141 C CD    . GLU C 3 37 ? -23.916 -4.166  14.593  1.00 70.11 ? 37  GLU A CD    1 
ATOM   1142 O OE1   . GLU C 3 37 ? -24.352 -4.261  13.425  1.00 72.76 ? 37  GLU A OE1   1 
ATOM   1143 O OE2   . GLU C 3 37 ? -24.108 -3.157  15.312  1.00 73.80 ? 37  GLU A OE2   1 
ATOM   1144 N N     . LEU C 3 38 ? -21.483 -8.867  12.724  1.00 47.58 ? 38  LEU A N     1 
ATOM   1145 C CA    . LEU C 3 38 ? -21.628 -9.902  11.716  1.00 45.56 ? 38  LEU A CA    1 
ATOM   1146 C C     . LEU C 3 38 ? -20.860 -11.179 12.004  1.00 45.95 ? 38  LEU A C     1 
ATOM   1147 O O     . LEU C 3 38 ? -21.078 -12.195 11.330  1.00 45.78 ? 38  LEU A O     1 
ATOM   1148 C CB    . LEU C 3 38 ? -21.238 -9.370  10.339  1.00 43.27 ? 38  LEU A CB    1 
ATOM   1149 C CG    . LEU C 3 38 ? -21.930 -8.108  9.829   1.00 42.35 ? 38  LEU A CG    1 
ATOM   1150 C CD1   . LEU C 3 38 ? -21.440 -7.825  8.421   1.00 41.73 ? 38  LEU A CD1   1 
ATOM   1151 C CD2   . LEU C 3 38 ? -23.430 -8.278  9.844   1.00 40.72 ? 38  LEU A CD2   1 
ATOM   1152 N N     . GLY C 3 39 ? -19.964 -11.139 12.987  1.00 44.53 ? 39  GLY A N     1 
ATOM   1153 C CA    . GLY C 3 39 ? -19.178 -12.323 13.285  1.00 44.22 ? 39  GLY A CA    1 
ATOM   1154 C C     . GLY C 3 39 ? -18.183 -12.630 12.174  1.00 45.23 ? 39  GLY A C     1 
ATOM   1155 O O     . GLY C 3 39 ? -18.029 -13.764 11.718  1.00 45.32 ? 39  GLY A O     1 
ATOM   1156 N N     . LEU C 3 40 ? -17.534 -11.581 11.697  1.00 45.59 ? 40  LEU A N     1 
ATOM   1157 C CA    . LEU C 3 40 ? -16.538 -11.702 10.645  1.00 44.12 ? 40  LEU A CA    1 
ATOM   1158 C C     . LEU C 3 40 ? -15.313 -11.034 11.202  1.00 44.62 ? 40  LEU A C     1 
ATOM   1159 O O     . LEU C 3 40 ? -15.416 -10.237 12.127  1.00 46.64 ? 40  LEU A O     1 
ATOM   1160 C CB    . LEU C 3 40 ? -16.971 -10.912 9.417   1.00 41.43 ? 40  LEU A CB    1 
ATOM   1161 C CG    . LEU C 3 40 ? -18.070 -11.502 8.565   1.00 39.27 ? 40  LEU A CG    1 
ATOM   1162 C CD1   . LEU C 3 40 ? -18.428 -10.506 7.485   1.00 35.70 ? 40  LEU A CD1   1 
ATOM   1163 C CD2   . LEU C 3 40 ? -17.585 -12.817 7.982   1.00 39.81 ? 40  LEU A CD2   1 
ATOM   1164 N N     . ASN C 3 41 ? -14.154 -11.340 10.645  1.00 43.01 ? 41  ASN A N     1 
ATOM   1165 C CA    . ASN C 3 41 ? -12.948 -10.697 11.118  1.00 42.57 ? 41  ASN A CA    1 
ATOM   1166 C C     . ASN C 3 41 ? -12.851 -9.374  10.391  1.00 41.31 ? 41  ASN A C     1 
ATOM   1167 O O     . ASN C 3 41 ? -13.357 -9.250  9.283   1.00 42.40 ? 41  ASN A O     1 
ATOM   1168 C CB    . ASN C 3 41 ? -11.733 -11.569 10.828  1.00 45.31 ? 41  ASN A CB    1 
ATOM   1169 C CG    . ASN C 3 41 ? -11.806 -12.900 11.537  1.00 49.16 ? 41  ASN A CG    1 
ATOM   1170 O OD1   . ASN C 3 41 ? -12.012 -12.954 12.755  1.00 49.33 ? 41  ASN A OD1   1 
ATOM   1171 N ND2   . ASN C 3 41 ? -11.677 -13.988 10.776  1.00 51.24 ? 41  ASN A ND2   1 
ATOM   1172 N N     . GLU C 3 42 ? -12.227 -8.386  11.027  1.00 42.31 ? 42  GLU A N     1 
ATOM   1173 C CA    . GLU C 3 42 ? -12.057 -7.063  10.431  1.00 44.14 ? 42  GLU A CA    1 
ATOM   1174 C C     . GLU C 3 42 ? -11.332 -7.089  9.079   1.00 45.00 ? 42  GLU A C     1 
ATOM   1175 O O     . GLU C 3 42 ? -11.542 -6.197  8.258   1.00 48.49 ? 42  GLU A O     1 
ATOM   1176 C CB    . GLU C 3 42 ? -11.345 -6.098  11.400  1.00 44.34 ? 42  GLU A CB    1 
ATOM   1177 C CG    . GLU C 3 42 ? -12.191 -5.677  12.614  1.00 51.82 ? 42  GLU A CG    1 
ATOM   1178 C CD    . GLU C 3 42 ? -11.499 -4.661  13.544  1.00 56.65 ? 42  GLU A CD    1 
ATOM   1179 O OE1   . GLU C 3 42 ? -10.923 -3.658  13.053  1.00 57.19 ? 42  GLU A OE1   1 
ATOM   1180 O OE2   . GLU C 3 42 ? -11.564 -4.858  14.780  1.00 58.96 ? 42  GLU A OE2   1 
ATOM   1181 N N     . ALA C 3 43 ? -10.510 -8.109  8.833   1.00 41.43 ? 43  ALA A N     1 
ATOM   1182 C CA    . ALA C 3 43 ? -9.783  -8.196  7.568   1.00 40.20 ? 43  ALA A CA    1 
ATOM   1183 C C     . ALA C 3 43 ? -10.698 -8.573  6.404   1.00 40.87 ? 43  ALA A C     1 
ATOM   1184 O O     . ALA C 3 43 ? -10.530 -8.071  5.296   1.00 38.50 ? 43  ALA A O     1 
ATOM   1185 C CB    . ALA C 3 43 ? -8.636  -9.175  7.677   1.00 37.45 ? 43  ALA A CB    1 
ATOM   1186 N N     . GLN C 3 44 ? -11.669 -9.448  6.661   1.00 43.43 ? 44  GLN A N     1 
ATOM   1187 C CA    . GLN C 3 44 ? -12.607 -9.887  5.626   1.00 43.76 ? 44  GLN A CA    1 
ATOM   1188 C C     . GLN C 3 44 ? -13.506 -8.729  5.195   1.00 42.75 ? 44  GLN A C     1 
ATOM   1189 O O     . GLN C 3 44 ? -13.974 -8.680  4.066   1.00 45.61 ? 44  GLN A O     1 
ATOM   1190 C CB    . GLN C 3 44 ? -13.465 -11.048 6.138   1.00 45.37 ? 44  GLN A CB    1 
ATOM   1191 C CG    . GLN C 3 44 ? -12.682 -12.280 6.575   1.00 50.77 ? 44  GLN A CG    1 
ATOM   1192 C CD    . GLN C 3 44 ? -13.574 -13.305 7.254   1.00 55.25 ? 44  GLN A CD    1 
ATOM   1193 O OE1   . GLN C 3 44 ? -13.990 -13.130 8.400   1.00 57.49 ? 44  GLN A OE1   1 
ATOM   1194 N NE2   . GLN C 3 44 ? -13.880 -14.382 6.542   1.00 59.61 ? 44  GLN A NE2   1 
ATOM   1195 N N     . ILE C 3 45 ? -13.749 -7.804  6.115   1.00 40.96 ? 45  ILE A N     1 
ATOM   1196 C CA    . ILE C 3 45 ? -14.580 -6.638  5.859   1.00 38.05 ? 45  ILE A CA    1 
ATOM   1197 C C     . ILE C 3 45 ? -13.799 -5.597  5.066   1.00 38.35 ? 45  ILE A C     1 
ATOM   1198 O O     . ILE C 3 45 ? -14.311 -5.018  4.116   1.00 41.48 ? 45  ILE A O     1 
ATOM   1199 C CB    . ILE C 3 45 ? -15.073 -6.022  7.186   1.00 35.77 ? 45  ILE A CB    1 
ATOM   1200 C CG1   . ILE C 3 45 ? -16.001 -6.999  7.901   1.00 33.35 ? 45  ILE A CG1   1 
ATOM   1201 C CG2   . ILE C 3 45 ? -15.812 -4.738  6.934   1.00 34.89 ? 45  ILE A CG2   1 
ATOM   1202 C CD1   . ILE C 3 45 ? -16.447 -6.508  9.235   1.00 32.91 ? 45  ILE A CD1   1 
ATOM   1203 N N     . LYS C 3 46 ? -12.558 -5.351  5.473   1.00 40.02 ? 46  LYS A N     1 
ATOM   1204 C CA    . LYS C 3 46 ? -11.688 -4.390  4.797   1.00 39.65 ? 46  LYS A CA    1 
ATOM   1205 C C     . LYS C 3 46 ? -11.533 -4.772  3.335   1.00 39.41 ? 46  LYS A C     1 
ATOM   1206 O O     . LYS C 3 46 ? -11.739 -3.943  2.454   1.00 42.89 ? 46  LYS A O     1 
ATOM   1207 C CB    . LYS C 3 46 ? -10.313 -4.367  5.473   1.00 40.91 ? 46  LYS A CB    1 
ATOM   1208 C CG    . LYS C 3 46 ? -9.243  -3.563  4.762   1.00 41.31 ? 46  LYS A CG    1 
ATOM   1209 C CD    . LYS C 3 46 ? -7.938  -3.657  5.523   1.00 47.79 ? 46  LYS A CD    1 
ATOM   1210 C CE    . LYS C 3 46 ? -6.986  -4.656  4.888   1.00 51.67 ? 46  LYS A CE    1 
ATOM   1211 N NZ    . LYS C 3 46 ? -6.353  -4.045  3.683   1.00 58.34 ? 46  LYS A NZ    1 
ATOM   1212 N N     . ILE C 3 47 ? -11.197 -6.036  3.088   1.00 39.77 ? 47  ILE A N     1 
ATOM   1213 C CA    . ILE C 3 47 ? -11.008 -6.551  1.734   1.00 40.11 ? 47  ILE A CA    1 
ATOM   1214 C C     . ILE C 3 47 ? -12.310 -6.576  0.923   1.00 40.65 ? 47  ILE A C     1 
ATOM   1215 O O     . ILE C 3 47 ? -12.283 -6.413  -0.301  1.00 42.42 ? 47  ILE A O     1 
ATOM   1216 C CB    . ILE C 3 47 ? -10.363 -7.947  1.770   1.00 38.12 ? 47  ILE A CB    1 
ATOM   1217 C CG1   . ILE C 3 47 ? -8.972  -7.854  2.385   1.00 40.31 ? 47  ILE A CG1   1 
ATOM   1218 C CG2   . ILE C 3 47 ? -10.232 -8.509  0.387   1.00 38.97 ? 47  ILE A CG2   1 
ATOM   1219 C CD1   . ILE C 3 47 ? -8.407  -9.191  2.816   1.00 42.24 ? 47  ILE A CD1   1 
ATOM   1220 N N     . TRP C 3 48 ? -13.448 -6.753  1.595   1.00 38.73 ? 48  TRP A N     1 
ATOM   1221 C CA    . TRP C 3 48 ? -14.721 -6.762  0.894   1.00 36.75 ? 48  TRP A CA    1 
ATOM   1222 C C     . TRP C 3 48 ? -14.966 -5.368  0.345   1.00 37.47 ? 48  TRP A C     1 
ATOM   1223 O O     . TRP C 3 48 ? -15.368 -5.216  -0.798  1.00 43.15 ? 48  TRP A O     1 
ATOM   1224 C CB    . TRP C 3 48 ? -15.880 -7.178  1.806   1.00 34.73 ? 48  TRP A CB    1 
ATOM   1225 C CG    . TRP C 3 48 ? -17.184 -7.324  1.051   1.00 38.30 ? 48  TRP A CG    1 
ATOM   1226 C CD1   . TRP C 3 48 ? -17.657 -8.454  0.437   1.00 38.24 ? 48  TRP A CD1   1 
ATOM   1227 C CD2   . TRP C 3 48 ? -18.154 -6.295  0.785   1.00 35.44 ? 48  TRP A CD2   1 
ATOM   1228 N NE1   . TRP C 3 48 ? -18.850 -8.187  -0.196  1.00 38.95 ? 48  TRP A NE1   1 
ATOM   1229 C CE2   . TRP C 3 48 ? -19.174 -6.872  -0.001  1.00 37.30 ? 48  TRP A CE2   1 
ATOM   1230 C CE3   . TRP C 3 48 ? -18.245 -4.941  1.124   1.00 34.41 ? 48  TRP A CE3   1 
ATOM   1231 C CZ2   . TRP C 3 48 ? -20.278 -6.144  -0.447  1.00 36.77 ? 48  TRP A CZ2   1 
ATOM   1232 C CZ3   . TRP C 3 48 ? -19.344 -4.216  0.678   1.00 34.45 ? 48  TRP A CZ3   1 
ATOM   1233 C CH2   . TRP C 3 48 ? -20.343 -4.819  -0.102  1.00 37.35 ? 48  TRP A CH2   1 
ATOM   1234 N N     . PHE C 3 49 ? -14.710 -4.346  1.149   1.00 37.42 ? 49  PHE A N     1 
ATOM   1235 C CA    . PHE C 3 49 ? -14.906 -2.972  0.694   1.00 38.27 ? 49  PHE A CA    1 
ATOM   1236 C C     . PHE C 3 49 ? -13.945 -2.553  -0.423  1.00 39.50 ? 49  PHE A C     1 
ATOM   1237 O O     . PHE C 3 49 ? -14.347 -1.845  -1.353  1.00 41.58 ? 49  PHE A O     1 
ATOM   1238 C CB    . PHE C 3 49 ? -14.782 -2.003  1.859   1.00 38.53 ? 49  PHE A CB    1 
ATOM   1239 C CG    . PHE C 3 49 ? -16.071 -1.739  2.578   1.00 37.35 ? 49  PHE A CG    1 
ATOM   1240 C CD1   . PHE C 3 49 ? -16.705 -2.744  3.299   1.00 39.40 ? 49  PHE A CD1   1 
ATOM   1241 C CD2   . PHE C 3 49 ? -16.624 -0.463  2.577   1.00 35.51 ? 49  PHE A CD2   1 
ATOM   1242 C CE1   . PHE C 3 49 ? -17.872 -2.476  4.013   1.00 40.08 ? 49  PHE A CE1   1 
ATOM   1243 C CE2   . PHE C 3 49 ? -17.781 -0.184  3.282   1.00 37.74 ? 49  PHE A CE2   1 
ATOM   1244 C CZ    . PHE C 3 49 ? -18.408 -1.191  4.003   1.00 40.66 ? 49  PHE A CZ    1 
ATOM   1245 N N     . GLN C 3 50 ? -12.679 -2.967  -0.314  1.00 38.15 ? 50  GLN A N     1 
ATOM   1246 C CA    . GLN C 3 50 ? -11.661 -2.660  -1.319  1.00 37.13 ? 50  GLN A CA    1 
ATOM   1247 C C     . GLN C 3 50 ? -12.096 -3.192  -2.669  1.00 37.35 ? 50  GLN A C     1 
ATOM   1248 O O     . GLN C 3 50 ? -11.971 -2.518  -3.687  1.00 39.14 ? 50  GLN A O     1 
ATOM   1249 C CB    . GLN C 3 50 ? -10.329 -3.317  -0.957  1.00 37.04 ? 50  GLN A CB    1 
ATOM   1250 C CG    . GLN C 3 50 ? -9.603  -2.646  0.189   1.00 40.00 ? 50  GLN A CG    1 
ATOM   1251 C CD    . GLN C 3 50 ? -8.328  -3.367  0.587   1.00 40.46 ? 50  GLN A CD    1 
ATOM   1252 O OE1   . GLN C 3 50 ? -7.629  -2.909  1.475   1.00 44.54 ? 50  GLN A OE1   1 
ATOM   1253 N NE2   . GLN C 3 50 ? -8.020  -4.493  -0.071  1.00 37.02 ? 50  GLN A NE2   1 
ATOM   1254 N N     . ASN C 3 51 ? -12.570 -4.431  -2.655  1.00 36.37 ? 51  ASN A N     1 
ATOM   1255 C CA    . ASN C 3 51 ? -13.019 -5.111  -3.857  1.00 39.57 ? 51  ASN A CA    1 
ATOM   1256 C C     . ASN C 3 51 ? -14.300 -4.550  -4.429  1.00 41.09 ? 51  ASN A C     1 
ATOM   1257 O O     . ASN C 3 51 ? -14.473 -4.540  -5.640  1.00 44.62 ? 51  ASN A O     1 
ATOM   1258 C CB    . ASN C 3 51 ? -13.193 -6.599  -3.589  1.00 40.09 ? 51  ASN A CB    1 
ATOM   1259 C CG    . ASN C 3 51 ? -11.873 -7.326  -3.487  1.00 41.60 ? 51  ASN A CG    1 
ATOM   1260 O OD1   . ASN C 3 51 ? -10.899 -6.959  -4.145  1.00 41.90 ? 51  ASN A OD1   1 
ATOM   1261 N ND2   . ASN C 3 51 ? -11.832 -8.365  -2.663  1.00 39.02 ? 51  ASN A ND2   1 
ATOM   1262 N N     . LYS C 3 52 ? -15.210 -4.120  -3.558  1.00 41.08 ? 52  LYS A N     1 
ATOM   1263 C CA    . LYS C 3 52 ? -16.469 -3.538  -3.999  1.00 38.44 ? 52  LYS A CA    1 
ATOM   1264 C C     . LYS C 3 52 ? -16.130 -2.249  -4.731  1.00 37.67 ? 52  LYS A C     1 
ATOM   1265 O O     . LYS C 3 52 ? -16.631 -2.007  -5.814  1.00 39.56 ? 52  LYS A O     1 
ATOM   1266 C CB    . LYS C 3 52 ? -17.362 -3.230  -2.808  1.00 39.42 ? 52  LYS A CB    1 
ATOM   1267 C CG    . LYS C 3 52 ? -18.814 -3.621  -3.007  1.00 45.66 ? 52  LYS A CG    1 
ATOM   1268 C CD    . LYS C 3 52 ? -19.493 -2.825  -4.104  1.00 50.01 ? 52  LYS A CD    1 
ATOM   1269 C CE    . LYS C 3 52 ? -20.986 -3.141  -4.184  1.00 52.88 ? 52  LYS A CE    1 
ATOM   1270 N NZ    . LYS C 3 52 ? -21.234 -4.589  -4.427  1.00 56.18 ? 52  LYS A NZ    1 
ATOM   1271 N N     . ARG C 3 53 ? -15.256 -1.437  -4.151  1.00 36.50 ? 53  ARG A N     1 
ATOM   1272 C CA    . ARG C 3 53 ? -14.855 -0.196  -4.786  1.00 35.98 ? 53  ARG A CA    1 
ATOM   1273 C C     . ARG C 3 53 ? -14.236 -0.460  -6.153  1.00 39.22 ? 53  ARG A C     1 
ATOM   1274 O O     . ARG C 3 53 ? -14.542 0.233   -7.115  1.00 42.51 ? 53  ARG A O     1 
ATOM   1275 C CB    . ARG C 3 53 ? -13.874 0.572   -3.902  1.00 34.41 ? 53  ARG A CB    1 
ATOM   1276 C CG    . ARG C 3 53 ? -14.533 1.288   -2.731  1.00 34.66 ? 53  ARG A CG    1 
ATOM   1277 C CD    . ARG C 3 53 ? -13.589 2.250   -2.017  1.00 33.60 ? 53  ARG A CD    1 
ATOM   1278 N NE    . ARG C 3 53 ? -12.414 1.586   -1.454  1.00 36.68 ? 53  ARG A NE    1 
ATOM   1279 C CZ    . ARG C 3 53 ? -12.269 1.267   -0.175  1.00 35.88 ? 53  ARG A CZ    1 
ATOM   1280 N NH1   . ARG C 3 53 ? -13.230 1.547   0.689   1.00 36.67 ? 53  ARG A NH1   1 
ATOM   1281 N NH2   . ARG C 3 53 ? -11.148 0.682   0.240   1.00 36.11 ? 53  ARG A NH2   1 
ATOM   1282 N N     . ALA C 3 54 ? -13.414 -1.498  -6.252  1.00 40.48 ? 54  ALA A N     1 
ATOM   1283 C CA    . ALA C 3 54 ? -12.757 -1.833  -7.509  1.00 43.31 ? 54  ALA A CA    1 
ATOM   1284 C C     . ALA C 3 54 ? -13.718 -2.331  -8.582  1.00 46.00 ? 54  ALA A C     1 
ATOM   1285 O O     . ALA C 3 54 ? -13.594 -1.966  -9.741  1.00 48.60 ? 54  ALA A O     1 
ATOM   1286 C CB    . ALA C 3 54 ? -11.666 -2.849  -7.270  1.00 43.80 ? 54  ALA A CB    1 
ATOM   1287 N N     . LYS C 3 55 ? -14.661 -3.179  -8.197  1.00 50.14 ? 55  LYS A N     1 
ATOM   1288 C CA    . LYS C 3 55 ? -15.658 -3.718  -9.120  1.00 54.25 ? 55  LYS A CA    1 
ATOM   1289 C C     . LYS C 3 55 ? -16.528 -2.600  -9.727  1.00 56.28 ? 55  LYS A C     1 
ATOM   1290 O O     . LYS C 3 55 ? -16.926 -2.678  -10.891 1.00 56.55 ? 55  LYS A O     1 
ATOM   1291 C CB    . LYS C 3 55 ? -16.535 -4.728  -8.366  1.00 58.59 ? 55  LYS A CB    1 
ATOM   1292 C CG    . LYS C 3 55 ? -17.806 -5.188  -9.081  1.00 68.65 ? 55  LYS A CG    1 
ATOM   1293 C CD    . LYS C 3 55 ? -18.795 -5.810  -8.074  1.00 77.04 ? 55  LYS A CD    1 
ATOM   1294 C CE    . LYS C 3 55 ? -20.174 -6.129  -8.682  1.00 78.56 ? 55  LYS A CE    1 
ATOM   1295 N NZ    . LYS C 3 55 ? -20.173 -7.347  -9.549  1.00 80.88 ? 55  LYS A NZ    1 
ATOM   1296 N N     . ILE C 3 56 ? -16.793 -1.559  -8.936  1.00 58.74 ? 56  ILE A N     1 
ATOM   1297 C CA    . ILE C 3 56 ? -17.611 -0.414  -9.348  1.00 60.36 ? 56  ILE A CA    1 
ATOM   1298 C C     . ILE C 3 56 ? -16.949 0.446   -10.430 1.00 63.39 ? 56  ILE A C     1 
ATOM   1299 O O     . ILE C 3 56 ? -17.640 1.062   -11.240 1.00 65.51 ? 56  ILE A O     1 
ATOM   1300 C CB    . ILE C 3 56 ? -17.942 0.517   -8.139  1.00 60.08 ? 56  ILE A CB    1 
ATOM   1301 C CG1   . ILE C 3 56 ? -18.708 -0.232  -7.043  1.00 59.01 ? 56  ILE A CG1   1 
ATOM   1302 C CG2   . ILE C 3 56 ? -18.748 1.718   -8.592  1.00 61.69 ? 56  ILE A CG2   1 
ATOM   1303 C CD1   . ILE C 3 56 ? -20.019 -0.816  -7.471  1.00 58.03 ? 56  ILE A CD1   1 
ATOM   1304 N N     . LYS C 3 57 ? -15.618 0.514   -10.423 1.00 66.71 ? 57  LYS A N     1 
ATOM   1305 C CA    . LYS C 3 57 ? -14.881 1.309   -11.405 1.00 70.15 ? 57  LYS A CA    1 
ATOM   1306 C C     . LYS C 3 57 ? -15.030 0.817   -12.844 1.00 75.87 ? 57  LYS A C     1 
ATOM   1307 O O     . LYS C 3 57 ? -14.849 1.592   -13.798 1.00 75.66 ? 57  LYS A O     1 
ATOM   1308 C CB    . LYS C 3 57 ? -13.404 1.376   -11.033 1.00 65.97 ? 57  LYS A CB    1 
ATOM   1309 C CG    . LYS C 3 57 ? -13.098 2.432   -10.031 1.00 62.66 ? 57  LYS A CG    1 
ATOM   1310 C CD    . LYS C 3 57 ? -11.655 2.854   -10.139 1.00 65.39 ? 57  LYS A CD    1 
ATOM   1311 C CE    . LYS C 3 57 ? -11.411 4.119   -9.331  1.00 66.30 ? 57  LYS A CE    1 
ATOM   1312 N NZ    . LYS C 3 57 ? -10.029 4.637   -9.533  1.00 70.38 ? 57  LYS A NZ    1 
ATOM   1313 N N     . LYS C 3 58 ? -15.350 -0.468  -12.982 1.00 82.22 ? 58  LYS A N     1 
ATOM   1314 C CA    . LYS C 3 58 ? -15.538 -1.110  -14.274 1.00 88.06 ? 58  LYS A CA    1 
ATOM   1315 C C     . LYS C 3 58 ? -17.043 -1.192  -14.534 1.00 91.60 ? 58  LYS A C     1 
ATOM   1316 O O     . LYS C 3 58 ? -17.650 -2.262  -14.404 1.00 92.77 ? 58  LYS A O     1 
ATOM   1317 C CB    . LYS C 3 58 ? -14.886 -2.486  -14.230 1.00 87.58 ? 58  LYS A CB    1 
ATOM   1318 C CG    . LYS C 3 58 ? -13.457 -2.381  -13.738 1.00 89.60 ? 58  LYS A CG    1 
ATOM   1319 C CD    . LYS C 3 58 ? -12.988 -3.632  -13.026 1.00 93.66 ? 58  LYS A CD    1 
ATOM   1320 C CE    . LYS C 3 58 ? -11.678 -3.342  -12.277 1.00 96.12 ? 58  LYS A CE    1 
ATOM   1321 N NZ    . LYS C 3 58 ? -11.082 -4.549  -11.628 1.00 96.58 ? 58  LYS A NZ    1 
ATOM   1322 N N     . SER C 3 59 ? -17.608 -0.012  -14.823 1.00 94.22 ? 59  SER A N     1 
ATOM   1323 C CA    . SER C 3 59 ? -19.025 0.265   -15.111 1.00 95.24 ? 59  SER A CA    1 
ATOM   1324 C C     . SER C 3 59 ? -19.489 1.370   -14.166 1.00 95.88 ? 59  SER A C     1 
ATOM   1325 O O     . SER C 3 59 ? -19.636 1.161   -12.957 1.00 96.17 ? 59  SER A O     1 
ATOM   1326 C CB    . SER C 3 59 ? -19.932 -0.960  -14.945 1.00 94.91 ? 59  SER A CB    1 
ATOM   1327 O OG    . SER C 3 59 ? -21.182 -0.749  -15.576 1.00 92.48 ? 59  SER A OG    1 
ATOM   1328 N N     . ARG D 3 3  ? 14.093  -5.278  8.440   1.00 67.38 ? 3   ARG B N     1 
ATOM   1329 C CA    . ARG D 3 3  ? 15.460  -5.224  7.953   1.00 69.01 ? 3   ARG B CA    1 
ATOM   1330 C C     . ARG D 3 3  ? 16.303  -4.226  8.725   1.00 70.38 ? 3   ARG B C     1 
ATOM   1331 O O     . ARG D 3 3  ? 15.822  -3.150  9.093   1.00 71.80 ? 3   ARG B O     1 
ATOM   1332 C CB    . ARG D 3 3  ? 15.480  -4.839  6.485   1.00 68.27 ? 3   ARG B CB    1 
ATOM   1333 C CG    . ARG D 3 3  ? 14.951  -3.448  6.174   1.00 66.02 ? 3   ARG B CG    1 
ATOM   1334 C CD    . ARG D 3 3  ? 15.021  -3.216  4.681   1.00 67.62 ? 3   ARG B CD    1 
ATOM   1335 N NE    . ARG D 3 3  ? 14.341  -4.288  3.948   1.00 69.69 ? 3   ARG B NE    1 
ATOM   1336 C CZ    . ARG D 3 3  ? 14.923  -5.397  3.485   1.00 69.06 ? 3   ARG B CZ    1 
ATOM   1337 N NH1   . ARG D 3 3  ? 16.216  -5.611  3.657   1.00 69.89 ? 3   ARG B NH1   1 
ATOM   1338 N NH2   . ARG D 3 3  ? 14.194  -6.327  2.891   1.00 71.86 ? 3   ARG B NH2   1 
ATOM   1339 N N     . PRO D 3 4  ? 17.597  -4.545  8.932   1.00 70.43 ? 4   PRO B N     1 
ATOM   1340 C CA    . PRO D 3 4  ? 18.516  -3.664  9.664   1.00 70.34 ? 4   PRO B CA    1 
ATOM   1341 C C     . PRO D 3 4  ? 18.715  -2.270  9.051   1.00 69.87 ? 4   PRO B C     1 
ATOM   1342 O O     . PRO D 3 4  ? 18.506  -2.058  7.850   1.00 69.11 ? 4   PRO B O     1 
ATOM   1343 C CB    . PRO D 3 4  ? 19.823  -4.476  9.702   1.00 69.63 ? 4   PRO B CB    1 
ATOM   1344 C CG    . PRO D 3 4  ? 19.727  -5.373  8.529   1.00 68.29 ? 4   PRO B CG    1 
ATOM   1345 C CD    . PRO D 3 4  ? 18.277  -5.790  8.535   1.00 69.90 ? 4   PRO B CD    1 
ATOM   1346 N N     . ARG D 3 5  ? 19.049  -1.313  9.916   1.00 68.58 ? 5   ARG B N     1 
ATOM   1347 C CA    . ARG D 3 5  ? 19.296  0.061   9.507   1.00 67.27 ? 5   ARG B CA    1 
ATOM   1348 C C     . ARG D 3 5  ? 20.704  0.064   8.926   1.00 64.67 ? 5   ARG B C     1 
ATOM   1349 O O     . ARG D 3 5  ? 21.614  -0.499  9.522   1.00 67.45 ? 5   ARG B O     1 
ATOM   1350 C CB    . ARG D 3 5  ? 19.206  0.992   10.723  1.00 69.63 ? 5   ARG B CB    1 
ATOM   1351 C CG    . ARG D 3 5  ? 19.496  2.450   10.424  1.00 78.51 ? 5   ARG B CG    1 
ATOM   1352 C CD    . ARG D 3 5  ? 19.060  3.358   11.562  1.00 85.66 ? 5   ARG B CD    1 
ATOM   1353 N NE    . ARG D 3 5  ? 17.610  3.332   11.758  1.00 93.72 ? 5   ARG B NE    1 
ATOM   1354 C CZ    . ARG D 3 5  ? 16.949  4.094   12.633  1.00 96.55 ? 5   ARG B CZ    1 
ATOM   1355 N NH1   . ARG D 3 5  ? 17.605  4.953   13.405  1.00 97.23 ? 5   ARG B NH1   1 
ATOM   1356 N NH2   . ARG D 3 5  ? 15.626  3.994   12.741  1.00 97.84 ? 5   ARG B NH2   1 
ATOM   1357 N N     . THR D 3 6  ? 20.874  0.633   7.738   1.00 59.26 ? 6   THR B N     1 
ATOM   1358 C CA    . THR D 3 6  ? 22.188  0.664   7.117   1.00 52.65 ? 6   THR B CA    1 
ATOM   1359 C C     . THR D 3 6  ? 22.656  2.105   6.939   1.00 50.57 ? 6   THR B C     1 
ATOM   1360 O O     . THR D 3 6  ? 21.985  3.045   7.369   1.00 50.91 ? 6   THR B O     1 
ATOM   1361 C CB    . THR D 3 6  ? 22.179  -0.096  5.767   1.00 51.20 ? 6   THR B CB    1 
ATOM   1362 O OG1   . THR D 3 6  ? 23.520  -0.373  5.364   1.00 50.37 ? 6   THR B OG1   1 
ATOM   1363 C CG2   . THR D 3 6  ? 21.505  0.723   4.682   1.00 49.62 ? 6   THR B CG2   1 
ATOM   1364 N N     . ALA D 3 7  ? 23.840  2.266   6.365   1.00 47.90 ? 7   ALA B N     1 
ATOM   1365 C CA    . ALA D 3 7  ? 24.409  3.586   6.119   1.00 45.75 ? 7   ALA B CA    1 
ATOM   1366 C C     . ALA D 3 7  ? 24.965  3.542   4.713   1.00 45.61 ? 7   ALA B C     1 
ATOM   1367 O O     . ALA D 3 7  ? 25.719  2.635   4.373   1.00 49.20 ? 7   ALA B O     1 
ATOM   1368 C CB    . ALA D 3 7  ? 25.518  3.868   7.110   1.00 44.49 ? 7   ALA B CB    1 
ATOM   1369 N N     . PHE D 3 8  ? 24.602  4.510   3.889   1.00 44.46 ? 8   PHE B N     1 
ATOM   1370 C CA    . PHE D 3 8  ? 25.070  4.512   2.513   1.00 46.62 ? 8   PHE B CA    1 
ATOM   1371 C C     . PHE D 3 8  ? 26.435  5.148   2.384   1.00 46.60 ? 8   PHE B C     1 
ATOM   1372 O O     . PHE D 3 8  ? 26.751  6.073   3.118   1.00 48.09 ? 8   PHE B O     1 
ATOM   1373 C CB    . PHE D 3 8  ? 24.072  5.252   1.622   1.00 48.31 ? 8   PHE B CB    1 
ATOM   1374 C CG    . PHE D 3 8  ? 22.676  4.739   1.735   1.00 48.95 ? 8   PHE B CG    1 
ATOM   1375 C CD1   . PHE D 3 8  ? 22.278  3.605   1.047   1.00 52.45 ? 8   PHE B CD1   1 
ATOM   1376 C CD2   . PHE D 3 8  ? 21.764  5.373   2.548   1.00 50.66 ? 8   PHE B CD2   1 
ATOM   1377 C CE1   . PHE D 3 8  ? 20.985  3.112   1.171   1.00 53.09 ? 8   PHE B CE1   1 
ATOM   1378 C CE2   . PHE D 3 8  ? 20.473  4.888   2.679   1.00 52.18 ? 8   PHE B CE2   1 
ATOM   1379 C CZ    . PHE D 3 8  ? 20.084  3.756   1.989   1.00 51.19 ? 8   PHE B CZ    1 
ATOM   1380 N N     . SER D 3 9  ? 27.255  4.646   1.466   1.00 47.99 ? 9   SER B N     1 
ATOM   1381 C CA    . SER D 3 9  ? 28.571  5.237   1.258   1.00 49.31 ? 9   SER B CA    1 
ATOM   1382 C C     . SER D 3 9  ? 28.377  6.527   0.462   1.00 51.90 ? 9   SER B C     1 
ATOM   1383 O O     . SER D 3 9  ? 27.271  6.813   0.003   1.00 52.56 ? 9   SER B O     1 
ATOM   1384 C CB    . SER D 3 9  ? 29.494  4.275   0.511   1.00 47.10 ? 9   SER B CB    1 
ATOM   1385 O OG    . SER D 3 9  ? 29.005  3.987   -0.779  1.00 47.57 ? 9   SER B OG    1 
ATOM   1386 N N     . SER D 3 10 ? 29.440  7.313   0.324   1.00 54.29 ? 10  SER B N     1 
ATOM   1387 C CA    . SER D 3 10 ? 29.366  8.569   -0.411  1.00 55.78 ? 10  SER B CA    1 
ATOM   1388 C C     . SER D 3 10 ? 29.105  8.346   -1.890  1.00 55.73 ? 10  SER B C     1 
ATOM   1389 O O     . SER D 3 10 ? 28.484  9.189   -2.544  1.00 57.16 ? 10  SER B O     1 
ATOM   1390 C CB    . SER D 3 10 ? 30.657  9.367   -0.238  1.00 59.41 ? 10  SER B CB    1 
ATOM   1391 O OG    . SER D 3 10 ? 30.807  9.807   1.098   1.00 66.03 ? 10  SER B OG    1 
ATOM   1392 N N     . GLU D 3 11 ? 29.613  7.236   -2.422  1.00 54.17 ? 11  GLU B N     1 
ATOM   1393 C CA    . GLU D 3 11 ? 29.414  6.915   -3.824  1.00 55.45 ? 11  GLU B CA    1 
ATOM   1394 C C     . GLU D 3 11 ? 27.991  6.468   -4.039  1.00 53.67 ? 11  GLU B C     1 
ATOM   1395 O O     . GLU D 3 11 ? 27.387  6.772   -5.066  1.00 55.50 ? 11  GLU B O     1 
ATOM   1396 C CB    . GLU D 3 11 ? 30.357  5.813   -4.261  1.00 60.86 ? 11  GLU B CB    1 
ATOM   1397 C CG    . GLU D 3 11 ? 31.775  6.277   -4.446  1.00 74.00 ? 11  GLU B CG    1 
ATOM   1398 C CD    . GLU D 3 11 ? 32.746  5.123   -4.590  1.00 82.18 ? 11  GLU B CD    1 
ATOM   1399 O OE1   . GLU D 3 11 ? 32.308  3.996   -4.928  1.00 85.34 ? 11  GLU B OE1   1 
ATOM   1400 O OE2   . GLU D 3 11 ? 33.955  5.348   -4.359  1.00 87.88 ? 11  GLU B OE2   1 
ATOM   1401 N N     . GLN D 3 12 ? 27.460  5.728   -3.070  1.00 49.45 ? 12  GLN B N     1 
ATOM   1402 C CA    . GLN D 3 12 ? 26.092  5.246   -3.157  1.00 44.69 ? 12  GLN B CA    1 
ATOM   1403 C C     . GLN D 3 12 ? 25.144  6.439   -3.116  1.00 42.14 ? 12  GLN B C     1 
ATOM   1404 O O     . GLN D 3 12 ? 24.282  6.576   -3.964  1.00 44.56 ? 12  GLN B O     1 
ATOM   1405 C CB    . GLN D 3 12 ? 25.797  4.253   -2.029  1.00 42.80 ? 12  GLN B CB    1 
ATOM   1406 C CG    . GLN D 3 12 ? 26.543  2.918   -2.170  1.00 39.00 ? 12  GLN B CG    1 
ATOM   1407 C CD    . GLN D 3 12 ? 26.313  1.971   -1.003  1.00 37.00 ? 12  GLN B CD    1 
ATOM   1408 O OE1   . GLN D 3 12 ? 26.222  2.394   0.155   1.00 35.59 ? 12  GLN B OE1   1 
ATOM   1409 N NE2   . GLN D 3 12 ? 26.221  0.684   -1.300  1.00 32.43 ? 12  GLN B NE2   1 
ATOM   1410 N N     . LEU D 3 13 ? 25.362  7.337   -2.170  1.00 40.82 ? 13  LEU B N     1 
ATOM   1411 C CA    . LEU D 3 13 ? 24.539  8.531   -2.023  1.00 42.83 ? 13  LEU B CA    1 
ATOM   1412 C C     . LEU D 3 13 ? 24.583  9.441   -3.254  1.00 44.51 ? 13  LEU B C     1 
ATOM   1413 O O     . LEU D 3 13 ? 23.578  10.045  -3.625  1.00 44.95 ? 13  LEU B O     1 
ATOM   1414 C CB    . LEU D 3 13 ? 24.993  9.316   -0.795  1.00 44.78 ? 13  LEU B CB    1 
ATOM   1415 C CG    . LEU D 3 13 ? 24.046  9.335   0.396   1.00 48.76 ? 13  LEU B CG    1 
ATOM   1416 C CD1   . LEU D 3 13 ? 24.761  9.855   1.634   1.00 52.40 ? 13  LEU B CD1   1 
ATOM   1417 C CD2   . LEU D 3 13 ? 22.877  10.218  0.059   1.00 52.03 ? 13  LEU B CD2   1 
ATOM   1418 N N     . ALA D 3 14 ? 25.752  9.541   -3.875  1.00 44.02 ? 14  ALA B N     1 
ATOM   1419 C CA    . ALA D 3 14 ? 25.933  10.382  -5.047  1.00 40.71 ? 14  ALA B CA    1 
ATOM   1420 C C     . ALA D 3 14 ? 25.150  9.856   -6.233  1.00 41.24 ? 14  ALA B C     1 
ATOM   1421 O O     . ALA D 3 14 ? 24.434  10.596  -6.911  1.00 44.93 ? 14  ALA B O     1 
ATOM   1422 C CB    . ALA D 3 14 ? 27.396  10.458  -5.387  1.00 41.78 ? 14  ALA B CB    1 
ATOM   1423 N N     . ARG D 3 15 ? 25.286  8.565   -6.482  1.00 40.80 ? 15  ARG B N     1 
ATOM   1424 C CA    . ARG D 3 15 ? 24.594  7.949   -7.589  1.00 43.37 ? 15  ARG B CA    1 
ATOM   1425 C C     . ARG D 3 15 ? 23.079  7.935   -7.371  1.00 44.61 ? 15  ARG B C     1 
ATOM   1426 O O     . ARG D 3 15 ? 22.301  8.055   -8.324  1.00 46.94 ? 15  ARG B O     1 
ATOM   1427 C CB    . ARG D 3 15 ? 25.138  6.542   -7.810  1.00 40.85 ? 15  ARG B CB    1 
ATOM   1428 C CG    . ARG D 3 15 ? 24.383  5.756   -8.847  1.00 45.02 ? 15  ARG B CG    1 
ATOM   1429 C CD    . ARG D 3 15 ? 24.220  6.518   -10.152 1.00 48.93 ? 15  ARG B CD    1 
ATOM   1430 N NE    . ARG D 3 15 ? 23.644  5.662   -11.181 1.00 52.27 ? 15  ARG B NE    1 
ATOM   1431 C CZ    . ARG D 3 15 ? 24.220  4.543   -11.621 1.00 56.25 ? 15  ARG B CZ    1 
ATOM   1432 N NH1   . ARG D 3 15 ? 25.402  4.159   -11.146 1.00 56.56 ? 15  ARG B NH1   1 
ATOM   1433 N NH2   . ARG D 3 15 ? 23.626  3.812   -12.554 1.00 57.63 ? 15  ARG B NH2   1 
ATOM   1434 N N     . LEU D 3 16 ? 22.672  7.804   -6.108  1.00 45.00 ? 16  LEU B N     1 
ATOM   1435 C CA    . LEU D 3 16 ? 21.259  7.772   -5.726  1.00 40.32 ? 16  LEU B CA    1 
ATOM   1436 C C     . LEU D 3 16 ? 20.667  9.160   -5.971  1.00 42.48 ? 16  LEU B C     1 
ATOM   1437 O O     . LEU D 3 16 ? 19.572  9.275   -6.517  1.00 44.14 ? 16  LEU B O     1 
ATOM   1438 C CB    . LEU D 3 16 ? 21.127  7.360   -4.251  1.00 32.59 ? 16  LEU B CB    1 
ATOM   1439 C CG    . LEU D 3 16 ? 20.440  6.074   -3.776  1.00 25.68 ? 16  LEU B CG    1 
ATOM   1440 C CD1   . LEU D 3 16 ? 20.431  4.981   -4.790  1.00 25.09 ? 16  LEU B CD1   1 
ATOM   1441 C CD2   . LEU D 3 16 ? 21.142  5.614   -2.535  1.00 27.41 ? 16  LEU B CD2   1 
ATOM   1442 N N     . LYS D 3 17 ? 21.429  10.200  -5.624  1.00 43.93 ? 17  LYS B N     1 
ATOM   1443 C CA    . LYS D 3 17 ? 21.016  11.592  -5.803  1.00 43.51 ? 17  LYS B CA    1 
ATOM   1444 C C     . LYS D 3 17 ? 20.946  12.010  -7.274  1.00 44.21 ? 17  LYS B C     1 
ATOM   1445 O O     . LYS D 3 17 ? 20.136  12.852  -7.634  1.00 45.00 ? 17  LYS B O     1 
ATOM   1446 C CB    . LYS D 3 17 ? 21.955  12.543  -5.049  1.00 46.63 ? 17  LYS B CB    1 
ATOM   1447 C CG    . LYS D 3 17 ? 21.803  12.562  -3.523  1.00 49.88 ? 17  LYS B CG    1 
ATOM   1448 C CD    . LYS D 3 17 ? 22.709  13.628  -2.887  1.00 54.71 ? 17  LYS B CD    1 
ATOM   1449 C CE    . LYS D 3 17 ? 22.488  13.743  -1.381  1.00 57.82 ? 17  LYS B CE    1 
ATOM   1450 N NZ    . LYS D 3 17 ? 23.428  14.722  -0.759  1.00 60.00 ? 17  LYS B NZ    1 
ATOM   1451 N N     . ARG D 3 18 ? 21.802  11.448  -8.118  1.00 44.53 ? 18  ARG B N     1 
ATOM   1452 C CA    . ARG D 3 18 ? 21.773  11.794  -9.529  1.00 46.78 ? 18  ARG B CA    1 
ATOM   1453 C C     . ARG D 3 18 ? 20.569  11.162  -10.222 1.00 45.71 ? 18  ARG B C     1 
ATOM   1454 O O     . ARG D 3 18 ? 20.034  11.719  -11.172 1.00 45.80 ? 18  ARG B O     1 
ATOM   1455 C CB    . ARG D 3 18 ? 23.052  11.334  -10.198 1.00 53.19 ? 18  ARG B CB    1 
ATOM   1456 C CG    . ARG D 3 18 ? 23.095  11.521  -11.722 1.00 66.96 ? 18  ARG B CG    1 
ATOM   1457 C CD    . ARG D 3 18 ? 23.879  10.389  -12.371 1.00 76.07 ? 18  ARG B CD    1 
ATOM   1458 N NE    . ARG D 3 18 ? 24.860  9.862   -11.423 1.00 84.80 ? 18  ARG B NE    1 
ATOM   1459 C CZ    . ARG D 3 18 ? 25.817  8.986   -11.712 1.00 88.17 ? 18  ARG B CZ    1 
ATOM   1460 N NH1   . ARG D 3 18 ? 25.952  8.509   -12.944 1.00 89.78 ? 18  ARG B NH1   1 
ATOM   1461 N NH2   . ARG D 3 18 ? 26.635  8.578   -10.750 1.00 88.75 ? 18  ARG B NH2   1 
ATOM   1462 N N     . GLU D 3 19 ? 20.167  9.983   -9.755  1.00 46.98 ? 19  GLU B N     1 
ATOM   1463 C CA    . GLU D 3 19 ? 19.021  9.251   -10.304 1.00 43.51 ? 19  GLU B CA    1 
ATOM   1464 C C     . GLU D 3 19 ? 17.701  9.914   -9.958  1.00 40.27 ? 19  GLU B C     1 
ATOM   1465 O O     . GLU D 3 19 ? 16.786  9.958   -10.768 1.00 41.48 ? 19  GLU B O     1 
ATOM   1466 C CB    . GLU D 3 19 ? 19.001  7.837   -9.742  1.00 45.28 ? 19  GLU B CB    1 
ATOM   1467 C CG    . GLU D 3 19 ? 20.110  6.970   -10.250 1.00 48.92 ? 19  GLU B CG    1 
ATOM   1468 C CD    . GLU D 3 19 ? 19.969  6.691   -11.720 1.00 52.61 ? 19  GLU B CD    1 
ATOM   1469 O OE1   . GLU D 3 19 ? 18.814  6.567   -12.201 1.00 54.25 ? 19  GLU B OE1   1 
ATOM   1470 O OE2   . GLU D 3 19 ? 21.017  6.600   -12.392 1.00 58.88 ? 19  GLU B OE2   1 
ATOM   1471 N N     . PHE D 3 20 ? 17.600  10.356  -8.712  1.00 38.53 ? 20  PHE B N     1 
ATOM   1472 C CA    . PHE D 3 20 ? 16.416  11.024  -8.187  1.00 40.21 ? 20  PHE B CA    1 
ATOM   1473 C C     . PHE D 3 20 ? 16.251  12.370  -8.893  1.00 40.80 ? 20  PHE B C     1 
ATOM   1474 O O     . PHE D 3 20 ? 15.154  12.924  -8.946  1.00 41.84 ? 20  PHE B O     1 
ATOM   1475 C CB    . PHE D 3 20 ? 16.580  11.221  -6.659  1.00 39.23 ? 20  PHE B CB    1 
ATOM   1476 C CG    . PHE D 3 20 ? 15.339  11.725  -5.942  1.00 36.10 ? 20  PHE B CG    1 
ATOM   1477 C CD1   . PHE D 3 20 ? 14.323  10.841  -5.566  1.00 35.62 ? 20  PHE B CD1   1 
ATOM   1478 C CD2   . PHE D 3 20 ? 15.205  13.072  -5.619  1.00 33.30 ? 20  PHE B CD2   1 
ATOM   1479 C CE1   . PHE D 3 20 ? 13.193  11.294  -4.878  1.00 33.85 ? 20  PHE B CE1   1 
ATOM   1480 C CE2   . PHE D 3 20 ? 14.082  13.534  -4.934  1.00 36.18 ? 20  PHE B CE2   1 
ATOM   1481 C CZ    . PHE D 3 20 ? 13.071  12.643  -4.562  1.00 34.56 ? 20  PHE B CZ    1 
ATOM   1482 N N     . ASN D 3 21 ? 17.346  12.877  -9.452  1.00 43.05 ? 21  ASN B N     1 
ATOM   1483 C CA    . ASN D 3 21 ? 17.336  14.153  -10.153 1.00 43.43 ? 21  ASN B CA    1 
ATOM   1484 C C     . ASN D 3 21 ? 16.715  14.022  -11.535 1.00 41.25 ? 21  ASN B C     1 
ATOM   1485 O O     . ASN D 3 21 ? 16.198  14.992  -12.083 1.00 42.99 ? 21  ASN B O     1 
ATOM   1486 C CB    . ASN D 3 21 ? 18.751  14.707  -10.262 1.00 50.35 ? 21  ASN B CB    1 
ATOM   1487 C CG    . ASN D 3 21 ? 18.795  16.210  -10.105 1.00 57.03 ? 21  ASN B CG    1 
ATOM   1488 O OD1   . ASN D 3 21 ? 18.976  16.944  -11.085 1.00 60.35 ? 21  ASN B OD1   1 
ATOM   1489 N ND2   . ASN D 3 21 ? 18.617  16.682  -8.866  1.00 58.49 ? 21  ASN B ND2   1 
ATOM   1490 N N     . GLU D 3 22 ? 16.786  12.824  -12.103 1.00 38.52 ? 22  GLU B N     1 
ATOM   1491 C CA    . GLU D 3 22 ? 16.202  12.568  -13.405 1.00 39.04 ? 22  GLU B CA    1 
ATOM   1492 C C     . GLU D 3 22 ? 14.749  12.158  -13.244 1.00 38.47 ? 22  GLU B C     1 
ATOM   1493 O O     . GLU D 3 22 ? 13.868  12.659  -13.944 1.00 40.28 ? 22  GLU B O     1 
ATOM   1494 C CB    . GLU D 3 22 ? 16.950  11.447  -14.128 1.00 38.46 ? 22  GLU B CB    1 
ATOM   1495 C CG    . GLU D 3 22 ? 18.389  11.763  -14.412 1.00 44.52 ? 22  GLU B CG    1 
ATOM   1496 C CD    . GLU D 3 22 ? 18.560  13.058  -15.167 1.00 45.46 ? 22  GLU B CD    1 
ATOM   1497 O OE1   . GLU D 3 22 ? 17.784  13.284  -16.120 1.00 47.18 ? 22  GLU B OE1   1 
ATOM   1498 O OE2   . GLU D 3 22 ? 19.460  13.850  -14.805 1.00 46.55 ? 22  GLU B OE2   1 
ATOM   1499 N N     . ASN D 3 23 ? 14.505  11.261  -12.295 1.00 37.29 ? 23  ASN B N     1 
ATOM   1500 C CA    . ASN D 3 23 ? 13.171  10.751  -12.062 1.00 34.14 ? 23  ASN B CA    1 
ATOM   1501 C C     . ASN D 3 23 ? 13.012  10.321  -10.612 1.00 33.67 ? 23  ASN B C     1 
ATOM   1502 O O     . ASN D 3 23 ? 13.732  9.441   -10.137 1.00 34.09 ? 23  ASN B O     1 
ATOM   1503 C CB    . ASN D 3 23 ? 12.942  9.562   -12.994 1.00 34.10 ? 23  ASN B CB    1 
ATOM   1504 C CG    . ASN D 3 23 ? 11.495  9.163   -13.081 1.00 35.00 ? 23  ASN B CG    1 
ATOM   1505 O OD1   . ASN D 3 23 ? 10.649  9.710   -12.387 1.00 34.01 ? 23  ASN B OD1   1 
ATOM   1506 N ND2   . ASN D 3 23 ? 11.197  8.208   -13.947 1.00 36.22 ? 23  ASN B ND2   1 
ATOM   1507 N N     . ARG D 3 24 ? 12.047  10.931  -9.927  1.00 33.53 ? 24  ARG B N     1 
ATOM   1508 C CA    . ARG D 3 24 ? 11.764  10.626  -8.529  1.00 31.48 ? 24  ARG B CA    1 
ATOM   1509 C C     . ARG D 3 24 ? 11.102  9.294   -8.320  1.00 31.81 ? 24  ARG B C     1 
ATOM   1510 O O     . ARG D 3 24 ? 10.885  8.896   -7.184  1.00 33.86 ? 24  ARG B O     1 
ATOM   1511 C CB    . ARG D 3 24 ? 10.861  11.674  -7.924  1.00 32.50 ? 24  ARG B CB    1 
ATOM   1512 C CG    . ARG D 3 24 ? 11.541  12.934  -7.613  1.00 37.03 ? 24  ARG B CG    1 
ATOM   1513 C CD    . ARG D 3 24 ? 10.589  14.023  -7.849  1.00 46.76 ? 24  ARG B CD    1 
ATOM   1514 N NE    . ARG D 3 24 ? 11.168  15.324  -7.572  1.00 58.92 ? 24  ARG B NE    1 
ATOM   1515 C CZ    . ARG D 3 24 ? 10.438  16.386  -7.265  1.00 65.20 ? 24  ARG B CZ    1 
ATOM   1516 N NH1   . ARG D 3 24 ? 9.112   16.276  -7.205  1.00 66.07 ? 24  ARG B NH1   1 
ATOM   1517 N NH2   . ARG D 3 24 ? 11.025  17.553  -7.032  1.00 69.22 ? 24  ARG B NH2   1 
ATOM   1518 N N     . TYR D 3 25 ? 10.714  8.640   -9.406  1.00 33.63 ? 25  TYR B N     1 
ATOM   1519 C CA    . TYR D 3 25 ? 10.064  7.336   -9.331  1.00 35.37 ? 25  TYR B CA    1 
ATOM   1520 C C     . TYR D 3 25 ? 10.905  6.272   -10.005 1.00 37.93 ? 25  TYR B C     1 
ATOM   1521 O O     . TYR D 3 25 ? 11.484  6.498   -11.069 1.00 42.29 ? 25  TYR B O     1 
ATOM   1522 C CB    . TYR D 3 25 ? 8.659   7.377   -9.947  1.00 30.80 ? 25  TYR B CB    1 
ATOM   1523 C CG    . TYR D 3 25 ? 7.720   8.246   -9.154  1.00 33.02 ? 25  TYR B CG    1 
ATOM   1524 C CD1   . TYR D 3 25 ? 7.631   9.619   -9.398  1.00 32.57 ? 25  TYR B CD1   1 
ATOM   1525 C CD2   . TYR D 3 25 ? 6.978   7.715   -8.098  1.00 34.10 ? 25  TYR B CD2   1 
ATOM   1526 C CE1   . TYR D 3 25 ? 6.833   10.440  -8.605  1.00 32.73 ? 25  TYR B CE1   1 
ATOM   1527 C CE2   . TYR D 3 25 ? 6.173   8.526   -7.298  1.00 33.65 ? 25  TYR B CE2   1 
ATOM   1528 C CZ    . TYR D 3 25 ? 6.110   9.882   -7.557  1.00 34.70 ? 25  TYR B CZ    1 
ATOM   1529 O OH    . TYR D 3 25 ? 5.333   10.682  -6.765  1.00 37.89 ? 25  TYR B OH    1 
ATOM   1530 N N     . LEU D 3 26 ? 10.983  5.117   -9.360  1.00 39.18 ? 26  LEU B N     1 
ATOM   1531 C CA    . LEU D 3 26 ? 11.750  3.994   -9.864  1.00 39.50 ? 26  LEU B CA    1 
ATOM   1532 C C     . LEU D 3 26 ? 10.840  2.922   -10.424 1.00 42.45 ? 26  LEU B C     1 
ATOM   1533 O O     . LEU D 3 26 ? 9.778   2.648   -9.866  1.00 46.43 ? 26  LEU B O     1 
ATOM   1534 C CB    . LEU D 3 26 ? 12.538  3.360   -8.730  1.00 40.03 ? 26  LEU B CB    1 
ATOM   1535 C CG    . LEU D 3 26 ? 13.924  3.840   -8.334  1.00 39.79 ? 26  LEU B CG    1 
ATOM   1536 C CD1   . LEU D 3 26 ? 14.350  3.061   -7.108  1.00 39.62 ? 26  LEU B CD1   1 
ATOM   1537 C CD2   . LEU D 3 26 ? 14.892  3.602   -9.461  1.00 35.78 ? 26  LEU B CD2   1 
ATOM   1538 N N     . THR D 3 27 ? 11.247  2.330   -11.539 1.00 43.27 ? 27  THR B N     1 
ATOM   1539 C CA    . THR D 3 27 ? 10.489  1.243   -12.133 1.00 44.14 ? 27  THR B CA    1 
ATOM   1540 C C     . THR D 3 27 ? 11.220  0.002   -11.624 1.00 44.52 ? 27  THR B C     1 
ATOM   1541 O O     . THR D 3 27 ? 12.325  0.119   -11.106 1.00 44.42 ? 27  THR B O     1 
ATOM   1542 C CB    . THR D 3 27 ? 10.502  1.322   -13.656 1.00 44.44 ? 27  THR B CB    1 
ATOM   1543 O OG1   . THR D 3 27 ? 11.852  1.281   -14.117 1.00 50.51 ? 27  THR B OG1   1 
ATOM   1544 C CG2   . THR D 3 27 ? 9.859   2.623   -14.119 1.00 45.39 ? 27  THR B CG2   1 
ATOM   1545 N N     . GLU D 3 28 ? 10.635  -1.181  -11.767 1.00 48.29 ? 28  GLU B N     1 
ATOM   1546 C CA    . GLU D 3 28 ? 11.283  -2.379  -11.244 1.00 51.49 ? 28  GLU B CA    1 
ATOM   1547 C C     . GLU D 3 28 ? 12.644  -2.718  -11.812 1.00 50.39 ? 28  GLU B C     1 
ATOM   1548 O O     . GLU D 3 28 ? 13.572  -2.988  -11.058 1.00 51.22 ? 28  GLU B O     1 
ATOM   1549 C CB    . GLU D 3 28 ? 10.392  -3.598  -11.351 1.00 55.29 ? 28  GLU B CB    1 
ATOM   1550 C CG    . GLU D 3 28 ? 10.921  -4.733  -10.512 1.00 66.81 ? 28  GLU B CG    1 
ATOM   1551 C CD    . GLU D 3 28 ? 10.230  -6.033  -10.810 1.00 75.36 ? 28  GLU B CD    1 
ATOM   1552 O OE1   . GLU D 3 28 ? 8.978   -6.058  -10.797 1.00 80.58 ? 28  GLU B OE1   1 
ATOM   1553 O OE2   . GLU D 3 28 ? 10.942  -7.027  -11.067 1.00 80.03 ? 28  GLU B OE2   1 
ATOM   1554 N N     . ARG D 3 29 ? 12.751  -2.762  -13.135 1.00 51.51 ? 29  ARG B N     1 
ATOM   1555 C CA    . ARG D 3 29 ? 14.022  -3.079  -13.767 1.00 53.29 ? 29  ARG B CA    1 
ATOM   1556 C C     . ARG D 3 29 ? 15.079  -2.077  -13.327 1.00 50.54 ? 29  ARG B C     1 
ATOM   1557 O O     . ARG D 3 29 ? 16.204  -2.457  -12.999 1.00 52.88 ? 29  ARG B O     1 
ATOM   1558 C CB    . ARG D 3 29 ? 13.895  -3.106  -15.301 1.00 58.89 ? 29  ARG B CB    1 
ATOM   1559 C CG    . ARG D 3 29 ? 15.192  -2.711  -16.026 1.00 68.59 ? 29  ARG B CG    1 
ATOM   1560 C CD    . ARG D 3 29 ? 15.556  -3.594  -17.216 1.00 74.50 ? 29  ARG B CD    1 
ATOM   1561 N NE    . ARG D 3 29 ? 14.548  -3.560  -18.268 1.00 84.35 ? 29  ARG B NE    1 
ATOM   1562 C CZ    . ARG D 3 29 ? 14.118  -2.458  -18.884 1.00 88.96 ? 29  ARG B CZ    1 
ATOM   1563 N NH1   . ARG D 3 29 ? 14.605  -1.257  -18.570 1.00 89.56 ? 29  ARG B NH1   1 
ATOM   1564 N NH2   . ARG D 3 29 ? 13.164  -2.556  -19.802 1.00 91.19 ? 29  ARG B NH2   1 
ATOM   1565 N N     . ARG D 3 30 ? 14.694  -0.807  -13.279 1.00 47.92 ? 30  ARG B N     1 
ATOM   1566 C CA    . ARG D 3 30 ? 15.595  0.266   -12.878 1.00 47.82 ? 30  ARG B CA    1 
ATOM   1567 C C     . ARG D 3 30 ? 16.119  0.025   -11.459 1.00 46.10 ? 30  ARG B C     1 
ATOM   1568 O O     . ARG D 3 30 ? 17.314  0.176   -11.197 1.00 46.33 ? 30  ARG B O     1 
ATOM   1569 C CB    . ARG D 3 30 ? 14.870  1.611   -12.963 1.00 51.87 ? 30  ARG B CB    1 
ATOM   1570 C CG    . ARG D 3 30 ? 15.767  2.811   -12.849 1.00 62.21 ? 30  ARG B CG    1 
ATOM   1571 C CD    . ARG D 3 30 ? 16.569  2.991   -14.108 1.00 74.87 ? 30  ARG B CD    1 
ATOM   1572 N NE    . ARG D 3 30 ? 17.769  3.784   -13.865 1.00 87.47 ? 30  ARG B NE    1 
ATOM   1573 C CZ    . ARG D 3 30 ? 18.688  4.048   -14.790 1.00 93.38 ? 30  ARG B CZ    1 
ATOM   1574 N NH1   . ARG D 3 30 ? 18.536  3.586   -16.027 1.00 97.26 ? 30  ARG B NH1   1 
ATOM   1575 N NH2   . ARG D 3 30 ? 19.766  4.761   -14.474 1.00 96.49 ? 30  ARG B NH2   1 
ATOM   1576 N N     . ARG D 3 31 ? 15.228  -0.380  -10.556 1.00 43.83 ? 31  ARG B N     1 
ATOM   1577 C CA    . ARG D 3 31 ? 15.610  -0.647  -9.177  1.00 42.86 ? 31  ARG B CA    1 
ATOM   1578 C C     . ARG D 3 31 ? 16.580  -1.812  -9.121  1.00 43.67 ? 31  ARG B C     1 
ATOM   1579 O O     . ARG D 3 31 ? 17.587  -1.754  -8.415  1.00 43.08 ? 31  ARG B O     1 
ATOM   1580 C CB    . ARG D 3 31 ? 14.396  -0.968  -8.312  1.00 39.96 ? 31  ARG B CB    1 
ATOM   1581 C CG    . ARG D 3 31 ? 14.684  -0.805  -6.831  1.00 39.70 ? 31  ARG B CG    1 
ATOM   1582 C CD    . ARG D 3 31 ? 13.784  -1.656  -5.996  1.00 41.61 ? 31  ARG B CD    1 
ATOM   1583 N NE    . ARG D 3 31 ? 12.412  -1.550  -6.454  1.00 46.18 ? 31  ARG B NE    1 
ATOM   1584 C CZ    . ARG D 3 31 ? 11.643  -2.587  -6.757  1.00 47.00 ? 31  ARG B CZ    1 
ATOM   1585 N NH1   . ARG D 3 31 ? 12.096  -3.825  -6.633  1.00 51.98 ? 31  ARG B NH1   1 
ATOM   1586 N NH2   . ARG D 3 31 ? 10.414  -2.378  -7.178  1.00 49.06 ? 31  ARG B NH2   1 
ATOM   1587 N N     . GLN D 3 32 ? 16.274  -2.871  -9.869  1.00 45.75 ? 32  GLN B N     1 
ATOM   1588 C CA    . GLN D 3 32 ? 17.131  -4.043  -9.901  1.00 48.05 ? 32  GLN B CA    1 
ATOM   1589 C C     . GLN D 3 32 ? 18.531  -3.672  -10.357 1.00 50.69 ? 32  GLN B C     1 
ATOM   1590 O O     . GLN D 3 32 ? 19.515  -4.132  -9.784  1.00 52.72 ? 32  GLN B O     1 
ATOM   1591 C CB    . GLN D 3 32 ? 16.538  -5.110  -10.800 1.00 46.66 ? 32  GLN B CB    1 
ATOM   1592 C CG    . GLN D 3 32 ? 15.222  -5.600  -10.281 1.00 57.83 ? 32  GLN B CG    1 
ATOM   1593 C CD    . GLN D 3 32 ? 14.716  -6.802  -11.039 1.00 65.06 ? 32  GLN B CD    1 
ATOM   1594 O OE1   . GLN D 3 32 ? 14.916  -6.924  -12.256 1.00 67.36 ? 32  GLN B OE1   1 
ATOM   1595 N NE2   . GLN D 3 32 ? 14.062  -7.711  -10.322 1.00 67.59 ? 32  GLN B NE2   1 
ATOM   1596 N N     . GLN D 3 33 ? 18.618  -2.786  -11.345 1.00 52.01 ? 33  GLN B N     1 
ATOM   1597 C CA    . GLN D 3 33 ? 19.905  -2.351  -11.873 1.00 53.16 ? 33  GLN B CA    1 
ATOM   1598 C C     . GLN D 3 33 ? 20.734  -1.576  -10.882 1.00 51.34 ? 33  GLN B C     1 
ATOM   1599 O O     . GLN D 3 33 ? 21.944  -1.780  -10.806 1.00 51.62 ? 33  GLN B O     1 
ATOM   1600 C CB    . GLN D 3 33 ? 19.722  -1.521  -13.135 1.00 59.89 ? 33  GLN B CB    1 
ATOM   1601 C CG    . GLN D 3 33 ? 19.479  -2.353  -14.358 1.00 73.65 ? 33  GLN B CG    1 
ATOM   1602 C CD    . GLN D 3 33 ? 19.295  -1.498  -15.590 1.00 82.08 ? 33  GLN B CD    1 
ATOM   1603 O OE1   . GLN D 3 33 ? 19.799  -0.371  -15.658 1.00 88.67 ? 33  GLN B OE1   1 
ATOM   1604 N NE2   . GLN D 3 33 ? 18.554  -2.018  -16.572 1.00 86.17 ? 33  GLN B NE2   1 
ATOM   1605 N N     . LEU D 3 34 ? 20.095  -0.652  -10.166 1.00 49.41 ? 34  LEU B N     1 
ATOM   1606 C CA    . LEU D 3 34 ? 20.782  0.167   -9.162  1.00 46.63 ? 34  LEU B CA    1 
ATOM   1607 C C     . LEU D 3 34 ? 21.223  -0.703  -7.989  1.00 45.14 ? 34  LEU B C     1 
ATOM   1608 O O     . LEU D 3 34 ? 22.152  -0.363  -7.260  1.00 45.07 ? 34  LEU B O     1 
ATOM   1609 C CB    . LEU D 3 34 ? 19.867  1.277   -8.642  1.00 43.29 ? 34  LEU B CB    1 
ATOM   1610 C CG    . LEU D 3 34 ? 19.570  2.446   -9.568  1.00 42.80 ? 34  LEU B CG    1 
ATOM   1611 C CD1   . LEU D 3 34 ? 18.581  3.354   -8.891  1.00 42.99 ? 34  LEU B CD1   1 
ATOM   1612 C CD2   . LEU D 3 34 ? 20.847  3.198   -9.866  1.00 43.05 ? 34  LEU B CD2   1 
ATOM   1613 N N     . SER D 3 35 ? 20.533  -1.823  -7.817  1.00 44.44 ? 35  SER B N     1 
ATOM   1614 C CA    . SER D 3 35 ? 20.815  -2.761  -6.752  1.00 43.33 ? 35  SER B CA    1 
ATOM   1615 C C     . SER D 3 35 ? 22.125  -3.518  -6.930  1.00 43.23 ? 35  SER B C     1 
ATOM   1616 O O     . SER D 3 35 ? 22.935  -3.567  -6.012  1.00 44.39 ? 35  SER B O     1 
ATOM   1617 C CB    . SER D 3 35 ? 19.678  -3.751  -6.644  1.00 42.57 ? 35  SER B CB    1 
ATOM   1618 O OG    . SER D 3 35 ? 19.954  -4.664  -5.615  1.00 47.93 ? 35  SER B OG    1 
ATOM   1619 N N     . SER D 3 36 ? 22.312  -4.137  -8.094  1.00 45.32 ? 36  SER B N     1 
ATOM   1620 C CA    . SER D 3 36 ? 23.534  -4.892  -8.377  1.00 48.76 ? 36  SER B CA    1 
ATOM   1621 C C     . SER D 3 36 ? 24.734  -3.989  -8.651  1.00 48.18 ? 36  SER B C     1 
ATOM   1622 O O     . SER D 3 36 ? 25.879  -4.388  -8.440  1.00 50.10 ? 36  SER B O     1 
ATOM   1623 C CB    . SER D 3 36 ? 23.325  -5.831  -9.565  1.00 51.62 ? 36  SER B CB    1 
ATOM   1624 O OG    . SER D 3 36 ? 23.188  -5.102  -10.771 1.00 59.91 ? 36  SER B OG    1 
ATOM   1625 N N     . GLU D 3 37 ? 24.454  -2.779  -9.125  1.00 48.31 ? 37  GLU B N     1 
ATOM   1626 C CA    . GLU D 3 37 ? 25.472  -1.787  -9.440  1.00 49.23 ? 37  GLU B CA    1 
ATOM   1627 C C     . GLU D 3 37 ? 26.029  -1.092  -8.194  1.00 49.33 ? 37  GLU B C     1 
ATOM   1628 O O     . GLU D 3 37 ? 27.221  -0.796  -8.126  1.00 51.90 ? 37  GLU B O     1 
ATOM   1629 C CB    . GLU D 3 37 ? 24.875  -0.736  -10.363 1.00 53.56 ? 37  GLU B CB    1 
ATOM   1630 C CG    . GLU D 3 37 ? 25.669  -0.463  -11.614 1.00 63.16 ? 37  GLU B CG    1 
ATOM   1631 C CD    . GLU D 3 37 ? 24.996  0.566   -12.504 1.00 67.41 ? 37  GLU B CD    1 
ATOM   1632 O OE1   . GLU D 3 37 ? 24.039  0.195   -13.233 1.00 70.54 ? 37  GLU B OE1   1 
ATOM   1633 O OE2   . GLU D 3 37 ? 25.426  1.742   -12.466 1.00 66.55 ? 37  GLU B OE2   1 
ATOM   1634 N N     . LEU D 3 38 ? 25.159  -0.792  -7.231  1.00 46.93 ? 38  LEU B N     1 
ATOM   1635 C CA    . LEU D 3 38 ? 25.562  -0.123  -5.994  1.00 44.04 ? 38  LEU B CA    1 
ATOM   1636 C C     . LEU D 3 38 ? 25.864  -1.064  -4.824  1.00 41.40 ? 38  LEU B C     1 
ATOM   1637 O O     . LEU D 3 38 ? 26.505  -0.662  -3.856  1.00 43.36 ? 38  LEU B O     1 
ATOM   1638 C CB    . LEU D 3 38 ? 24.478  0.863   -5.560  1.00 42.23 ? 38  LEU B CB    1 
ATOM   1639 C CG    . LEU D 3 38 ? 24.174  1.974   -6.551  1.00 42.73 ? 38  LEU B CG    1 
ATOM   1640 C CD1   . LEU D 3 38 ? 23.101  2.887   -6.000  1.00 41.03 ? 38  LEU B CD1   1 
ATOM   1641 C CD2   . LEU D 3 38 ? 25.447  2.745   -6.811  1.00 45.26 ? 38  LEU B CD2   1 
ATOM   1642 N N     . GLY D 3 39 ? 25.394  -2.304  -4.910  1.00 38.16 ? 39  GLY B N     1 
ATOM   1643 C CA    . GLY D 3 39 ? 25.604  -3.243  -3.830  1.00 37.15 ? 39  GLY B CA    1 
ATOM   1644 C C     . GLY D 3 39 ? 24.656  -2.947  -2.678  1.00 39.01 ? 39  GLY B C     1 
ATOM   1645 O O     . GLY D 3 39 ? 25.030  -3.025  -1.514  1.00 41.96 ? 39  GLY B O     1 
ATOM   1646 N N     . LEU D 3 40 ? 23.430  -2.564  -3.006  1.00 38.69 ? 40  LEU B N     1 
ATOM   1647 C CA    . LEU D 3 40 ? 22.415  -2.257  -2.003  1.00 37.63 ? 40  LEU B CA    1 
ATOM   1648 C C     . LEU D 3 40 ? 21.201  -3.140  -2.229  1.00 37.98 ? 40  LEU B C     1 
ATOM   1649 O O     . LEU D 3 40 ? 20.875  -3.463  -3.362  1.00 41.74 ? 40  LEU B O     1 
ATOM   1650 C CB    . LEU D 3 40 ? 21.969  -0.807  -2.128  1.00 35.76 ? 40  LEU B CB    1 
ATOM   1651 C CG    . LEU D 3 40 ? 22.784  0.281   -1.465  1.00 36.62 ? 40  LEU B CG    1 
ATOM   1652 C CD1   . LEU D 3 40 ? 22.200  1.630   -1.855  1.00 33.03 ? 40  LEU B CD1   1 
ATOM   1653 C CD2   . LEU D 3 40 ? 22.746  0.074   0.036   1.00 35.94 ? 40  LEU B CD2   1 
ATOM   1654 N N     . ASN D 3 41 ? 20.518  -3.507  -1.154  1.00 37.84 ? 41  ASN B N     1 
ATOM   1655 C CA    . ASN D 3 41 ? 19.324  -4.339  -1.247  1.00 39.05 ? 41  ASN B CA    1 
ATOM   1656 C C     . ASN D 3 41 ? 18.249  -3.492  -1.931  1.00 39.57 ? 41  ASN B C     1 
ATOM   1657 O O     . ASN D 3 41 ? 18.133  -2.308  -1.627  1.00 42.23 ? 41  ASN B O     1 
ATOM   1658 C CB    . ASN D 3 41 ? 18.873  -4.705  0.166   1.00 41.30 ? 41  ASN B CB    1 
ATOM   1659 C CG    . ASN D 3 41 ? 17.787  -5.747  0.184   1.00 43.11 ? 41  ASN B CG    1 
ATOM   1660 O OD1   . ASN D 3 41 ? 16.621  -5.453  -0.066  1.00 45.43 ? 41  ASN B OD1   1 
ATOM   1661 N ND2   . ASN D 3 41 ? 18.159  -6.973  0.509   1.00 45.11 ? 41  ASN B ND2   1 
ATOM   1662 N N     . GLU D 3 42 ? 17.477  -4.081  -2.846  1.00 38.46 ? 42  GLU B N     1 
ATOM   1663 C CA    . GLU D 3 42 ? 16.423  -3.343  -3.551  1.00 36.02 ? 42  GLU B CA    1 
ATOM   1664 C C     . GLU D 3 42 ? 15.497  -2.594  -2.596  1.00 34.92 ? 42  GLU B C     1 
ATOM   1665 O O     . GLU D 3 42 ? 15.106  -1.465  -2.868  1.00 36.61 ? 42  GLU B O     1 
ATOM   1666 C CB    . GLU D 3 42 ? 15.587  -4.274  -4.438  1.00 39.16 ? 42  GLU B CB    1 
ATOM   1667 C CG    . GLU D 3 42 ? 16.307  -4.805  -5.670  1.00 47.01 ? 42  GLU B CG    1 
ATOM   1668 C CD    . GLU D 3 42 ? 15.404  -5.609  -6.621  1.00 52.26 ? 42  GLU B CD    1 
ATOM   1669 O OE1   . GLU D 3 42 ? 14.439  -5.037  -7.175  1.00 53.39 ? 42  GLU B OE1   1 
ATOM   1670 O OE2   . GLU D 3 42 ? 15.676  -6.813  -6.840  1.00 55.59 ? 42  GLU B OE2   1 
ATOM   1671 N N     . ALA D 3 43 ? 15.197  -3.204  -1.455  1.00 34.71 ? 43  ALA B N     1 
ATOM   1672 C CA    . ALA D 3 43 ? 14.305  -2.605  -0.465  1.00 35.42 ? 43  ALA B CA    1 
ATOM   1673 C C     . ALA D 3 43 ? 14.836  -1.326  0.130   1.00 34.49 ? 43  ALA B C     1 
ATOM   1674 O O     . ALA D 3 43 ? 14.074  -0.428  0.461   1.00 39.17 ? 43  ALA B O     1 
ATOM   1675 C CB    . ALA D 3 43 ? 13.981  -3.601  0.637   1.00 34.92 ? 43  ALA B CB    1 
ATOM   1676 N N     . GLN D 3 44 ? 16.146  -1.245  0.290   1.00 36.17 ? 44  GLN B N     1 
ATOM   1677 C CA    . GLN D 3 44 ? 16.768  -0.048  0.850   1.00 37.14 ? 44  GLN B CA    1 
ATOM   1678 C C     . GLN D 3 44 ? 16.679  1.105   -0.143  1.00 35.48 ? 44  GLN B C     1 
ATOM   1679 O O     . GLN D 3 44 ? 16.532  2.265   0.246   1.00 36.09 ? 44  GLN B O     1 
ATOM   1680 C CB    . GLN D 3 44 ? 18.242  -0.321  1.184   1.00 42.27 ? 44  GLN B CB    1 
ATOM   1681 C CG    . GLN D 3 44 ? 18.471  -1.324  2.318   1.00 46.59 ? 44  GLN B CG    1 
ATOM   1682 C CD    . GLN D 3 44 ? 18.212  -0.734  3.701   1.00 51.04 ? 44  GLN B CD    1 
ATOM   1683 O OE1   . GLN D 3 44 ? 17.897  0.458   3.843   1.00 51.44 ? 44  GLN B OE1   1 
ATOM   1684 N NE2   . GLN D 3 44 ? 18.364  -1.566  4.735   1.00 53.24 ? 44  GLN B NE2   1 
ATOM   1685 N N     . ILE D 3 45 ? 16.811  0.773   -1.425  1.00 34.36 ? 45  ILE B N     1 
ATOM   1686 C CA    . ILE D 3 45 ? 16.738  1.757   -2.489  1.00 34.86 ? 45  ILE B CA    1 
ATOM   1687 C C     . ILE D 3 45 ? 15.291  2.244   -2.593  1.00 34.91 ? 45  ILE B C     1 
ATOM   1688 O O     . ILE D 3 45 ? 15.039  3.446   -2.700  1.00 37.64 ? 45  ILE B O     1 
ATOM   1689 C CB    . ILE D 3 45 ? 17.230  1.148   -3.820  1.00 34.55 ? 45  ILE B CB    1 
ATOM   1690 C CG1   . ILE D 3 45 ? 18.737  0.902   -3.753  1.00 31.46 ? 45  ILE B CG1   1 
ATOM   1691 C CG2   . ILE D 3 45 ? 16.932  2.073   -4.983  1.00 33.67 ? 45  ILE B CG2   1 
ATOM   1692 C CD1   . ILE D 3 45 ? 19.269  0.193   -4.966  1.00 28.67 ? 45  ILE B CD1   1 
ATOM   1693 N N     . LYS D 3 46 ? 14.347  1.312   -2.485  1.00 35.76 ? 46  LYS B N     1 
ATOM   1694 C CA    . LYS D 3 46 ? 12.916  1.626   -2.545  1.00 35.47 ? 46  LYS B CA    1 
ATOM   1695 C C     . LYS D 3 46 ? 12.508  2.563   -1.413  1.00 34.01 ? 46  LYS B C     1 
ATOM   1696 O O     . LYS D 3 46 ? 11.784  3.525   -1.627  1.00 35.84 ? 46  LYS B O     1 
ATOM   1697 C CB    . LYS D 3 46 ? 12.107  0.331   -2.480  1.00 37.71 ? 46  LYS B CB    1 
ATOM   1698 C CG    . LYS D 3 46 ? 10.604  0.486   -2.432  1.00 41.12 ? 46  LYS B CG    1 
ATOM   1699 C CD    . LYS D 3 46 ? 9.938   -0.883  -2.549  1.00 49.31 ? 46  LYS B CD    1 
ATOM   1700 C CE    . LYS D 3 46 ? 9.488   -1.440  -1.201  1.00 55.97 ? 46  LYS B CE    1 
ATOM   1701 N NZ    . LYS D 3 46 ? 8.179   -0.852  -0.761  1.00 60.69 ? 46  LYS B NZ    1 
ATOM   1702 N N     . ILE D 3 47 ? 13.001  2.289   -0.215  1.00 34.00 ? 47  ILE B N     1 
ATOM   1703 C CA    . ILE D 3 47 ? 12.689  3.103   0.945   1.00 35.59 ? 47  ILE B CA    1 
ATOM   1704 C C     . ILE D 3 47 ? 13.369  4.473   0.868   1.00 35.61 ? 47  ILE B C     1 
ATOM   1705 O O     . ILE D 3 47 ? 12.789  5.476   1.272   1.00 39.07 ? 47  ILE B O     1 
ATOM   1706 C CB    . ILE D 3 47 ? 13.064  2.357   2.246   1.00 34.82 ? 47  ILE B CB    1 
ATOM   1707 C CG1   . ILE D 3 47 ? 12.208  1.097   2.369   1.00 36.59 ? 47  ILE B CG1   1 
ATOM   1708 C CG2   . ILE D 3 47 ? 12.845  3.229   3.463   1.00 34.07 ? 47  ILE B CG2   1 
ATOM   1709 C CD1   . ILE D 3 47 ? 12.720  0.118   3.417   1.00 37.59 ? 47  ILE B CD1   1 
ATOM   1710 N N     . TRP D 3 48 ? 14.569  4.524   0.299   1.00 33.99 ? 48  TRP B N     1 
ATOM   1711 C CA    . TRP D 3 48 ? 15.296  5.780   0.183   1.00 32.74 ? 48  TRP B CA    1 
ATOM   1712 C C     . TRP D 3 48 ? 14.549  6.758   -0.734  1.00 35.03 ? 48  TRP B C     1 
ATOM   1713 O O     . TRP D 3 48 ? 14.512  7.969   -0.471  1.00 37.32 ? 48  TRP B O     1 
ATOM   1714 C CB    . TRP D 3 48 ? 16.714  5.523   -0.337  1.00 32.10 ? 48  TRP B CB    1 
ATOM   1715 C CG    . TRP D 3 48 ? 17.562  6.756   -0.388  1.00 33.52 ? 48  TRP B CG    1 
ATOM   1716 C CD1   . TRP D 3 48 ? 18.382  7.227   0.597   1.00 34.90 ? 48  TRP B CD1   1 
ATOM   1717 C CD2   . TRP D 3 48 ? 17.641  7.704   -1.461  1.00 33.13 ? 48  TRP B CD2   1 
ATOM   1718 N NE1   . TRP D 3 48 ? 18.960  8.412   0.206   1.00 32.99 ? 48  TRP B NE1   1 
ATOM   1719 C CE2   . TRP D 3 48 ? 18.522  8.726   -1.052  1.00 32.51 ? 48  TRP B CE2   1 
ATOM   1720 C CE3   . TRP D 3 48 ? 17.050  7.789   -2.728  1.00 33.85 ? 48  TRP B CE3   1 
ATOM   1721 C CZ2   . TRP D 3 48 ? 18.822  9.821   -1.861  1.00 33.57 ? 48  TRP B CZ2   1 
ATOM   1722 C CZ3   . TRP D 3 48 ? 17.349  8.878   -3.533  1.00 33.29 ? 48  TRP B CZ3   1 
ATOM   1723 C CH2   . TRP D 3 48 ? 18.228  9.879   -3.098  1.00 34.19 ? 48  TRP B CH2   1 
ATOM   1724 N N     . PHE D 3 49 ? 13.964  6.230   -1.808  1.00 34.25 ? 49  PHE B N     1 
ATOM   1725 C CA    . PHE D 3 49 ? 13.210  7.043   -2.760  1.00 34.53 ? 49  PHE B CA    1 
ATOM   1726 C C     . PHE D 3 49 ? 11.902  7.551   -2.141  1.00 34.67 ? 49  PHE B C     1 
ATOM   1727 O O     . PHE D 3 49 ? 11.505  8.685   -2.372  1.00 35.80 ? 49  PHE B O     1 
ATOM   1728 C CB    . PHE D 3 49 ? 12.933  6.255   -4.049  1.00 32.94 ? 49  PHE B CB    1 
ATOM   1729 C CG    . PHE D 3 49 ? 13.952  6.481   -5.138  1.00 31.74 ? 49  PHE B CG    1 
ATOM   1730 C CD1   . PHE D 3 49 ? 15.205  5.901   -5.067  1.00 32.35 ? 49  PHE B CD1   1 
ATOM   1731 C CD2   . PHE D 3 49 ? 13.657  7.294   -6.231  1.00 34.09 ? 49  PHE B CD2   1 
ATOM   1732 C CE1   . PHE D 3 49 ? 16.151  6.121   -6.071  1.00 30.95 ? 49  PHE B CE1   1 
ATOM   1733 C CE2   . PHE D 3 49 ? 14.595  7.518   -7.236  1.00 32.92 ? 49  PHE B CE2   1 
ATOM   1734 C CZ    . PHE D 3 49 ? 15.844  6.932   -7.151  1.00 31.85 ? 49  PHE B CZ    1 
ATOM   1735 N N     . GLN D 3 50 ? 11.234  6.713   -1.354  1.00 35.34 ? 50  GLN B N     1 
ATOM   1736 C CA    . GLN D 3 50 ? 9.991   7.119   -0.698  1.00 36.87 ? 50  GLN B CA    1 
ATOM   1737 C C     . GLN D 3 50 ? 10.243  8.310   0.207   1.00 37.49 ? 50  GLN B C     1 
ATOM   1738 O O     . GLN D 3 50 ? 9.543   9.317   0.128   1.00 40.49 ? 50  GLN B O     1 
ATOM   1739 C CB    . GLN D 3 50 ? 9.422   5.983   0.157   1.00 37.35 ? 50  GLN B CB    1 
ATOM   1740 C CG    . GLN D 3 50 ? 8.921   4.817   -0.670  1.00 41.96 ? 50  GLN B CG    1 
ATOM   1741 C CD    . GLN D 3 50 ? 8.394   3.683   0.199   1.00 44.32 ? 50  GLN B CD    1 
ATOM   1742 O OE1   . GLN D 3 50 ? 7.597   2.883   -0.272  1.00 51.90 ? 50  GLN B OE1   1 
ATOM   1743 N NE2   . GLN D 3 50 ? 8.844   3.596   1.441   1.00 42.68 ? 50  GLN B NE2   1 
ATOM   1744 N N     . ASN D 3 51 ? 11.250  8.183   1.070   1.00 37.73 ? 51  ASN B N     1 
ATOM   1745 C CA    . ASN D 3 51 ? 11.606  9.236   2.016   1.00 37.04 ? 51  ASN B CA    1 
ATOM   1746 C C     . ASN D 3 51 ? 12.067  10.507  1.335   1.00 38.59 ? 51  ASN B C     1 
ATOM   1747 O O     . ASN D 3 51 ? 11.741  11.595  1.787   1.00 43.39 ? 51  ASN B O     1 
ATOM   1748 C CB    . ASN D 3 51 ? 12.678  8.753   3.002   1.00 38.26 ? 51  ASN B CB    1 
ATOM   1749 C CG    . ASN D 3 51 ? 12.145  7.730   3.999   1.00 39.61 ? 51  ASN B CG    1 
ATOM   1750 O OD1   . ASN D 3 51 ? 10.972  7.772   4.382   1.00 44.01 ? 51  ASN B OD1   1 
ATOM   1751 N ND2   . ASN D 3 51 ? 13.006  6.810   4.429   1.00 37.80 ? 51  ASN B ND2   1 
ATOM   1752 N N     . LYS D 3 52 ? 12.839  10.378  0.260   1.00 39.70 ? 52  LYS B N     1 
ATOM   1753 C CA    . LYS D 3 52 ? 13.318  11.547  -0.461  1.00 39.51 ? 52  LYS B CA    1 
ATOM   1754 C C     . LYS D 3 52 ? 12.151  12.296  -1.115  1.00 39.47 ? 52  LYS B C     1 
ATOM   1755 O O     . LYS D 3 52 ? 12.142  13.517  -1.153  1.00 41.13 ? 52  LYS B O     1 
ATOM   1756 C CB    . LYS D 3 52 ? 14.368  11.133  -1.482  1.00 41.54 ? 52  LYS B CB    1 
ATOM   1757 C CG    . LYS D 3 52 ? 15.728  11.727  -1.221  1.00 44.41 ? 52  LYS B CG    1 
ATOM   1758 C CD    . LYS D 3 52 ? 15.745  13.194  -1.599  1.00 53.16 ? 52  LYS B CD    1 
ATOM   1759 C CE    . LYS D 3 52 ? 17.152  13.774  -1.529  1.00 58.32 ? 52  LYS B CE    1 
ATOM   1760 N NZ    . LYS D 3 52 ? 17.256  15.138  -2.141  1.00 60.41 ? 52  LYS B NZ    1 
ATOM   1761 N N     . ARG D 3 53 ? 11.150  11.565  -1.592  1.00 39.54 ? 53  ARG B N     1 
ATOM   1762 C CA    . ARG D 3 53 ? 9.981   12.196  -2.193  1.00 40.37 ? 53  ARG B CA    1 
ATOM   1763 C C     . ARG D 3 53 ? 9.184   12.920  -1.120  1.00 44.44 ? 53  ARG B C     1 
ATOM   1764 O O     . ARG D 3 53 ? 8.609   13.975  -1.373  1.00 48.55 ? 53  ARG B O     1 
ATOM   1765 C CB    . ARG D 3 53 ? 9.059   11.164  -2.852  1.00 38.42 ? 53  ARG B CB    1 
ATOM   1766 C CG    . ARG D 3 53 ? 9.470   10.728  -4.255  1.00 36.81 ? 53  ARG B CG    1 
ATOM   1767 C CD    . ARG D 3 53 ? 8.371   9.938   -4.947  1.00 31.88 ? 53  ARG B CD    1 
ATOM   1768 N NE    . ARG D 3 53 ? 8.034   8.712   -4.235  1.00 35.07 ? 53  ARG B NE    1 
ATOM   1769 C CZ    . ARG D 3 53 ? 8.527   7.518   -4.530  1.00 35.00 ? 53  ARG B CZ    1 
ATOM   1770 N NH1   . ARG D 3 53 ? 9.387   7.385   -5.532  1.00 32.71 ? 53  ARG B NH1   1 
ATOM   1771 N NH2   . ARG D 3 53 ? 8.166   6.460   -3.817  1.00 36.06 ? 53  ARG B NH2   1 
ATOM   1772 N N     . ALA D 3 54 ? 9.133   12.334  0.072   1.00 46.98 ? 54  ALA B N     1 
ATOM   1773 C CA    . ALA D 3 54 ? 8.393   12.913  1.185   1.00 48.10 ? 54  ALA B CA    1 
ATOM   1774 C C     . ALA D 3 54 ? 9.017   14.196  1.722   1.00 52.52 ? 54  ALA B C     1 
ATOM   1775 O O     . ALA D 3 54 ? 8.315   15.077  2.187   1.00 53.76 ? 54  ALA B O     1 
ATOM   1776 C CB    . ALA D 3 54 ? 8.241   11.899  2.290   1.00 45.83 ? 54  ALA B CB    1 
ATOM   1777 N N     . LYS D 3 55 ? 10.336  14.307  1.679   1.00 59.44 ? 55  LYS B N     1 
ATOM   1778 C CA    . LYS D 3 55 ? 10.985  15.519  2.163   1.00 66.53 ? 55  LYS B CA    1 
ATOM   1779 C C     . LYS D 3 55 ? 10.797  16.633  1.133   1.00 69.69 ? 55  LYS B C     1 
ATOM   1780 O O     . LYS D 3 55 ? 10.583  17.785  1.493   1.00 70.84 ? 55  LYS B O     1 
ATOM   1781 C CB    . LYS D 3 55 ? 12.465  15.258  2.438   1.00 72.05 ? 55  LYS B CB    1 
ATOM   1782 C CG    . LYS D 3 55 ? 12.692  14.168  3.495   1.00 84.91 ? 55  LYS B CG    1 
ATOM   1783 C CD    . LYS D 3 55 ? 14.163  13.742  3.609   1.00 93.89 ? 55  LYS B CD    1 
ATOM   1784 C CE    . LYS D 3 55 ? 14.348  12.529  4.539   1.00 95.74 ? 55  LYS B CE    1 
ATOM   1785 N NZ    . LYS D 3 55 ? 15.778  12.102  4.608   1.00 98.32 ? 55  LYS B NZ    1 
ATOM   1786 N N     . ILE D 3 56 ? 10.796  16.264  -0.146  1.00 73.33 ? 56  ILE B N     1 
ATOM   1787 C CA    . ILE D 3 56 ? 10.619  17.226  -1.229  1.00 76.92 ? 56  ILE B CA    1 
ATOM   1788 C C     . ILE D 3 56 ? 9.270   17.933  -1.139  1.00 80.74 ? 56  ILE B C     1 
ATOM   1789 O O     . ILE D 3 56 ? 9.204   19.160  -1.240  1.00 81.26 ? 56  ILE B O     1 
ATOM   1790 C CB    . ILE D 3 56 ? 10.747  16.548  -2.622  1.00 76.82 ? 56  ILE B CB    1 
ATOM   1791 C CG1   . ILE D 3 56 ? 12.136  15.932  -2.782  1.00 77.89 ? 56  ILE B CG1   1 
ATOM   1792 C CG2   . ILE D 3 56 ? 10.494  17.547  -3.736  1.00 76.58 ? 56  ILE B CG2   1 
ATOM   1793 C CD1   . ILE D 3 56 ? 13.283  16.876  -2.472  1.00 76.71 ? 56  ILE B CD1   1 
ATOM   1794 N N     . LYS D 3 57 ? 8.204   17.167  -0.913  1.00 85.74 ? 57  LYS B N     1 
ATOM   1795 C CA    . LYS D 3 57 ? 6.862   17.739  -0.827  1.00 90.37 ? 57  LYS B CA    1 
ATOM   1796 C C     . LYS D 3 57 ? 6.768   18.790  0.289   1.00 93.87 ? 57  LYS B C     1 
ATOM   1797 O O     . LYS D 3 57 ? 6.198   19.864  0.082   1.00 95.72 ? 57  LYS B O     1 
ATOM   1798 C CB    . LYS D 3 57 ? 5.795   16.638  -0.674  1.00 89.08 ? 57  LYS B CB    1 
ATOM   1799 C CG    . LYS D 3 57 ? 5.335   16.360  0.751   1.00 90.97 ? 57  LYS B CG    1 
ATOM   1800 C CD    . LYS D 3 57 ? 5.595   14.951  1.181   1.00 91.92 ? 57  LYS B CD    1 
ATOM   1801 C CE    . LYS D 3 57 ? 5.344   14.782  2.689   1.00 92.22 ? 57  LYS B CE    1 
ATOM   1802 N NZ    . LYS D 3 57 ? 5.108   13.368  3.079   1.00 88.98 ? 57  LYS B NZ    1 
ATOM   1803 N N     . LYS D 3 58 ? 7.346   18.489  1.453   1.00 95.98 ? 58  LYS B N     1 
ATOM   1804 C CA    . LYS D 3 58 ? 7.341   19.426  2.578   1.00 96.74 ? 58  LYS B CA    1 
ATOM   1805 C C     . LYS D 3 58 ? 8.288   20.575  2.244   1.00 96.82 ? 58  LYS B C     1 
ATOM   1806 O O     . LYS D 3 58 ? 7.969   21.739  2.463   1.00 97.38 ? 58  LYS B O     1 
ATOM   1807 C CB    . LYS D 3 58 ? 7.812   18.742  3.867   1.00 97.12 ? 58  LYS B CB    1 
ATOM   1808 C CG    . LYS D 3 58 ? 6.792   17.829  4.538   1.00 97.49 ? 58  LYS B CG    1 
ATOM   1809 C CD    . LYS D 3 58 ? 7.509   16.662  5.215   1.00 98.54 ? 58  LYS B CD    1 
ATOM   1810 C CE    . LYS D 3 58 ? 6.557   15.752  5.972   1.00 98.79 ? 58  LYS B CE    1 
ATOM   1811 N NZ    . LYS D 3 58 ? 7.242   14.494  6.408   1.00 98.23 ? 58  LYS B NZ    1 
HETATM 1812 O O     . HOH E 4 .  ? -12.839 -9.293  -6.730  1.00 56.01 ? 418 HOH C O     1 
HETATM 1813 O O     . HOH E 4 .  ? -13.978 -9.549  -0.781  1.00 42.67 ? 423 HOH C O     1 
HETATM 1814 O O     . HOH E 4 .  ? 5.687   4.345   -9.313  1.00 70.26 ? 431 HOH C O     1 
HETATM 1815 O O     . HOH E 4 .  ? 9.801   4.849   -6.801  1.00 37.04 ? 433 HOH C O     1 
HETATM 1816 O O     . HOH E 4 .  ? 9.931   3.955   -3.975  1.00 36.88 ? 434 HOH C O     1 
HETATM 1817 O O     . HOH E 4 .  ? 5.207   12.203  -2.987  1.00 54.54 ? 441 HOH C O     1 
HETATM 1818 O O     . HOH E 4 .  ? -19.240 -14.459 -1.276  1.00 69.61 ? 501 HOH C O     1 
HETATM 1819 O O     . HOH E 4 .  ? -5.235  -5.332  -0.014  1.00 58.87 ? 900 HOH C O     1 
HETATM 1820 O O     . HOH F 4 .  ? 0.500   4.958   10.551  1.00 66.14 ? 405 HOH D O     1 
HETATM 1821 O O     . HOH F 4 .  ? -11.042 -0.897  2.753   1.00 53.08 ? 410 HOH D O     1 
HETATM 1822 O O     . HOH F 4 .  ? -8.593  -3.045  -4.443  1.00 44.22 ? 414 HOH D O     1 
HETATM 1823 O O     . HOH F 4 .  ? -8.979  -4.488  -8.605  1.00 60.24 ? 416 HOH D O     1 
HETATM 1824 O O     . HOH F 4 .  ? -10.789 -7.106  -9.341  1.00 69.75 ? 417 HOH D O     1 
HETATM 1825 O O     . HOH F 4 .  ? -10.400 0.705   -6.333  1.00 36.53 ? 427 HOH D O     1 
HETATM 1826 O O     . HOH F 4 .  ? -11.584 3.161   -5.679  1.00 42.67 ? 428 HOH D O     1 
HETATM 1827 O O     . HOH F 4 .  ? 6.197   1.823   2.694   1.00 63.55 ? 436 HOH D O     1 
HETATM 1828 O O     . HOH F 4 .  ? 9.359   5.042   3.896   1.00 58.99 ? 437 HOH D O     1 
HETATM 1829 O O     . HOH F 4 .  ? 5.667   -1.347  15.358  1.00 58.97 ? 457 HOH D O     1 
HETATM 1830 O O     . HOH F 4 .  ? -24.920 -33.962 -32.818 1.00 49.29 ? 464 HOH D O     1 
HETATM 1831 O O     . HOH F 4 .  ? -23.192 -31.716 -33.581 1.00 65.59 ? 465 HOH D O     1 
HETATM 1832 O O     . HOH F 4 .  ? -24.869 -37.627 -30.982 1.00 46.87 ? 466 HOH D O     1 
HETATM 1833 O O     . HOH G 4 .  ? -11.162 -8.811  13.853  1.00 50.70 ? 401 HOH A O     1 
HETATM 1834 O O     . HOH G 4 .  ? -13.349 -7.251  15.492  1.00 59.00 ? 402 HOH A O     1 
HETATM 1835 O O     . HOH G 4 .  ? -9.726  -3.333  16.055  1.00 59.98 ? 403 HOH A O     1 
HETATM 1836 O O     . HOH G 4 .  ? -5.092  -2.301  2.054   1.00 61.76 ? 411 HOH A O     1 
HETATM 1837 O O     . HOH G 4 .  ? -8.280  -6.023  -2.211  1.00 55.98 ? 413 HOH A O     1 
HETATM 1838 O O     . HOH G 4 .  ? -9.589  -5.296  -5.761  1.00 54.55 ? 415 HOH A O     1 
HETATM 1839 O O     . HOH G 4 .  ? -8.156  -21.067 1.658   1.00 74.02 ? 421 HOH A O     1 
HETATM 1840 O O     . HOH G 4 .  ? -13.499 -10.299 2.174   1.00 44.92 ? 422 HOH A O     1 
HETATM 1841 O O     . HOH G 4 .  ? -16.737 -7.134  -2.826  1.00 53.57 ? 424 HOH A O     1 
HETATM 1842 O O     . HOH G 4 .  ? -19.675 -9.730  -2.396  1.00 69.28 ? 425 HOH A O     1 
HETATM 1843 O O     . HOH G 4 .  ? -10.060 -0.665  -3.896  1.00 39.19 ? 426 HOH A O     1 
HETATM 1844 O O     . HOH G 4 .  ? -12.665 2.066   -15.706 1.00 81.42 ? 429 HOH A O     1 
HETATM 1845 O O     . HOH G 4 .  ? -19.784 2.504   6.677   1.00 54.44 ? 459 HOH A O     1 
HETATM 1846 O O     . HOH G 4 .  ? -28.548 -15.224 6.910   1.00 72.61 ? 460 HOH A O     1 
HETATM 1847 O O     . HOH H 4 .  ? 30.226  1.973   -1.999  1.00 63.07 ? 432 HOH B O     1 
HETATM 1848 O O     . HOH H 4 .  ? 6.944   1.274   -2.041  1.00 62.48 ? 435 HOH B O     1 
HETATM 1849 O O     . HOH H 4 .  ? 8.233   8.856   4.573   1.00 42.10 ? 438 HOH B O     1 
HETATM 1850 O O     . HOH H 4 .  ? 6.815   9.159   -0.319  1.00 43.69 ? 439 HOH B O     1 
HETATM 1851 O O     . HOH H 4 .  ? 15.212  6.975   -11.358 1.00 44.40 ? 442 HOH B O     1 
HETATM 1852 O O     . HOH H 4 .  ? 12.388  4.760   -13.163 1.00 43.74 ? 443 HOH B O     1 
HETATM 1853 O O     . HOH H 4 .  ? 7.874   -1.010  -12.136 1.00 62.84 ? 445 HOH B O     1 
HETATM 1854 O O     . HOH H 4 .  ? 26.475  -0.898  -14.760 1.00 83.54 ? 448 HOH B O     1 
HETATM 1855 O O     . HOH H 4 .  ? 27.603  3.989   -9.905  1.00 61.61 ? 449 HOH B O     1 
HETATM 1856 O O     . HOH H 4 .  ? 32.566  6.076   -1.431  1.00 66.74 ? 450 HOH B O     1 
HETATM 1857 O O     . HOH H 4 .  ? 23.674  6.842   5.230   1.00 73.35 ? 451 HOH B O     1 
HETATM 1858 O O     . HOH H 4 .  ? 22.130  12.490  3.201   1.00 75.80 ? 452 HOH B O     1 
HETATM 1859 O O     . HOH H 4 .  ? 20.176  10.335  2.461   1.00 53.00 ? 453 HOH B O     1 
HETATM 1860 O O     . HOH H 4 .  ? 16.627  2.990   2.983   1.00 43.44 ? 454 HOH B O     1 
HETATM 1861 O O     . HOH H 4 .  ? 17.881  -7.175  -3.815  1.00 50.09 ? 455 HOH B O     1 
HETATM 1862 O O     . HOH H 4 .  ? 13.311  -6.229  10.604  1.00 63.94 ? 456 HOH B O     1 
HETATM 1863 O O     . HOH H 4 .  ? 21.152  13.834  -12.696 1.00 53.29 ? 467 HOH B O     1 
HETATM 1864 O O     . HOH H 4 .  ? 25.085  13.383  -7.097  1.00 62.79 ? 468 HOH B O     1 
# 
loop_
_pdbx_poly_seq_scheme.asym_id 
_pdbx_poly_seq_scheme.entity_id 
_pdbx_poly_seq_scheme.seq_id 
_pdbx_poly_seq_scheme.mon_id 
_pdbx_poly_seq_scheme.ndb_seq_num 
_pdbx_poly_seq_scheme.pdb_seq_num 
_pdbx_poly_seq_scheme.auth_seq_num 
_pdbx_poly_seq_scheme.pdb_mon_id 
_pdbx_poly_seq_scheme.auth_mon_id 
_pdbx_poly_seq_scheme.pdb_strand_id 
_pdbx_poly_seq_scheme.pdb_ins_code 
_pdbx_poly_seq_scheme.hetero 
A 1 1  DT  1  201 201 DT  T   C . n 
A 1 2  DT  2  202 202 DT  T   C . n 
A 1 3  DT  3  203 203 DT  T   C . n 
A 1 4  DT  4  204 204 DT  T   C . n 
A 1 5  DG  5  205 205 DG  G   C . n 
A 1 6  DC  6  206 206 DC  C   C . n 
A 1 7  DC  7  207 207 DC  C   C . n 
A 1 8  DA  8  208 208 DA  A   C . n 
A 1 9  DT  9  209 209 DT  T   C . n 
A 1 10 DG  10 210 210 DG  G   C . n 
A 1 11 DT  11 211 211 DT  T   C . n 
A 1 12 DA  12 212 212 DA  A   C . n 
A 1 13 DA  13 213 213 DA  A   C . n 
A 1 14 DT  14 214 214 DT  T   C . n 
A 1 15 DT  15 215 215 DT  T   C . n 
A 1 16 DA  16 216 216 DA  A   C . n 
A 1 17 DC  17 217 217 DC  C   C . n 
A 1 18 DC  18 218 218 DC  C   C . n 
A 1 19 DT  19 219 219 DT  T   C . n 
A 1 20 DA  20 220 220 DA  A   C . n 
A 1 21 DA  21 221 221 DA  A   C . n 
B 2 1  DA  1  322 322 DA  A   D . n 
B 2 2  DT  2  323 323 DT  T   D . n 
B 2 3  DT  3  324 324 DT  T   D . n 
B 2 4  DA  4  325 325 DA  A   D . n 
B 2 5  DG  5  326 326 DG  G   D . n 
B 2 6  DG  6  327 327 DG  G   D . n 
B 2 7  DT  7  328 328 DT  T   D . n 
B 2 8  DA  8  329 329 DA  A   D . n 
B 2 9  DA  9  330 330 DA  A   D . n 
B 2 10 DT  10 331 331 DT  T   D . n 
B 2 11 DT  11 332 332 DT  T   D . n 
B 2 12 DA  12 333 333 DA  A   D . n 
B 2 13 DC  13 334 334 DC  C   D . n 
B 2 14 DA  14 335 335 DA  A   D . n 
B 2 15 DT  15 336 336 DT  T   D . n 
B 2 16 DG  16 337 337 DG  G   D . n 
B 2 17 DG  17 338 338 DG  G   D . n 
B 2 18 DC  18 339 339 DC  C   D . n 
B 2 19 DA  19 340 340 DA  A   D . n 
B 2 20 DA  20 341 341 DA  A   D . n 
B 2 21 DA  21 342 342 DA  A   D . n 
C 3 1  GLU 1  1   ?   ?   ?   A . n 
C 3 2  LYS 2  2   ?   ?   ?   A . n 
C 3 3  ARG 3  3   ?   ?   ?   A . n 
C 3 4  PRO 4  4   ?   ?   ?   A . n 
C 3 5  ARG 5  5   5   ARG ARG A . n 
C 3 6  THR 6  6   6   THR THR A . n 
C 3 7  ALA 7  7   7   ALA ALA A . n 
C 3 8  PHE 8  8   8   PHE PHE A . n 
C 3 9  SER 9  9   9   SER SER A . n 
C 3 10 SER 10 10  10  SER SER A . n 
C 3 11 GLU 11 11  11  GLU GLU A . n 
C 3 12 GLN 12 12  12  GLN GLN A . n 
C 3 13 LEU 13 13  13  LEU LEU A . n 
C 3 14 ALA 14 14  14  ALA ALA A . n 
C 3 15 ARG 15 15  15  ARG ARG A . n 
C 3 16 LEU 16 16  16  LEU LEU A . n 
C 3 17 LYS 17 17  17  LYS LYS A . n 
C 3 18 ARG 18 18  18  ARG ARG A . n 
C 3 19 GLU 19 19  19  GLU GLU A . n 
C 3 20 PHE 20 20  20  PHE PHE A . n 
C 3 21 ASN 21 21  21  ASN ASN A . n 
C 3 22 GLU 22 22  22  GLU GLU A . n 
C 3 23 ASN 23 23  23  ASN ASN A . n 
C 3 24 ARG 24 24  24  ARG ARG A . n 
C 3 25 TYR 25 25  25  TYR TYR A . n 
C 3 26 LEU 26 26  26  LEU LEU A . n 
C 3 27 THR 27 27  27  THR THR A . n 
C 3 28 GLU 28 28  28  GLU GLU A . n 
C 3 29 ARG 29 29  29  ARG ARG A . n 
C 3 30 ARG 30 30  30  ARG ARG A . n 
C 3 31 ARG 31 31  31  ARG ARG A . n 
C 3 32 GLN 32 32  32  GLN GLN A . n 
C 3 33 GLN 33 33  33  GLN GLN A . n 
C 3 34 LEU 34 34  34  LEU LEU A . n 
C 3 35 SER 35 35  35  SER SER A . n 
C 3 36 SER 36 36  36  SER SER A . n 
C 3 37 GLU 37 37  37  GLU GLU A . n 
C 3 38 LEU 38 38  38  LEU LEU A . n 
C 3 39 GLY 39 39  39  GLY GLY A . n 
C 3 40 LEU 40 40  40  LEU LEU A . n 
C 3 41 ASN 41 41  41  ASN ASN A . n 
C 3 42 GLU 42 42  42  GLU GLU A . n 
C 3 43 ALA 43 43  43  ALA ALA A . n 
C 3 44 GLN 44 44  44  GLN GLN A . n 
C 3 45 ILE 45 45  45  ILE ILE A . n 
C 3 46 LYS 46 46  46  LYS LYS A . n 
C 3 47 ILE 47 47  47  ILE ILE A . n 
C 3 48 TRP 48 48  48  TRP TRP A . n 
C 3 49 PHE 49 49  49  PHE PHE A . n 
C 3 50 GLN 50 50  50  GLN GLN A . n 
C 3 51 ASN 51 51  51  ASN ASN A . n 
C 3 52 LYS 52 52  52  LYS LYS A . n 
C 3 53 ARG 53 53  53  ARG ARG A . n 
C 3 54 ALA 54 54  54  ALA ALA A . n 
C 3 55 LYS 55 55  55  LYS LYS A . n 
C 3 56 ILE 56 56  56  ILE ILE A . n 
C 3 57 LYS 57 57  57  LYS LYS A . n 
C 3 58 LYS 58 58  58  LYS LYS A . n 
C 3 59 SER 59 59  59  SER SER A . n 
C 3 60 THR 60 60  ?   ?   ?   A . n 
D 3 1  GLU 1  1   ?   ?   ?   B . n 
D 3 2  LYS 2  2   ?   ?   ?   B . n 
D 3 3  ARG 3  3   3   ARG ARG B . n 
D 3 4  PRO 4  4   4   PRO PRO B . n 
D 3 5  ARG 5  5   5   ARG ARG B . n 
D 3 6  THR 6  6   6   THR THR B . n 
D 3 7  ALA 7  7   7   ALA ALA B . n 
D 3 8  PHE 8  8   8   PHE PHE B . n 
D 3 9  SER 9  9   9   SER SER B . n 
D 3 10 SER 10 10  10  SER SER B . n 
D 3 11 GLU 11 11  11  GLU GLU B . n 
D 3 12 GLN 12 12  12  GLN GLN B . n 
D 3 13 LEU 13 13  13  LEU LEU B . n 
D 3 14 ALA 14 14  14  ALA ALA B . n 
D 3 15 ARG 15 15  15  ARG ARG B . n 
D 3 16 LEU 16 16  16  LEU LEU B . n 
D 3 17 LYS 17 17  17  LYS LYS B . n 
D 3 18 ARG 18 18  18  ARG ARG B . n 
D 3 19 GLU 19 19  19  GLU GLU B . n 
D 3 20 PHE 20 20  20  PHE PHE B . n 
D 3 21 ASN 21 21  21  ASN ASN B . n 
D 3 22 GLU 22 22  22  GLU GLU B . n 
D 3 23 ASN 23 23  23  ASN ASN B . n 
D 3 24 ARG 24 24  24  ARG ARG B . n 
D 3 25 TYR 25 25  25  TYR TYR B . n 
D 3 26 LEU 26 26  26  LEU LEU B . n 
D 3 27 THR 27 27  27  THR THR B . n 
D 3 28 GLU 28 28  28  GLU GLU B . n 
D 3 29 ARG 29 29  29  ARG ARG B . n 
D 3 30 ARG 30 30  30  ARG ARG B . n 
D 3 31 ARG 31 31  31  ARG ARG B . n 
D 3 32 GLN 32 32  32  GLN GLN B . n 
D 3 33 GLN 33 33  33  GLN GLN B . n 
D 3 34 LEU 34 34  34  LEU LEU B . n 
D 3 35 SER 35 35  35  SER SER B . n 
D 3 36 SER 36 36  36  SER SER B . n 
D 3 37 GLU 37 37  37  GLU GLU B . n 
D 3 38 LEU 38 38  38  LEU LEU B . n 
D 3 39 GLY 39 39  39  GLY GLY B . n 
D 3 40 LEU 40 40  40  LEU LEU B . n 
D 3 41 ASN 41 41  41  ASN ASN B . n 
D 3 42 GLU 42 42  42  GLU GLU B . n 
D 3 43 ALA 43 43  43  ALA ALA B . n 
D 3 44 GLN 44 44  44  GLN GLN B . n 
D 3 45 ILE 45 45  45  ILE ILE B . n 
D 3 46 LYS 46 46  46  LYS LYS B . n 
D 3 47 ILE 47 47  47  ILE ILE B . n 
D 3 48 TRP 48 48  48  TRP TRP B . n 
D 3 49 PHE 49 49  49  PHE PHE B . n 
D 3 50 GLN 50 50  50  GLN GLN B . n 
D 3 51 ASN 51 51  51  ASN ASN B . n 
D 3 52 LYS 52 52  52  LYS LYS B . n 
D 3 53 ARG 53 53  53  ARG ARG B . n 
D 3 54 ALA 54 54  54  ALA ALA B . n 
D 3 55 LYS 55 55  55  LYS LYS B . n 
D 3 56 ILE 56 56  56  ILE ILE B . n 
D 3 57 LYS 57 57  57  LYS LYS B . n 
D 3 58 LYS 58 58  58  LYS LYS B . n 
D 3 59 SER 59 59  ?   ?   ?   B . n 
D 3 60 THR 60 60  ?   ?   ?   B . n 
# 
loop_
_pdbx_nonpoly_scheme.asym_id 
_pdbx_nonpoly_scheme.entity_id 
_pdbx_nonpoly_scheme.mon_id 
_pdbx_nonpoly_scheme.ndb_seq_num 
_pdbx_nonpoly_scheme.pdb_seq_num 
_pdbx_nonpoly_scheme.auth_seq_num 
_pdbx_nonpoly_scheme.pdb_mon_id 
_pdbx_nonpoly_scheme.auth_mon_id 
_pdbx_nonpoly_scheme.pdb_strand_id 
_pdbx_nonpoly_scheme.pdb_ins_code 
E 4 HOH 1  418 418 HOH HOH C . 
E 4 HOH 2  423 423 HOH HOH C . 
E 4 HOH 3  431 431 HOH HOH C . 
E 4 HOH 4  433 433 HOH HOH C . 
E 4 HOH 5  434 434 HOH HOH C . 
E 4 HOH 6  441 441 HOH HOH C . 
E 4 HOH 7  501 501 HOH HOH C . 
E 4 HOH 8  900 900 HOH HOH C . 
F 4 HOH 1  405 405 HOH HOH D . 
F 4 HOH 2  410 410 HOH HOH D . 
F 4 HOH 3  414 414 HOH HOH D . 
F 4 HOH 4  416 416 HOH HOH D . 
F 4 HOH 5  417 417 HOH HOH D . 
F 4 HOH 6  427 427 HOH HOH D . 
F 4 HOH 7  428 428 HOH HOH D . 
F 4 HOH 8  436 436 HOH HOH D . 
F 4 HOH 9  437 437 HOH HOH D . 
F 4 HOH 10 457 457 HOH HOH D . 
F 4 HOH 11 464 464 HOH HOH D . 
F 4 HOH 12 465 465 HOH HOH D . 
F 4 HOH 13 466 466 HOH HOH D . 
G 4 HOH 1  401 401 HOH HOH A . 
G 4 HOH 2  402 402 HOH HOH A . 
G 4 HOH 3  403 403 HOH HOH A . 
G 4 HOH 4  411 411 HOH HOH A . 
G 4 HOH 5  413 413 HOH HOH A . 
G 4 HOH 6  415 415 HOH HOH A . 
G 4 HOH 7  421 421 HOH HOH A . 
G 4 HOH 8  422 422 HOH HOH A . 
G 4 HOH 9  424 424 HOH HOH A . 
G 4 HOH 10 425 425 HOH HOH A . 
G 4 HOH 11 426 426 HOH HOH A . 
G 4 HOH 12 429 429 HOH HOH A . 
G 4 HOH 13 459 459 HOH HOH A . 
G 4 HOH 14 460 460 HOH HOH A . 
H 4 HOH 1  432 432 HOH HOH B . 
H 4 HOH 2  435 435 HOH HOH B . 
H 4 HOH 3  438 438 HOH HOH B . 
H 4 HOH 4  439 439 HOH HOH B . 
H 4 HOH 5  442 442 HOH HOH B . 
H 4 HOH 6  443 443 HOH HOH B . 
H 4 HOH 7  445 445 HOH HOH B . 
H 4 HOH 8  448 448 HOH HOH B . 
H 4 HOH 9  449 449 HOH HOH B . 
H 4 HOH 10 450 450 HOH HOH B . 
H 4 HOH 11 451 451 HOH HOH B . 
H 4 HOH 12 452 452 HOH HOH B . 
H 4 HOH 13 453 453 HOH HOH B . 
H 4 HOH 14 454 454 HOH HOH B . 
H 4 HOH 15 455 455 HOH HOH B . 
H 4 HOH 16 456 456 HOH HOH B . 
H 4 HOH 17 467 467 HOH HOH B . 
H 4 HOH 18 468 468 HOH HOH B . 
# 
_pdbx_struct_assembly.id                   1 
_pdbx_struct_assembly.details              author_defined_assembly 
_pdbx_struct_assembly.method_details       ? 
_pdbx_struct_assembly.oligomeric_details   tetrameric 
_pdbx_struct_assembly.oligomeric_count     4 
# 
_pdbx_struct_assembly_gen.assembly_id       1 
_pdbx_struct_assembly_gen.oper_expression   1 
_pdbx_struct_assembly_gen.asym_id_list      A,B,C,D,E,F,G,H 
# 
_pdbx_struct_oper_list.id                   1 
_pdbx_struct_oper_list.type                 'identity operation' 
_pdbx_struct_oper_list.name                 1_555 
_pdbx_struct_oper_list.symmetry_operation   x,y,z 
_pdbx_struct_oper_list.matrix[1][1]         1.0000000000 
_pdbx_struct_oper_list.matrix[1][2]         0.0000000000 
_pdbx_struct_oper_list.matrix[1][3]         0.0000000000 
_pdbx_struct_oper_list.vector[1]            0.0000000000 
_pdbx_struct_oper_list.matrix[2][1]         0.0000000000 
_pdbx_struct_oper_list.matrix[2][2]         1.0000000000 
_pdbx_struct_oper_list.matrix[2][3]         0.0000000000 
_pdbx_struct_oper_list.vector[2]            0.0000000000 
_pdbx_struct_oper_list.matrix[3][1]         0.0000000000 
_pdbx_struct_oper_list.matrix[3][2]         0.0000000000 
_pdbx_struct_oper_list.matrix[3][3]         1.0000000000 
_pdbx_struct_oper_list.vector[3]            0.0000000000 
# 
loop_
_pdbx_audit_revision_history.ordinal 
_pdbx_audit_revision_history.data_content_type 
_pdbx_audit_revision_history.major_revision 
_pdbx_audit_revision_history.minor_revision 
_pdbx_audit_revision_history.revision_date 
1 'Structure model' 1 0 1998-11-11 
2 'Structure model' 1 1 2008-05-22 
3 'Structure model' 1 2 2011-07-13 
4 'Structure model' 1 3 2023-08-02 
# 
_pdbx_audit_revision_details.ordinal             1 
_pdbx_audit_revision_details.revision_ordinal    1 
_pdbx_audit_revision_details.data_content_type   'Structure model' 
_pdbx_audit_revision_details.provider            repository 
_pdbx_audit_revision_details.type                'Initial release' 
_pdbx_audit_revision_details.description         ? 
_pdbx_audit_revision_details.details             ? 
# 
loop_
_pdbx_audit_revision_group.ordinal 
_pdbx_audit_revision_group.revision_ordinal 
_pdbx_audit_revision_group.data_content_type 
_pdbx_audit_revision_group.group 
1 2 'Structure model' 'Version format compliance' 
2 3 'Structure model' 'Version format compliance' 
3 4 'Structure model' 'Database references'       
4 4 'Structure model' 'Refinement description'    
# 
loop_
_pdbx_audit_revision_category.ordinal 
_pdbx_audit_revision_category.revision_ordinal 
_pdbx_audit_revision_category.data_content_type 
_pdbx_audit_revision_category.category 
1 4 'Structure model' database_2                    
2 4 'Structure model' pdbx_initial_refinement_model 
# 
loop_
_pdbx_audit_revision_item.ordinal 
_pdbx_audit_revision_item.revision_ordinal 
_pdbx_audit_revision_item.data_content_type 
_pdbx_audit_revision_item.item 
1 4 'Structure model' '_database_2.pdbx_DOI'                
2 4 'Structure model' '_database_2.pdbx_database_accession' 
# 
loop_
_software.name 
_software.classification 
_software.version 
_software.citation_id 
_software.pdbx_ordinal 
X-PLOR    'model building' .     ? 1 
X-PLOR    refinement       3.851 ? 2 
DENZO     'data reduction' .     ? 3 
SCALEPACK 'data scaling'   .     ? 4 
X-PLOR    phasing          .     ? 5 
# 
loop_
_pdbx_validate_torsion.id 
_pdbx_validate_torsion.PDB_model_num 
_pdbx_validate_torsion.auth_comp_id 
_pdbx_validate_torsion.auth_asym_id 
_pdbx_validate_torsion.auth_seq_id 
_pdbx_validate_torsion.PDB_ins_code 
_pdbx_validate_torsion.label_alt_id 
_pdbx_validate_torsion.phi 
_pdbx_validate_torsion.psi 
1 1 ASN A 23 ? ? -161.16 108.31 
2 1 LYS A 58 ? ? -100.12 72.32  
# 
loop_
_pdbx_validate_planes.id 
_pdbx_validate_planes.PDB_model_num 
_pdbx_validate_planes.auth_comp_id 
_pdbx_validate_planes.auth_asym_id 
_pdbx_validate_planes.auth_seq_id 
_pdbx_validate_planes.PDB_ins_code 
_pdbx_validate_planes.label_alt_id 
_pdbx_validate_planes.rmsd 
_pdbx_validate_planes.type 
1 1 DC C 217 ? ? 0.074 'SIDE CHAIN' 
2 1 DC C 218 ? ? 0.061 'SIDE CHAIN' 
3 1 DG D 327 ? ? 0.051 'SIDE CHAIN' 
# 
loop_
_pdbx_unobs_or_zero_occ_residues.id 
_pdbx_unobs_or_zero_occ_residues.PDB_model_num 
_pdbx_unobs_or_zero_occ_residues.polymer_flag 
_pdbx_unobs_or_zero_occ_residues.occupancy_flag 
_pdbx_unobs_or_zero_occ_residues.auth_asym_id 
_pdbx_unobs_or_zero_occ_residues.auth_comp_id 
_pdbx_unobs_or_zero_occ_residues.auth_seq_id 
_pdbx_unobs_or_zero_occ_residues.PDB_ins_code 
_pdbx_unobs_or_zero_occ_residues.label_asym_id 
_pdbx_unobs_or_zero_occ_residues.label_comp_id 
_pdbx_unobs_or_zero_occ_residues.label_seq_id 
1 1 Y 1 A GLU 1  ? C GLU 1  
2 1 Y 1 A LYS 2  ? C LYS 2  
3 1 Y 1 A ARG 3  ? C ARG 3  
4 1 Y 1 A PRO 4  ? C PRO 4  
5 1 Y 1 A THR 60 ? C THR 60 
6 1 Y 1 B GLU 1  ? D GLU 1  
7 1 Y 1 B LYS 2  ? D LYS 2  
8 1 Y 1 B SER 59 ? D SER 59 
9 1 Y 1 B THR 60 ? D THR 60 
# 
loop_
_ndb_struct_conf_na.entry_id 
_ndb_struct_conf_na.feature 
3HDD 'double helix'        
3HDD 'b-form double helix' 
# 
loop_
_ndb_struct_na_base_pair.model_number 
_ndb_struct_na_base_pair.i_label_asym_id 
_ndb_struct_na_base_pair.i_label_comp_id 
_ndb_struct_na_base_pair.i_label_seq_id 
_ndb_struct_na_base_pair.i_symmetry 
_ndb_struct_na_base_pair.j_label_asym_id 
_ndb_struct_na_base_pair.j_label_comp_id 
_ndb_struct_na_base_pair.j_label_seq_id 
_ndb_struct_na_base_pair.j_symmetry 
_ndb_struct_na_base_pair.shear 
_ndb_struct_na_base_pair.stretch 
_ndb_struct_na_base_pair.stagger 
_ndb_struct_na_base_pair.buckle 
_ndb_struct_na_base_pair.propeller 
_ndb_struct_na_base_pair.opening 
_ndb_struct_na_base_pair.pair_number 
_ndb_struct_na_base_pair.pair_name 
_ndb_struct_na_base_pair.i_auth_asym_id 
_ndb_struct_na_base_pair.i_auth_seq_id 
_ndb_struct_na_base_pair.i_PDB_ins_code 
_ndb_struct_na_base_pair.j_auth_asym_id 
_ndb_struct_na_base_pair.j_auth_seq_id 
_ndb_struct_na_base_pair.j_PDB_ins_code 
_ndb_struct_na_base_pair.hbond_type_28 
_ndb_struct_na_base_pair.hbond_type_12 
1 A DT 2  1_555 B DA 21 1_555 0.150  -0.014 0.045  1.345   -10.445 5.890  1  C_DT202:DA342_D C 202 ? D 342 ? 20 1 
1 A DT 3  1_555 B DA 20 1_555 0.061  -0.305 0.318  -9.350  -7.602  1.681  2  C_DT203:DA341_D C 203 ? D 341 ? 20 1 
1 A DT 4  1_555 B DA 19 1_555 0.069  -0.451 0.292  -6.896  -12.117 -0.560 3  C_DT204:DA340_D C 204 ? D 340 ? 20 1 
1 A DG 5  1_555 B DC 18 1_555 0.678  -0.235 -0.197 -5.603  -8.032  -1.673 4  C_DG205:DC339_D C 205 ? D 339 ? 19 1 
1 A DC 6  1_555 B DG 17 1_555 -0.587 -0.150 -0.322 1.184   -9.737  5.191  5  C_DC206:DG338_D C 206 ? D 338 ? 19 1 
1 A DC 7  1_555 B DG 16 1_555 0.047  -0.420 -0.056 1.551   -5.328  -1.293 6  C_DC207:DG337_D C 207 ? D 337 ? 19 1 
1 A DA 8  1_555 B DT 15 1_555 -0.411 -0.564 -0.108 -1.134  -10.350 2.053  7  C_DA208:DT336_D C 208 ? D 336 ? 20 1 
1 A DT 9  1_555 B DA 14 1_555 0.092  -0.354 -0.047 2.682   -11.298 -6.365 8  C_DT209:DA335_D C 209 ? D 335 ? 20 1 
1 A DG 10 1_555 B DC 13 1_555 0.456  -0.400 0.438  5.640   -8.527  2.217  9  C_DG210:DC334_D C 210 ? D 334 ? 19 1 
1 A DT 11 1_555 B DA 12 1_555 0.062  -0.271 -0.091 6.231   -7.652  2.407  10 C_DT211:DA333_D C 211 ? D 333 ? 20 1 
1 A DA 12 1_555 B DT 11 1_555 -0.196 -0.347 0.175  7.855   -15.889 -0.938 11 C_DA212:DT332_D C 212 ? D 332 ? 20 1 
1 A DA 13 1_555 B DT 10 1_555 0.377  -0.275 0.030  1.243   -14.404 4.303  12 C_DA213:DT331_D C 213 ? D 331 ? 20 1 
1 A DT 14 1_555 B DA 9  1_555 -0.319 -0.194 0.109  -2.393  -15.363 0.800  13 C_DT214:DA330_D C 214 ? D 330 ? 20 1 
1 A DT 15 1_555 B DA 8  1_555 0.078  -0.169 -0.130 -0.783  -11.478 3.425  14 C_DT215:DA329_D C 215 ? D 329 ? 20 1 
1 A DA 16 1_555 B DT 7  1_555 0.381  -0.011 -0.023 -1.435  -4.857  -3.105 15 C_DA216:DT328_D C 216 ? D 328 ? 20 1 
1 A DC 17 1_555 B DG 6  1_555 0.112  -0.185 -0.136 8.607   -9.119  -1.284 16 C_DC217:DG327_D C 217 ? D 327 ? 19 1 
1 A DC 18 1_555 B DG 5  1_555 0.192  -0.146 -0.047 -11.953 -9.473  1.068  17 C_DC218:DG326_D C 218 ? D 326 ? 19 1 
1 A DT 19 1_555 B DA 4  1_555 0.156  -0.195 -0.174 -2.071  -5.898  -2.441 18 C_DT219:DA325_D C 219 ? D 325 ? 20 1 
1 A DA 20 1_555 B DT 3  1_555 -0.127 -0.185 -0.319 0.206   -13.872 7.605  19 C_DA220:DT324_D C 220 ? D 324 ? 20 1 
1 A DA 21 1_555 B DT 2  1_555 -0.066 -0.096 -0.121 4.338   -13.930 -0.286 20 C_DA221:DT323_D C 221 ? D 323 ? 20 1 
# 
loop_
_ndb_struct_na_base_pair_step.model_number 
_ndb_struct_na_base_pair_step.i_label_asym_id_1 
_ndb_struct_na_base_pair_step.i_label_comp_id_1 
_ndb_struct_na_base_pair_step.i_label_seq_id_1 
_ndb_struct_na_base_pair_step.i_symmetry_1 
_ndb_struct_na_base_pair_step.j_label_asym_id_1 
_ndb_struct_na_base_pair_step.j_label_comp_id_1 
_ndb_struct_na_base_pair_step.j_label_seq_id_1 
_ndb_struct_na_base_pair_step.j_symmetry_1 
_ndb_struct_na_base_pair_step.i_label_asym_id_2 
_ndb_struct_na_base_pair_step.i_label_comp_id_2 
_ndb_struct_na_base_pair_step.i_label_seq_id_2 
_ndb_struct_na_base_pair_step.i_symmetry_2 
_ndb_struct_na_base_pair_step.j_label_asym_id_2 
_ndb_struct_na_base_pair_step.j_label_comp_id_2 
_ndb_struct_na_base_pair_step.j_label_seq_id_2 
_ndb_struct_na_base_pair_step.j_symmetry_2 
_ndb_struct_na_base_pair_step.shift 
_ndb_struct_na_base_pair_step.slide 
_ndb_struct_na_base_pair_step.rise 
_ndb_struct_na_base_pair_step.tilt 
_ndb_struct_na_base_pair_step.roll 
_ndb_struct_na_base_pair_step.twist 
_ndb_struct_na_base_pair_step.x_displacement 
_ndb_struct_na_base_pair_step.y_displacement 
_ndb_struct_na_base_pair_step.helical_rise 
_ndb_struct_na_base_pair_step.inclination 
_ndb_struct_na_base_pair_step.tip 
_ndb_struct_na_base_pair_step.helical_twist 
_ndb_struct_na_base_pair_step.step_number 
_ndb_struct_na_base_pair_step.step_name 
_ndb_struct_na_base_pair_step.i_auth_asym_id_1 
_ndb_struct_na_base_pair_step.i_auth_seq_id_1 
_ndb_struct_na_base_pair_step.i_PDB_ins_code_1 
_ndb_struct_na_base_pair_step.j_auth_asym_id_1 
_ndb_struct_na_base_pair_step.j_auth_seq_id_1 
_ndb_struct_na_base_pair_step.j_PDB_ins_code_1 
_ndb_struct_na_base_pair_step.i_auth_asym_id_2 
_ndb_struct_na_base_pair_step.i_auth_seq_id_2 
_ndb_struct_na_base_pair_step.i_PDB_ins_code_2 
_ndb_struct_na_base_pair_step.j_auth_asym_id_2 
_ndb_struct_na_base_pair_step.j_auth_seq_id_2 
_ndb_struct_na_base_pair_step.j_PDB_ins_code_2 
1 A DT 2  1_555 B DA 21 1_555 A DT 3  1_555 B DA 20 1_555 0.641  0.430  3.631 0.209  5.344  37.133 -0.115 -0.966 3.659 8.339  
-0.326  37.503 1  CC_DT202DT203:DA341DA342_DD C 202 ? D 342 ? C 203 ? D 341 ? 
1 A DT 3  1_555 B DA 20 1_555 A DT 4  1_555 B DA 19 1_555 -0.487 -0.211 3.229 -0.106 5.357  30.344 -1.424 0.898  3.148 10.135 
0.200   30.802 2  CC_DT203DT204:DA340DA341_DD C 203 ? D 341 ? C 204 ? D 340 ? 
1 A DT 4  1_555 B DA 19 1_555 A DG 5  1_555 B DC 18 1_555 0.063  -0.140 3.424 2.694  5.125  38.403 -0.863 0.248  3.375 7.737  
-4.067  38.821 3  CC_DT204DG205:DC339DA340_DD C 204 ? D 340 ? C 205 ? D 339 ? 
1 A DG 5  1_555 B DC 18 1_555 A DC 6  1_555 B DG 17 1_555 0.106  0.119  3.232 1.192  1.139  27.396 -0.027 0.067  3.236 2.401  
-2.513  27.445 4  CC_DG205DC206:DG338DC339_DD C 205 ? D 339 ? C 206 ? D 338 ? 
1 A DC 6  1_555 B DG 17 1_555 A DC 7  1_555 B DG 16 1_555 -0.177 -0.066 3.445 -1.549 0.075  35.224 -0.120 0.049  3.449 0.124  
2.559   35.257 5  CC_DC206DC207:DG337DG338_DD C 206 ? D 338 ? C 207 ? D 337 ? 
1 A DC 7  1_555 B DG 16 1_555 A DA 8  1_555 B DT 15 1_555 -0.446 1.027  3.465 -1.874 -1.610 39.366 1.722  0.428  3.439 -2.386 
2.779   39.440 6  CC_DC207DA208:DT336DG337_DD C 207 ? D 337 ? C 208 ? D 336 ? 
1 A DA 8  1_555 B DT 15 1_555 A DT 9  1_555 B DA 14 1_555 -0.381 -0.882 3.351 0.920  1.459  29.887 -2.013 0.930  3.292 2.825  
-1.782  29.935 7  CC_DA208DT209:DA335DT336_DD C 208 ? D 336 ? C 209 ? D 335 ? 
1 A DT 9  1_555 B DA 14 1_555 A DG 10 1_555 B DC 13 1_555 0.628  1.273  3.460 -2.421 0.738  44.560 1.604  -1.061 3.442 0.972  
3.190   44.629 8  CC_DT209DG210:DC334DA335_DD C 209 ? D 335 ? C 210 ? D 334 ? 
1 A DG 10 1_555 B DC 13 1_555 A DT 11 1_555 B DA 12 1_555 0.400  -0.724 3.300 5.162  7.286  25.283 -3.433 0.461  3.000 16.022 
-11.351 26.789 9  CC_DG210DT211:DA333DC334_DD C 210 ? D 334 ? C 211 ? D 333 ? 
1 A DT 11 1_555 B DA 12 1_555 A DA 12 1_555 B DT 11 1_555 -0.582 0.795  3.276 -3.299 1.888  41.568 0.915  0.465  3.342 2.653  
4.636   41.734 10 CC_DT211DA212:DT332DA333_DD C 211 ? D 333 ? C 212 ? D 332 ? 
1 A DA 12 1_555 B DT 11 1_555 A DA 13 1_555 B DT 10 1_555 0.404  -0.376 3.498 1.728  2.425  35.004 -1.011 -0.393 3.480 4.023  
-2.866  35.127 11 CC_DA212DA213:DT331DT332_DD C 212 ? D 332 ? C 213 ? D 331 ? 
1 A DA 13 1_555 B DT 10 1_555 A DT 14 1_555 B DA 9  1_555 -0.405 -0.998 3.461 -0.737 -0.058 30.771 -1.869 0.611  3.471 -0.109 
1.388   30.779 12 CC_DA213DT214:DA330DT331_DD C 213 ? D 331 ? C 214 ? D 330 ? 
1 A DT 14 1_555 B DA 9  1_555 A DT 15 1_555 B DA 8  1_555 0.136  -0.319 3.188 1.339  6.115  34.804 -1.399 -0.033 3.093 10.122 
-2.216  35.345 13 CC_DT214DT215:DA329DA330_DD C 214 ? D 330 ? C 215 ? D 329 ? 
1 A DT 15 1_555 B DA 8  1_555 A DA 16 1_555 B DT 7  1_555 -0.459 0.086  3.443 -2.347 8.526  34.152 -1.202 0.387  3.390 14.224 
3.915   35.245 14 CC_DT215DA216:DT328DA329_DD C 215 ? D 329 ? C 216 ? D 328 ? 
1 A DA 16 1_555 B DT 7  1_555 A DC 17 1_555 B DG 6  1_555 0.292  -0.459 3.166 -0.469 4.785  29.568 -1.834 -0.658 3.050 9.299  
0.911   29.947 15 CC_DA216DC217:DG327DT328_DD C 216 ? D 328 ? C 217 ? D 327 ? 
1 A DC 17 1_555 B DG 6  1_555 A DC 18 1_555 B DG 5  1_555 0.143  -0.777 3.690 0.574  6.258  38.137 -2.030 -0.137 3.526 9.499  
-0.872  38.633 16 CC_DC217DC218:DG326DG327_DD C 217 ? D 327 ? C 218 ? D 326 ? 
1 A DC 18 1_555 B DG 5  1_555 A DT 19 1_555 B DA 4  1_555 -0.348 -0.062 3.272 1.461  8.407  29.884 -1.724 0.929  3.119 15.899 
-2.762  31.052 17 CC_DC218DT219:DA325DG326_DD C 218 ? D 326 ? C 219 ? D 325 ? 
1 A DT 19 1_555 B DA 4  1_555 A DA 20 1_555 B DT 3  1_555 0.579  0.265  3.339 3.074  7.481  31.050 -0.921 -0.474 3.351 13.686 
-5.623  32.061 18 CC_DT219DA220:DT324DA325_DD C 219 ? D 325 ? C 220 ? D 324 ? 
1 A DA 20 1_555 B DT 3  1_555 A DA 21 1_555 B DT 2  1_555 -0.101 -0.347 3.237 -1.896 3.484  32.595 -1.203 -0.142 3.184 6.180  
3.362   32.829 19 CC_DA220DA221:DT323DT324_DD C 220 ? D 324 ? C 221 ? D 323 ? 
# 
_pdbx_entity_nonpoly.entity_id   4 
_pdbx_entity_nonpoly.name        water 
_pdbx_entity_nonpoly.comp_id     HOH 
# 
_pdbx_initial_refinement_model.id               1 
_pdbx_initial_refinement_model.entity_id_list   ? 
_pdbx_initial_refinement_model.type             'experimental model' 
_pdbx_initial_refinement_model.source_name      PDB 
_pdbx_initial_refinement_model.accession_code   1HDD 
_pdbx_initial_refinement_model.details          'PDB ENTRY 1HDD' 
# 
